data_269D
# 
_entry.id   269D 
# 
_audit_conform.dict_name       mmcif_pdbx.dic 
_audit_conform.dict_version    5.387 
_audit_conform.dict_location   http://mmcif.pdb.org/dictionaries/ascii/mmcif_pdbx.dic 
# 
loop_
_database_2.database_id 
_database_2.database_code 
_database_2.pdbx_database_accession 
_database_2.pdbx_DOI 
PDB   269D         pdb_0000269d 10.2210/pdb269d/pdb 
RCSB  GDLB43       ?            ?                   
WWPDB D_1000177681 ?            ?                   
# 
loop_
_pdbx_audit_revision_history.ordinal 
_pdbx_audit_revision_history.data_content_type 
_pdbx_audit_revision_history.major_revision 
_pdbx_audit_revision_history.minor_revision 
_pdbx_audit_revision_history.revision_date 
1 'Structure model' 1 0 1996-08-28 
2 'Structure model' 1 1 2008-05-22 
3 'Structure model' 1 2 2011-07-13 
4 'Structure model' 1 3 2012-02-29 
5 'Structure model' 1 4 2024-02-14 
# 
_pdbx_audit_revision_details.ordinal             1 
_pdbx_audit_revision_details.revision_ordinal    1 
_pdbx_audit_revision_details.data_content_type   'Structure model' 
_pdbx_audit_revision_details.provider            repository 
_pdbx_audit_revision_details.type                'Initial release' 
_pdbx_audit_revision_details.description         ? 
_pdbx_audit_revision_details.details             ? 
# 
loop_
_pdbx_audit_revision_group.ordinal 
_pdbx_audit_revision_group.revision_ordinal 
_pdbx_audit_revision_group.data_content_type 
_pdbx_audit_revision_group.group 
1 2 'Structure model' 'Version format compliance' 
2 3 'Structure model' 'Version format compliance' 
3 4 'Structure model' Other                       
4 5 'Structure model' 'Data collection'           
5 5 'Structure model' 'Database references'       
6 5 'Structure model' 'Derived calculations'      
# 
loop_
_pdbx_audit_revision_category.ordinal 
_pdbx_audit_revision_category.revision_ordinal 
_pdbx_audit_revision_category.data_content_type 
_pdbx_audit_revision_category.category 
1 5 'Structure model' chem_comp_atom         
2 5 'Structure model' chem_comp_bond         
3 5 'Structure model' database_2             
4 5 'Structure model' pdbx_struct_conn_angle 
5 5 'Structure model' struct_conn            
6 5 'Structure model' struct_conn_type       
7 5 'Structure model' struct_site            
# 
loop_
_pdbx_audit_revision_item.ordinal 
_pdbx_audit_revision_item.revision_ordinal 
_pdbx_audit_revision_item.data_content_type 
_pdbx_audit_revision_item.item 
1  5 'Structure model' '_database_2.pdbx_DOI'                        
2  5 'Structure model' '_database_2.pdbx_database_accession'         
3  5 'Structure model' '_pdbx_struct_conn_angle.ptnr1_auth_asym_id'  
4  5 'Structure model' '_pdbx_struct_conn_angle.ptnr1_auth_seq_id'   
5  5 'Structure model' '_pdbx_struct_conn_angle.ptnr1_label_asym_id' 
6  5 'Structure model' '_pdbx_struct_conn_angle.ptnr3_auth_asym_id'  
7  5 'Structure model' '_pdbx_struct_conn_angle.ptnr3_auth_seq_id'   
8  5 'Structure model' '_pdbx_struct_conn_angle.ptnr3_label_asym_id' 
9  5 'Structure model' '_pdbx_struct_conn_angle.value'               
10 5 'Structure model' '_struct_conn.conn_type_id'                   
11 5 'Structure model' '_struct_conn.id'                             
12 5 'Structure model' '_struct_conn.pdbx_dist_value'                
13 5 'Structure model' '_struct_conn.pdbx_leaving_atom_flag'         
14 5 'Structure model' '_struct_conn.ptnr1_auth_asym_id'             
15 5 'Structure model' '_struct_conn.ptnr1_auth_comp_id'             
16 5 'Structure model' '_struct_conn.ptnr1_auth_seq_id'              
17 5 'Structure model' '_struct_conn.ptnr1_label_asym_id'            
18 5 'Structure model' '_struct_conn.ptnr1_label_atom_id'            
19 5 'Structure model' '_struct_conn.ptnr1_label_comp_id'            
20 5 'Structure model' '_struct_conn.ptnr1_label_seq_id'             
21 5 'Structure model' '_struct_conn.ptnr2_auth_asym_id'             
22 5 'Structure model' '_struct_conn.ptnr2_auth_comp_id'             
23 5 'Structure model' '_struct_conn.ptnr2_auth_seq_id'              
24 5 'Structure model' '_struct_conn.ptnr2_label_asym_id'            
25 5 'Structure model' '_struct_conn.ptnr2_label_atom_id'            
26 5 'Structure model' '_struct_conn.ptnr2_label_comp_id'            
27 5 'Structure model' '_struct_conn.ptnr2_label_seq_id'             
28 5 'Structure model' '_struct_conn_type.id'                        
29 5 'Structure model' '_struct_site.pdbx_auth_asym_id'              
30 5 'Structure model' '_struct_site.pdbx_auth_comp_id'              
31 5 'Structure model' '_struct_site.pdbx_auth_seq_id'               
# 
_pdbx_database_status.status_code                     REL 
_pdbx_database_status.entry_id                        269D 
_pdbx_database_status.recvd_initial_deposition_date   1996-07-12 
_pdbx_database_status.deposit_site                    NDB 
_pdbx_database_status.process_site                    NDB 
_pdbx_database_status.status_code_sf                  REL 
_pdbx_database_status.status_code_mr                  ? 
_pdbx_database_status.SG_entry                        ? 
_pdbx_database_status.status_code_cs                  ? 
_pdbx_database_status.methods_development_category    ? 
_pdbx_database_status.pdb_format_compatible           Y 
_pdbx_database_status.status_code_nmr_data            ? 
# 
loop_
_pdbx_database_related.db_name 
_pdbx_database_related.db_id 
_pdbx_database_related.content_type 
_pdbx_database_related.details 
PDB 265D unspecified . 
PDB 266D unspecified . 
PDB 267D unspecified . 
PDB 268D unspecified . 
PDB 270D unspecified . 
PDB 271D unspecified . 
# 
loop_
_audit_author.name 
_audit_author.pdbx_ordinal 
'Partridge, B.L.' 1 
'Salisbury, S.A.' 2 
# 
loop_
_citation.id 
_citation.title 
_citation.journal_abbrev 
_citation.journal_volume 
_citation.page_first 
_citation.page_last 
_citation.year 
_citation.journal_id_ASTM 
_citation.country 
_citation.journal_id_ISSN 
_citation.journal_id_CSD 
_citation.book_publisher 
_citation.pdbx_database_id_PubMed 
_citation.pdbx_database_id_DOI 
1       'Structural Studies on Nucleic Acids' 'Thesis, University of Cambridge' ? ? ? 1996 ? UK ? 2108 ? ? ? 
primary ?                                     'To be Published'                 ? ? ? 1996 ? ?  ? 0353 ? ? ? 
# 
loop_
_citation_author.citation_id 
_citation_author.name 
_citation_author.ordinal 
_citation_author.identifier_ORCID 
primary 'Partridge, B.L.' 1 ? 
primary 'Salisbury, S.A.' 2 ? 
1       'Partridge, B.L.' 3 ? 
# 
loop_
_entity.id 
_entity.type 
_entity.src_method 
_entity.pdbx_description 
_entity.formula_weight 
_entity.pdbx_number_of_molecules 
_entity.pdbx_ec 
_entity.pdbx_mutation 
_entity.pdbx_fragment 
_entity.details 
1 polymer     syn 
;DNA (5'-D(*CP*GP*CP*GP*AP*AP*TP*TP*(5CM)P*GP*CP*G)-3')
;
3677.419 2  ? ? ? ? 
2 non-polymer syn 'MAGNESIUM ION'                                                         24.305   1  ? ? ? ? 
3 non-polymer syn "2'-(4-HYDROXYPHENYL)-5-(4-METHYL-1-PIPERAZINYL)-2,5'-BI-BENZIMIDAZOLE" 424.498  1  ? ? ? ? 
4 water       nat water                                                                   18.015   95 ? ? ? ? 
# 
_entity_poly.entity_id                      1 
_entity_poly.type                           polydeoxyribonucleotide 
_entity_poly.nstd_linkage                   no 
_entity_poly.nstd_monomer                   yes 
_entity_poly.pdbx_seq_one_letter_code       '(DC)(DG)(DC)(DG)(DA)(DA)(DT)(DT)(5CM)(DG)(DC)(DG)' 
_entity_poly.pdbx_seq_one_letter_code_can   CGCGAATTCGCG 
_entity_poly.pdbx_strand_id                 A,B 
_entity_poly.pdbx_target_identifier         ? 
# 
loop_
_pdbx_entity_nonpoly.entity_id 
_pdbx_entity_nonpoly.name 
_pdbx_entity_nonpoly.comp_id 
2 'MAGNESIUM ION'                                                         MG  
3 "2'-(4-HYDROXYPHENYL)-5-(4-METHYL-1-PIPERAZINYL)-2,5'-BI-BENZIMIDAZOLE" HT  
4 water                                                                   HOH 
# 
loop_
_entity_poly_seq.entity_id 
_entity_poly_seq.num 
_entity_poly_seq.mon_id 
_entity_poly_seq.hetero 
1 1  DC  n 
1 2  DG  n 
1 3  DC  n 
1 4  DG  n 
1 5  DA  n 
1 6  DA  n 
1 7  DT  n 
1 8  DT  n 
1 9  5CM n 
1 10 DG  n 
1 11 DC  n 
1 12 DG  n 
# 
loop_
_chem_comp.id 
_chem_comp.type 
_chem_comp.mon_nstd_flag 
_chem_comp.name 
_chem_comp.pdbx_synonyms 
_chem_comp.formula 
_chem_comp.formula_weight 
5CM 'DNA linking' n "5-METHYL-2'-DEOXY-CYTIDINE-5'-MONOPHOSPHATE"                           ?               'C10 H16 N3 O7 P' 
321.224 
DA  'DNA linking' y "2'-DEOXYADENOSINE-5'-MONOPHOSPHATE"                                    ?               'C10 H14 N5 O6 P' 
331.222 
DC  'DNA linking' y "2'-DEOXYCYTIDINE-5'-MONOPHOSPHATE"                                     ?               'C9 H14 N3 O7 P'  
307.197 
DG  'DNA linking' y "2'-DEOXYGUANOSINE-5'-MONOPHOSPHATE"                                    ?               'C10 H14 N5 O7 P' 
347.221 
DT  'DNA linking' y "THYMIDINE-5'-MONOPHOSPHATE"                                            ?               'C10 H15 N2 O8 P' 
322.208 
HOH non-polymer   . WATER                                                                   ?               'H2 O'            
18.015  
HT  non-polymer   . "2'-(4-HYDROXYPHENYL)-5-(4-METHYL-1-PIPERAZINYL)-2,5'-BI-BENZIMIDAZOLE" 'HOECHST 33258' 'C25 H24 N6 O'    
424.498 
MG  non-polymer   . 'MAGNESIUM ION'                                                         ?               'Mg 2'            
24.305  
# 
loop_
_pdbx_poly_seq_scheme.asym_id 
_pdbx_poly_seq_scheme.entity_id 
_pdbx_poly_seq_scheme.seq_id 
_pdbx_poly_seq_scheme.mon_id 
_pdbx_poly_seq_scheme.ndb_seq_num 
_pdbx_poly_seq_scheme.pdb_seq_num 
_pdbx_poly_seq_scheme.auth_seq_num 
_pdbx_poly_seq_scheme.pdb_mon_id 
_pdbx_poly_seq_scheme.auth_mon_id 
_pdbx_poly_seq_scheme.pdb_strand_id 
_pdbx_poly_seq_scheme.pdb_ins_code 
_pdbx_poly_seq_scheme.hetero 
A 1 1  DC  1  1  1  DC  C  A . n 
A 1 2  DG  2  2  2  DG  G  A . n 
A 1 3  DC  3  3  3  DC  C  A . n 
A 1 4  DG  4  4  4  DG  G  A . n 
A 1 5  DA  5  5  5  DA  A  A . n 
A 1 6  DA  6  6  6  DA  A  A . n 
A 1 7  DT  7  7  7  DT  T  A . n 
A 1 8  DT  8  8  8  DT  T  A . n 
A 1 9  5CM 9  9  9  5CM +C A . n 
A 1 10 DG  10 10 10 DG  G  A . n 
A 1 11 DC  11 11 11 DC  C  A . n 
A 1 12 DG  12 12 12 DG  G  A . n 
B 1 1  DC  1  13 13 DC  C  B . n 
B 1 2  DG  2  14 14 DG  G  B . n 
B 1 3  DC  3  15 15 DC  C  B . n 
B 1 4  DG  4  16 16 DG  G  B . n 
B 1 5  DA  5  17 17 DA  A  B . n 
B 1 6  DA  6  18 18 DA  A  B . n 
B 1 7  DT  7  19 19 DT  T  B . n 
B 1 8  DT  8  20 20 DT  T  B . n 
B 1 9  5CM 9  21 21 5CM +C B . n 
B 1 10 DG  10 22 22 DG  G  B . n 
B 1 11 DC  11 23 23 DC  C  B . n 
B 1 12 DG  12 24 24 DG  G  B . n 
# 
loop_
_pdbx_nonpoly_scheme.asym_id 
_pdbx_nonpoly_scheme.entity_id 
_pdbx_nonpoly_scheme.mon_id 
_pdbx_nonpoly_scheme.ndb_seq_num 
_pdbx_nonpoly_scheme.pdb_seq_num 
_pdbx_nonpoly_scheme.auth_seq_num 
_pdbx_nonpoly_scheme.pdb_mon_id 
_pdbx_nonpoly_scheme.auth_mon_id 
_pdbx_nonpoly_scheme.pdb_strand_id 
_pdbx_nonpoly_scheme.pdb_ins_code 
C 2 MG  1  26  26  MG  MO6 A . 
D 3 HT  1  25  25  HT  HT  B . 
E 4 HOH 1  29  29  HOH HOH A . 
E 4 HOH 2  31  31  HOH HOH A . 
E 4 HOH 3  32  32  HOH HOH A . 
E 4 HOH 4  33  33  HOH HOH A . 
E 4 HOH 5  34  34  HOH HOH A . 
E 4 HOH 6  36  36  HOH HOH A . 
E 4 HOH 7  37  37  HOH HOH A . 
E 4 HOH 8  40  40  HOH HOH A . 
E 4 HOH 9  42  42  HOH HOH A . 
E 4 HOH 10 44  44  HOH HOH A . 
E 4 HOH 11 45  45  HOH HOH A . 
E 4 HOH 12 47  47  HOH HOH A . 
E 4 HOH 13 48  48  HOH HOH A . 
E 4 HOH 14 52  52  HOH HOH A . 
E 4 HOH 15 56  56  HOH HOH A . 
E 4 HOH 16 57  57  HOH HOH A . 
E 4 HOH 17 60  60  HOH HOH A . 
E 4 HOH 18 66  66  HOH HOH A . 
E 4 HOH 19 67  67  HOH HOH A . 
E 4 HOH 20 68  68  HOH HOH A . 
E 4 HOH 21 69  69  HOH HOH A . 
E 4 HOH 22 71  71  HOH HOH A . 
E 4 HOH 23 73  73  HOH HOH A . 
E 4 HOH 24 75  75  HOH HOH A . 
E 4 HOH 25 85  85  HOH HOH A . 
E 4 HOH 26 86  86  HOH HOH A . 
E 4 HOH 27 88  88  HOH HOH A . 
E 4 HOH 28 89  89  HOH HOH A . 
E 4 HOH 29 90  90  HOH HOH A . 
E 4 HOH 30 91  91  HOH HOH A . 
E 4 HOH 31 93  93  HOH HOH A . 
E 4 HOH 32 94  94  HOH HOH A . 
E 4 HOH 33 96  96  HOH HOH A . 
E 4 HOH 34 99  99  HOH HOH A . 
E 4 HOH 35 106 106 HOH HOH A . 
E 4 HOH 36 108 108 HOH HOH A . 
E 4 HOH 37 113 113 HOH HOH A . 
E 4 HOH 38 115 115 HOH HOH A . 
E 4 HOH 39 116 26  HOH MO6 A . 
E 4 HOH 40 120 26  HOH MO6 A . 
F 4 HOH 1  27  27  HOH HOH B . 
F 4 HOH 2  28  28  HOH HOH B . 
F 4 HOH 3  30  30  HOH HOH B . 
F 4 HOH 4  35  35  HOH HOH B . 
F 4 HOH 5  38  38  HOH HOH B . 
F 4 HOH 6  39  39  HOH HOH B . 
F 4 HOH 7  41  41  HOH HOH B . 
F 4 HOH 8  43  43  HOH HOH B . 
F 4 HOH 9  46  46  HOH HOH B . 
F 4 HOH 10 49  49  HOH HOH B . 
F 4 HOH 11 50  50  HOH HOH B . 
F 4 HOH 12 51  51  HOH HOH B . 
F 4 HOH 13 53  53  HOH HOH B . 
F 4 HOH 14 54  54  HOH HOH B . 
F 4 HOH 15 55  55  HOH HOH B . 
F 4 HOH 16 58  58  HOH HOH B . 
F 4 HOH 17 59  59  HOH HOH B . 
F 4 HOH 18 61  61  HOH HOH B . 
F 4 HOH 19 62  62  HOH HOH B . 
F 4 HOH 20 63  63  HOH HOH B . 
F 4 HOH 21 64  64  HOH HOH B . 
F 4 HOH 22 65  65  HOH HOH B . 
F 4 HOH 23 70  70  HOH HOH B . 
F 4 HOH 24 72  72  HOH HOH B . 
F 4 HOH 25 74  74  HOH HOH B . 
F 4 HOH 26 76  76  HOH HOH B . 
F 4 HOH 27 77  77  HOH HOH B . 
F 4 HOH 28 78  78  HOH HOH B . 
F 4 HOH 29 79  79  HOH HOH B . 
F 4 HOH 30 80  80  HOH HOH B . 
F 4 HOH 31 81  81  HOH HOH B . 
F 4 HOH 32 82  82  HOH HOH B . 
F 4 HOH 33 83  83  HOH HOH B . 
F 4 HOH 34 84  84  HOH HOH B . 
F 4 HOH 35 87  87  HOH HOH B . 
F 4 HOH 36 92  92  HOH HOH B . 
F 4 HOH 37 95  95  HOH HOH B . 
F 4 HOH 38 97  97  HOH HOH B . 
F 4 HOH 39 98  98  HOH HOH B . 
F 4 HOH 40 100 100 HOH HOH B . 
F 4 HOH 41 101 101 HOH HOH B . 
F 4 HOH 42 102 102 HOH HOH B . 
F 4 HOH 43 103 103 HOH HOH B . 
F 4 HOH 44 104 104 HOH HOH B . 
F 4 HOH 45 105 105 HOH HOH B . 
F 4 HOH 46 107 107 HOH HOH B . 
F 4 HOH 47 109 109 HOH HOH B . 
F 4 HOH 48 110 110 HOH HOH B . 
F 4 HOH 49 111 111 HOH HOH B . 
F 4 HOH 50 112 112 HOH HOH B . 
F 4 HOH 51 114 114 HOH HOH B . 
F 4 HOH 52 117 26  HOH MO6 B . 
F 4 HOH 53 118 26  HOH MO6 B . 
F 4 HOH 54 119 26  HOH MO6 B . 
F 4 HOH 55 121 26  HOH MO6 B . 
# 
loop_
_software.name 
_software.classification 
_software.version 
_software.citation_id 
_software.pdbx_ordinal 
NUCLSQ refinement       . ? 1 
RIGAKU 'data reduction' . ? 2 
RIGAKU 'data scaling'   . ? 3 
# 
_cell.entry_id           269D 
_cell.length_a           25.032 
_cell.length_b           40.369 
_cell.length_c           64.953 
_cell.angle_alpha        90.00 
_cell.angle_beta         90.00 
_cell.angle_gamma        90.00 
_cell.Z_PDB              8 
_cell.pdbx_unique_axis   ? 
_cell.length_a_esd       ? 
_cell.length_b_esd       ? 
_cell.length_c_esd       ? 
_cell.angle_alpha_esd    ? 
_cell.angle_beta_esd     ? 
_cell.angle_gamma_esd    ? 
# 
_symmetry.entry_id                         269D 
_symmetry.space_group_name_H-M             'P 21 21 21' 
_symmetry.pdbx_full_space_group_name_H-M   ? 
_symmetry.cell_setting                     ? 
_symmetry.Int_Tables_number                19 
_symmetry.space_group_name_Hall            ? 
# 
_exptl.entry_id          269D 
_exptl.method            'X-RAY DIFFRACTION' 
_exptl.crystals_number   ? 
# 
_exptl_crystal.id                    1 
_exptl_crystal.density_meas          ? 
_exptl_crystal.density_percent_sol   44.87 
_exptl_crystal.density_Matthews      2.23 
_exptl_crystal.description           ? 
_exptl_crystal.F_000                 ? 
_exptl_crystal.preparation           ? 
# 
_exptl_crystal_grow.crystal_id      1 
_exptl_crystal_grow.method          ? 
_exptl_crystal_grow.temp            ? 
_exptl_crystal_grow.temp_details    ? 
_exptl_crystal_grow.pH              7.10 
_exptl_crystal_grow.pdbx_details    'pH 7.10' 
_exptl_crystal_grow.pdbx_pH_range   ? 
# 
loop_
_exptl_crystal_grow_comp.crystal_id 
_exptl_crystal_grow_comp.id 
_exptl_crystal_grow_comp.sol_id 
_exptl_crystal_grow_comp.name 
_exptl_crystal_grow_comp.volume 
_exptl_crystal_grow_comp.conc 
_exptl_crystal_grow_comp.details 
1 1 1 WATER           ? ? ? 
1 2 1 'NA CACODYLATE' ? ? ? 
# 
_diffrn.id                     1 
_diffrn.ambient_temp           100.00 
_diffrn.ambient_temp_details   ? 
_diffrn.crystal_id             1 
# 
_diffrn_detector.diffrn_id              1 
_diffrn_detector.detector               'IMAGE PLATE' 
_diffrn_detector.type                   'RIGAKU RAXIS IIC' 
_diffrn_detector.pdbx_collection_date   1995-07-23 
_diffrn_detector.details                ? 
# 
_diffrn_radiation.diffrn_id                        1 
_diffrn_radiation.wavelength_id                    1 
_diffrn_radiation.pdbx_monochromatic_or_laue_m_l   M 
_diffrn_radiation.monochromator                    GRAPHITE 
_diffrn_radiation.pdbx_diffrn_protocol             ? 
_diffrn_radiation.pdbx_scattering_type             x-ray 
# 
_diffrn_radiation_wavelength.id           1 
_diffrn_radiation_wavelength.wavelength   . 
_diffrn_radiation_wavelength.wt           1.0 
# 
_diffrn_source.diffrn_id                   1 
_diffrn_source.source                      'ROTATING ANODE' 
_diffrn_source.type                        'RIGAKU RU200' 
_diffrn_source.pdbx_synchrotron_site       ? 
_diffrn_source.pdbx_synchrotron_beamline   ? 
_diffrn_source.pdbx_wavelength             ? 
_diffrn_source.pdbx_wavelength_list        ? 
# 
_reflns.entry_id                     269D 
_reflns.observed_criterion_sigma_I   ? 
_reflns.observed_criterion_sigma_F   ? 
_reflns.d_resolution_low             34.300 
_reflns.d_resolution_high            2.150 
_reflns.number_obs                   8997 
_reflns.number_all                   ? 
_reflns.percent_possible_obs         ? 
_reflns.pdbx_Rmerge_I_obs            0.0656 
_reflns.pdbx_Rsym_value              ? 
_reflns.pdbx_netI_over_sigmaI        ? 
_reflns.B_iso_Wilson_estimate        ? 
_reflns.pdbx_redundancy              ? 
_reflns.pdbx_ordinal                 1 
_reflns.pdbx_diffrn_id               1 
_reflns.R_free_details               ? 
_reflns.pdbx_chi_squared             ? 
_reflns.pdbx_scaling_rejects         ? 
# 
_refine.entry_id                                 269D 
_refine.ls_number_reflns_obs                     3378 
_refine.ls_number_reflns_all                     ? 
_refine.pdbx_ls_sigma_I                          ? 
_refine.pdbx_ls_sigma_F                          4.000 
_refine.pdbx_data_cutoff_high_absF               ? 
_refine.pdbx_data_cutoff_low_absF                ? 
_refine.pdbx_data_cutoff_high_rms_absF           ? 
_refine.ls_d_res_low                             ? 
_refine.ls_d_res_high                            2.150 
_refine.ls_percent_reflns_obs                    70.300 
_refine.ls_R_factor_obs                          0.156 
_refine.ls_R_factor_all                          ? 
_refine.ls_R_factor_R_work                       ? 
_refine.ls_R_factor_R_free                       ? 
_refine.ls_R_factor_R_free_error                 ? 
_refine.ls_R_factor_R_free_error_details         ? 
_refine.ls_percent_reflns_R_free                 ? 
_refine.ls_number_reflns_R_free                  ? 
_refine.ls_number_parameters                     ? 
_refine.ls_number_restraints                     ? 
_refine.occupancy_min                            ? 
_refine.occupancy_max                            ? 
_refine.B_iso_mean                               ? 
_refine.aniso_B[1][1]                            ? 
_refine.aniso_B[2][2]                            ? 
_refine.aniso_B[3][3]                            ? 
_refine.aniso_B[1][2]                            ? 
_refine.aniso_B[1][3]                            ? 
_refine.aniso_B[2][3]                            ? 
_refine.solvent_model_details                    ? 
_refine.solvent_model_param_ksol                 ? 
_refine.solvent_model_param_bsol                 ? 
_refine.pdbx_ls_cross_valid_method               ? 
_refine.details                                  
;STANDARD R-FACTOR = 16.0% ERROR R-FACTOR = 3.4% WEIGHTED R-FACTOR = 15.6% NUMBER OF REFLECTIONS INCLUDED = 8997 AVERAGE |FO-FC| DISCREPANCY = 27.31 AVERAGE WEIGHTED |FO-FC| DISCREPANCY = -0.04 CORRELATION COEFFICIENT =101.0% RESOLUTION BREAKDOWN "ALL" R FACTOR = 14.4%
;
_refine.pdbx_starting_model                      ? 
_refine.pdbx_method_to_determine_struct          MIR 
_refine.pdbx_isotropic_thermal_model             ? 
_refine.pdbx_stereochemistry_target_values       ? 
_refine.pdbx_stereochem_target_val_spec_case     ? 
_refine.pdbx_R_Free_selection_details            ? 
_refine.pdbx_overall_ESU_R_Free                  ? 
_refine.overall_SU_ML                            ? 
_refine.overall_SU_B                             ? 
_refine.pdbx_refine_id                           'X-RAY DIFFRACTION' 
_refine.pdbx_diffrn_id                           1 
_refine.ls_redundancy_reflns_obs                 ? 
_refine.pdbx_overall_ESU_R                       ? 
_refine.pdbx_overall_phase_error                 ? 
_refine.correlation_coeff_Fo_to_Fc               ? 
_refine.correlation_coeff_Fo_to_Fc_free          ? 
_refine.pdbx_solvent_vdw_probe_radii             ? 
_refine.pdbx_solvent_ion_probe_radii             ? 
_refine.pdbx_solvent_shrinkage_radii             ? 
_refine.overall_SU_R_Cruickshank_DPI             ? 
_refine.overall_SU_R_free                        ? 
_refine.ls_wR_factor_R_free                      ? 
_refine.ls_wR_factor_R_work                      ? 
_refine.overall_FOM_free_R_set                   ? 
_refine.overall_FOM_work_R_set                   ? 
_refine.pdbx_TLS_residual_ADP_flag               ? 
_refine.pdbx_overall_SU_R_free_Cruickshank_DPI   ? 
_refine.pdbx_overall_SU_R_Blow_DPI               ? 
_refine.pdbx_overall_SU_R_free_Blow_DPI          ? 
# 
_refine_hist.pdbx_refine_id                   'X-RAY DIFFRACTION' 
_refine_hist.cycle_id                         LAST 
_refine_hist.pdbx_number_atoms_protein        0 
_refine_hist.pdbx_number_atoms_nucleic_acid   488 
_refine_hist.pdbx_number_atoms_ligand         33 
_refine_hist.number_atoms_solvent             95 
_refine_hist.number_atoms_total               616 
_refine_hist.d_res_high                       2.150 
_refine_hist.d_res_low                        . 
# 
loop_
_refine_ls_restr.type 
_refine_ls_restr.dev_ideal 
_refine_ls_restr.dev_ideal_target 
_refine_ls_restr.weight 
_refine_ls_restr.number 
_refine_ls_restr.pdbx_refine_id 
_refine_ls_restr.pdbx_restraint_function 
n_bond_d               ?      ?     ? ? 'X-RAY DIFFRACTION' ? 
n_angle_d              ?      ?     ? ? 'X-RAY DIFFRACTION' ? 
n_planar_d             ?      ?     ? ? 'X-RAY DIFFRACTION' ? 
n_hb_or_metal_coord    ?      ?     ? ? 'X-RAY DIFFRACTION' ? 
n_sugar_bond_it        12.193 7.500 ? ? 'X-RAY DIFFRACTION' ? 
n_sugar_angle_it       13.036 7.500 ? ? 'X-RAY DIFFRACTION' ? 
n_phos_bond_it         14.347 7.500 ? ? 'X-RAY DIFFRACTION' ? 
n_phos_angle_it        13.259 7.500 ? ? 'X-RAY DIFFRACTION' ? 
n_bond_angle_restr     ?      ?     ? ? 'X-RAY DIFFRACTION' ? 
n_dihedral_angle_restr ?      ?     ? ? 'X-RAY DIFFRACTION' ? 
n_impr_tor             ?      ?     ? ? 'X-RAY DIFFRACTION' ? 
n_sugar_bond_d         ?      ?     ? ? 'X-RAY DIFFRACTION' ? 
n_sugar_bond_angle_d   ?      ?     ? ? 'X-RAY DIFFRACTION' ? 
n_phos_bond_d          0.029  0.015 ? ? 'X-RAY DIFFRACTION' ? 
n_phos_bond_angle_d    0.062  0.025 ? ? 'X-RAY DIFFRACTION' ? 
n_plane_restr          0.032  0.015 ? ? 'X-RAY DIFFRACTION' ? 
n_chiral_restr         0.060  0.040 ? ? 'X-RAY DIFFRACTION' ? 
n_singtor_nbd          0.176  0.063 ? ? 'X-RAY DIFFRACTION' ? 
n_multtor_nbd          0.256  0.063 ? ? 'X-RAY DIFFRACTION' ? 
n_xhyhbond_nbd         ?      ?     ? ? 'X-RAY DIFFRACTION' ? 
# 
_struct.entry_id                  269D 
_struct.title                     'STRUCTURAL STUDIES ON NUCLEIC ACIDS' 
_struct.pdbx_model_details        ? 
_struct.pdbx_CASP_flag            ? 
_struct.pdbx_model_type_details   ? 
# 
_struct_keywords.entry_id        269D 
_struct_keywords.pdbx_keywords   DNA 
_struct_keywords.text            'B-DNA, DOUBLE HELIX, MODIFIED, COMPLEXED WITH DRUG, DNA' 
# 
loop_
_struct_asym.id 
_struct_asym.pdbx_blank_PDB_chainid_flag 
_struct_asym.pdbx_modified 
_struct_asym.entity_id 
_struct_asym.details 
A N N 1 ? 
B N N 1 ? 
C N N 2 ? 
D N N 3 ? 
E N N 4 ? 
F N N 4 ? 
# 
_struct_ref.id                         1 
_struct_ref.entity_id                  1 
_struct_ref.db_name                    PDB 
_struct_ref.db_code                    269D 
_struct_ref.pdbx_db_accession          269D 
_struct_ref.pdbx_align_begin           ? 
_struct_ref.pdbx_seq_one_letter_code   ? 
_struct_ref.pdbx_db_isoform            ? 
# 
loop_
_struct_ref_seq.align_id 
_struct_ref_seq.ref_id 
_struct_ref_seq.pdbx_PDB_id_code 
_struct_ref_seq.pdbx_strand_id 
_struct_ref_seq.seq_align_beg 
_struct_ref_seq.pdbx_seq_align_beg_ins_code 
_struct_ref_seq.seq_align_end 
_struct_ref_seq.pdbx_seq_align_end_ins_code 
_struct_ref_seq.pdbx_db_accession 
_struct_ref_seq.db_align_beg 
_struct_ref_seq.pdbx_db_align_beg_ins_code 
_struct_ref_seq.db_align_end 
_struct_ref_seq.pdbx_db_align_end_ins_code 
_struct_ref_seq.pdbx_auth_seq_align_beg 
_struct_ref_seq.pdbx_auth_seq_align_end 
1 1 269D A 1 ? 12 ? 269D 1  ? 12 ? 1  12 
2 1 269D B 1 ? 12 ? 269D 13 ? 24 ? 13 24 
# 
_pdbx_struct_assembly.id                   1 
_pdbx_struct_assembly.details              author_defined_assembly 
_pdbx_struct_assembly.method_details       ? 
_pdbx_struct_assembly.oligomeric_details   dimeric 
_pdbx_struct_assembly.oligomeric_count     2 
# 
_pdbx_struct_assembly_gen.assembly_id       1 
_pdbx_struct_assembly_gen.oper_expression   1 
_pdbx_struct_assembly_gen.asym_id_list      A,B,C,D,E,F 
# 
_pdbx_struct_oper_list.id                   1 
_pdbx_struct_oper_list.type                 'identity operation' 
_pdbx_struct_oper_list.name                 1_555 
_pdbx_struct_oper_list.symmetry_operation   x,y,z 
_pdbx_struct_oper_list.matrix[1][1]         1.0000000000 
_pdbx_struct_oper_list.matrix[1][2]         0.0000000000 
_pdbx_struct_oper_list.matrix[1][3]         0.0000000000 
_pdbx_struct_oper_list.vector[1]            0.0000000000 
_pdbx_struct_oper_list.matrix[2][1]         0.0000000000 
_pdbx_struct_oper_list.matrix[2][2]         1.0000000000 
_pdbx_struct_oper_list.matrix[2][3]         0.0000000000 
_pdbx_struct_oper_list.vector[2]            0.0000000000 
_pdbx_struct_oper_list.matrix[3][1]         0.0000000000 
_pdbx_struct_oper_list.matrix[3][2]         0.0000000000 
_pdbx_struct_oper_list.matrix[3][3]         1.0000000000 
_pdbx_struct_oper_list.vector[3]            0.0000000000 
# 
_struct_biol.id        1 
_struct_biol.details   ? 
# 
loop_
_struct_conn.id 
_struct_conn.conn_type_id 
_struct_conn.pdbx_leaving_atom_flag 
_struct_conn.pdbx_PDB_id 
_struct_conn.ptnr1_label_asym_id 
_struct_conn.ptnr1_label_comp_id 
_struct_conn.ptnr1_label_seq_id 
_struct_conn.ptnr1_label_atom_id 
_struct_conn.pdbx_ptnr1_label_alt_id 
_struct_conn.pdbx_ptnr1_PDB_ins_code 
_struct_conn.pdbx_ptnr1_standard_comp_id 
_struct_conn.ptnr1_symmetry 
_struct_conn.ptnr2_label_asym_id 
_struct_conn.ptnr2_label_comp_id 
_struct_conn.ptnr2_label_seq_id 
_struct_conn.ptnr2_label_atom_id 
_struct_conn.pdbx_ptnr2_label_alt_id 
_struct_conn.pdbx_ptnr2_PDB_ins_code 
_struct_conn.ptnr1_auth_asym_id 
_struct_conn.ptnr1_auth_comp_id 
_struct_conn.ptnr1_auth_seq_id 
_struct_conn.ptnr2_auth_asym_id 
_struct_conn.ptnr2_auth_comp_id 
_struct_conn.ptnr2_auth_seq_id 
_struct_conn.ptnr2_symmetry 
_struct_conn.pdbx_ptnr3_label_atom_id 
_struct_conn.pdbx_ptnr3_label_seq_id 
_struct_conn.pdbx_ptnr3_label_comp_id 
_struct_conn.pdbx_ptnr3_label_asym_id 
_struct_conn.pdbx_ptnr3_label_alt_id 
_struct_conn.pdbx_ptnr3_PDB_ins_code 
_struct_conn.details 
_struct_conn.pdbx_dist_value 
_struct_conn.pdbx_value_order 
_struct_conn.pdbx_role 
covale1  covale both ? A DT  8  "O3'" ? ? ? 1_555 A 5CM 9  P  ? ? A DT  8  A 5CM 9   1_555 ? ? ? ? ? ? ?                       
1.621 ? ? 
covale2  covale both ? A 5CM 9  "O3'" ? ? ? 1_555 A DG  10 P  ? ? A 5CM 9  A DG  10  1_555 ? ? ? ? ? ? ?                       
1.647 ? ? 
covale3  covale both ? B DT  8  "O3'" ? ? ? 1_555 B 5CM 9  P  ? ? B DT  20 B 5CM 21  1_555 ? ? ? ? ? ? ?                       
1.644 ? ? 
covale4  covale both ? B 5CM 9  "O3'" ? ? ? 1_555 B DG  10 P  ? ? B 5CM 21 B DG  22  1_555 ? ? ? ? ? ? ?                       
1.578 ? ? 
metalc1  metalc ?    ? C MG  .  MG    ? ? ? 1_555 E HOH .  O  ? ? A MG  26 A HOH 116 1_555 ? ? ? ? ? ? ?                       
2.023 ? ? 
metalc2  metalc ?    ? C MG  .  MG    ? ? ? 1_555 E HOH .  O  ? ? A MG  26 A HOH 120 1_555 ? ? ? ? ? ? ?                       
2.059 ? ? 
metalc3  metalc ?    ? C MG  .  MG    ? ? ? 1_555 F HOH .  O  ? ? A MG  26 B HOH 117 1_555 ? ? ? ? ? ? ?                       
1.949 ? ? 
metalc4  metalc ?    ? C MG  .  MG    ? ? ? 1_555 F HOH .  O  ? ? A MG  26 B HOH 118 1_555 ? ? ? ? ? ? ?                       
2.014 ? ? 
metalc5  metalc ?    ? C MG  .  MG    ? ? ? 1_555 F HOH .  O  ? ? A MG  26 B HOH 119 1_555 ? ? ? ? ? ? ?                       
2.017 ? ? 
metalc6  metalc ?    ? C MG  .  MG    ? ? ? 1_555 F HOH .  O  ? ? A MG  26 B HOH 121 1_555 ? ? ? ? ? ? ?                       
1.998 ? ? 
hydrog1  hydrog ?    ? A DC  1  N3    ? ? ? 1_555 B DG  12 N1 ? ? A DC  1  B DG  24  1_555 ? ? ? ? ? ? WATSON-CRICK            ? ? 
? 
hydrog2  hydrog ?    ? A DC  1  N4    ? ? ? 1_555 B DG  12 O6 ? ? A DC  1  B DG  24  1_555 ? ? ? ? ? ? WATSON-CRICK            ? ? 
? 
hydrog3  hydrog ?    ? A DC  1  O2    ? ? ? 1_555 B DG  12 N2 ? ? A DC  1  B DG  24  1_555 ? ? ? ? ? ? WATSON-CRICK            ? ? 
? 
hydrog4  hydrog ?    ? A DG  2  N1    ? ? ? 1_555 B DC  11 N3 ? ? A DG  2  B DC  23  1_555 ? ? ? ? ? ? WATSON-CRICK            ? ? 
? 
hydrog5  hydrog ?    ? A DG  2  N2    ? ? ? 1_555 B DC  11 O2 ? ? A DG  2  B DC  23  1_555 ? ? ? ? ? ? WATSON-CRICK            ? ? 
? 
hydrog6  hydrog ?    ? A DG  2  O6    ? ? ? 1_555 B DC  11 N4 ? ? A DG  2  B DC  23  1_555 ? ? ? ? ? ? WATSON-CRICK            ? ? 
? 
hydrog7  hydrog ?    ? A DC  3  N3    ? ? ? 1_555 B DG  10 N1 ? ? A DC  3  B DG  22  1_555 ? ? ? ? ? ? WATSON-CRICK            ? ? 
? 
hydrog8  hydrog ?    ? A DC  3  N4    ? ? ? 1_555 B DG  10 O6 ? ? A DC  3  B DG  22  1_555 ? ? ? ? ? ? WATSON-CRICK            ? ? 
? 
hydrog9  hydrog ?    ? A DC  3  O2    ? ? ? 1_555 B DG  10 N2 ? ? A DC  3  B DG  22  1_555 ? ? ? ? ? ? WATSON-CRICK            ? ? 
? 
hydrog10 hydrog ?    ? A DG  4  N1    ? ? ? 1_555 B 5CM 9  N3 ? ? A DG  4  B 5CM 21  1_555 ? ? ? ? ? ? WATSON-CRICK            ? ? 
? 
hydrog11 hydrog ?    ? A DG  4  N2    ? ? ? 1_555 B 5CM 9  O2 ? ? A DG  4  B 5CM 21  1_555 ? ? ? ? ? ? WATSON-CRICK            ? ? 
? 
hydrog12 hydrog ?    ? A DG  4  O6    ? ? ? 1_555 B 5CM 9  N4 ? ? A DG  4  B 5CM 21  1_555 ? ? ? ? ? ? WATSON-CRICK            ? ? 
? 
hydrog13 hydrog ?    ? A DA  5  N1    ? ? ? 1_555 B DT  8  N3 ? ? A DA  5  B DT  20  1_555 ? ? ? ? ? ? WATSON-CRICK            ? ? 
? 
hydrog14 hydrog ?    ? A DA  5  N6    ? ? ? 1_555 B DT  8  O4 ? ? A DA  5  B DT  20  1_555 ? ? ? ? ? ? WATSON-CRICK            ? ? 
? 
hydrog15 hydrog ?    ? A DA  6  N1    ? ? ? 1_555 B DT  7  N3 ? ? A DA  6  B DT  19  1_555 ? ? ? ? ? ? WATSON-CRICK            ? ? 
? 
hydrog16 hydrog ?    ? A DA  6  N6    ? ? ? 1_555 B DT  7  O4 ? ? A DA  6  B DT  19  1_555 ? ? ? ? ? ? WATSON-CRICK            ? ? 
? 
hydrog17 hydrog ?    ? A DT  7  N3    ? ? ? 1_555 B DA  6  N1 ? ? A DT  7  B DA  18  1_555 ? ? ? ? ? ? WATSON-CRICK            ? ? 
? 
hydrog18 hydrog ?    ? A DT  7  O4    ? ? ? 1_555 B DA  6  N6 ? ? A DT  7  B DA  18  1_555 ? ? ? ? ? ? WATSON-CRICK            ? ? 
? 
hydrog19 hydrog ?    ? A DT  8  N3    ? ? ? 1_555 B DA  5  N1 ? ? A DT  8  B DA  17  1_555 ? ? ? ? ? ? WATSON-CRICK            ? ? 
? 
hydrog20 hydrog ?    ? A DT  8  O4    ? ? ? 1_555 B DA  5  N6 ? ? A DT  8  B DA  17  1_555 ? ? ? ? ? ? WATSON-CRICK            ? ? 
? 
hydrog21 hydrog ?    ? A 5CM 9  N3    ? ? ? 1_555 B DG  4  N2 ? ? A 5CM 9  B DG  16  1_555 ? ? ? ? ? ? 'REVERSED WATSON-CRICK' ? ? 
? 
hydrog22 hydrog ?    ? A 5CM 9  O2    ? ? ? 1_555 B DG  4  N1 ? ? A 5CM 9  B DG  16  1_555 ? ? ? ? ? ? 'REVERSED WATSON-CRICK' ? ? 
? 
hydrog23 hydrog ?    ? A DG  10 N1    ? ? ? 1_555 B DC  3  N3 ? ? A DG  10 B DC  15  1_555 ? ? ? ? ? ? WATSON-CRICK            ? ? 
? 
hydrog24 hydrog ?    ? A DG  10 N2    ? ? ? 1_555 B DC  3  O2 ? ? A DG  10 B DC  15  1_555 ? ? ? ? ? ? WATSON-CRICK            ? ? 
? 
hydrog25 hydrog ?    ? A DG  10 O6    ? ? ? 1_555 B DC  3  N4 ? ? A DG  10 B DC  15  1_555 ? ? ? ? ? ? WATSON-CRICK            ? ? 
? 
hydrog26 hydrog ?    ? A DC  11 N3    ? ? ? 1_555 B DG  2  N1 ? ? A DC  11 B DG  14  1_555 ? ? ? ? ? ? WATSON-CRICK            ? ? 
? 
hydrog27 hydrog ?    ? A DC  11 N4    ? ? ? 1_555 B DG  2  O6 ? ? A DC  11 B DG  14  1_555 ? ? ? ? ? ? WATSON-CRICK            ? ? 
? 
hydrog28 hydrog ?    ? A DC  11 O2    ? ? ? 1_555 B DG  2  N2 ? ? A DC  11 B DG  14  1_555 ? ? ? ? ? ? WATSON-CRICK            ? ? 
? 
hydrog29 hydrog ?    ? A DG  12 N1    ? ? ? 1_555 B DC  1  N3 ? ? A DG  12 B DC  13  1_555 ? ? ? ? ? ? WATSON-CRICK            ? ? 
? 
hydrog30 hydrog ?    ? A DG  12 N2    ? ? ? 1_555 B DC  1  O2 ? ? A DG  12 B DC  13  1_555 ? ? ? ? ? ? WATSON-CRICK            ? ? 
? 
hydrog31 hydrog ?    ? A DG  12 O6    ? ? ? 1_555 B DC  1  N4 ? ? A DG  12 B DC  13  1_555 ? ? ? ? ? ? WATSON-CRICK            ? ? 
? 
# 
loop_
_struct_conn_type.id 
_struct_conn_type.criteria 
_struct_conn_type.reference 
covale ? ? 
metalc ? ? 
hydrog ? ? 
# 
loop_
_pdbx_struct_conn_angle.id 
_pdbx_struct_conn_angle.ptnr1_label_atom_id 
_pdbx_struct_conn_angle.ptnr1_label_alt_id 
_pdbx_struct_conn_angle.ptnr1_label_asym_id 
_pdbx_struct_conn_angle.ptnr1_label_comp_id 
_pdbx_struct_conn_angle.ptnr1_label_seq_id 
_pdbx_struct_conn_angle.ptnr1_auth_atom_id 
_pdbx_struct_conn_angle.ptnr1_auth_asym_id 
_pdbx_struct_conn_angle.ptnr1_auth_comp_id 
_pdbx_struct_conn_angle.ptnr1_auth_seq_id 
_pdbx_struct_conn_angle.ptnr1_PDB_ins_code 
_pdbx_struct_conn_angle.ptnr1_symmetry 
_pdbx_struct_conn_angle.ptnr2_label_atom_id 
_pdbx_struct_conn_angle.ptnr2_label_alt_id 
_pdbx_struct_conn_angle.ptnr2_label_asym_id 
_pdbx_struct_conn_angle.ptnr2_label_comp_id 
_pdbx_struct_conn_angle.ptnr2_label_seq_id 
_pdbx_struct_conn_angle.ptnr2_auth_atom_id 
_pdbx_struct_conn_angle.ptnr2_auth_asym_id 
_pdbx_struct_conn_angle.ptnr2_auth_comp_id 
_pdbx_struct_conn_angle.ptnr2_auth_seq_id 
_pdbx_struct_conn_angle.ptnr2_PDB_ins_code 
_pdbx_struct_conn_angle.ptnr2_symmetry 
_pdbx_struct_conn_angle.ptnr3_label_atom_id 
_pdbx_struct_conn_angle.ptnr3_label_alt_id 
_pdbx_struct_conn_angle.ptnr3_label_asym_id 
_pdbx_struct_conn_angle.ptnr3_label_comp_id 
_pdbx_struct_conn_angle.ptnr3_label_seq_id 
_pdbx_struct_conn_angle.ptnr3_auth_atom_id 
_pdbx_struct_conn_angle.ptnr3_auth_asym_id 
_pdbx_struct_conn_angle.ptnr3_auth_comp_id 
_pdbx_struct_conn_angle.ptnr3_auth_seq_id 
_pdbx_struct_conn_angle.ptnr3_PDB_ins_code 
_pdbx_struct_conn_angle.ptnr3_symmetry 
_pdbx_struct_conn_angle.value 
_pdbx_struct_conn_angle.value_esd 
1  O ? E HOH . ? A HOH 116 ? 1_555 MG ? C MG . ? A MG 26 ? 1_555 O ? E HOH . ? A HOH 120 ? 1_555 89.1  ? 
2  O ? E HOH . ? A HOH 116 ? 1_555 MG ? C MG . ? A MG 26 ? 1_555 O ? F HOH . ? B HOH 117 ? 1_555 177.0 ? 
3  O ? E HOH . ? A HOH 120 ? 1_555 MG ? C MG . ? A MG 26 ? 1_555 O ? F HOH . ? B HOH 117 ? 1_555 93.9  ? 
4  O ? E HOH . ? A HOH 116 ? 1_555 MG ? C MG . ? A MG 26 ? 1_555 O ? F HOH . ? B HOH 118 ? 1_555 89.9  ? 
5  O ? E HOH . ? A HOH 120 ? 1_555 MG ? C MG . ? A MG 26 ? 1_555 O ? F HOH . ? B HOH 118 ? 1_555 86.7  ? 
6  O ? F HOH . ? B HOH 117 ? 1_555 MG ? C MG . ? A MG 26 ? 1_555 O ? F HOH . ? B HOH 118 ? 1_555 89.9  ? 
7  O ? E HOH . ? A HOH 116 ? 1_555 MG ? C MG . ? A MG 26 ? 1_555 O ? F HOH . ? B HOH 119 ? 1_555 89.9  ? 
8  O ? E HOH . ? A HOH 120 ? 1_555 MG ? C MG . ? A MG 26 ? 1_555 O ? F HOH . ? B HOH 119 ? 1_555 94.3  ? 
9  O ? F HOH . ? B HOH 117 ? 1_555 MG ? C MG . ? A MG 26 ? 1_555 O ? F HOH . ? B HOH 119 ? 1_555 90.2  ? 
10 O ? F HOH . ? B HOH 118 ? 1_555 MG ? C MG . ? A MG 26 ? 1_555 O ? F HOH . ? B HOH 119 ? 1_555 179.0 ? 
11 O ? E HOH . ? A HOH 116 ? 1_555 MG ? C MG . ? A MG 26 ? 1_555 O ? F HOH . ? B HOH 121 ? 1_555 89.3  ? 
12 O ? E HOH . ? A HOH 120 ? 1_555 MG ? C MG . ? A MG 26 ? 1_555 O ? F HOH . ? B HOH 121 ? 1_555 177.6 ? 
13 O ? F HOH . ? B HOH 117 ? 1_555 MG ? C MG . ? A MG 26 ? 1_555 O ? F HOH . ? B HOH 121 ? 1_555 87.6  ? 
14 O ? F HOH . ? B HOH 118 ? 1_555 MG ? C MG . ? A MG 26 ? 1_555 O ? F HOH . ? B HOH 121 ? 1_555 91.5  ? 
15 O ? F HOH . ? B HOH 119 ? 1_555 MG ? C MG . ? A MG 26 ? 1_555 O ? F HOH . ? B HOH 121 ? 1_555 87.5  ? 
# 
loop_
_struct_site.id 
_struct_site.pdbx_evidence_code 
_struct_site.pdbx_auth_asym_id 
_struct_site.pdbx_auth_comp_id 
_struct_site.pdbx_auth_seq_id 
_struct_site.pdbx_auth_ins_code 
_struct_site.pdbx_num_residues 
_struct_site.details 
AC1 Software B HT 25 ? 13 'BINDING SITE FOR RESIDUE HT B 25' 
AC2 Software A MG 26 ? 6  'BINDING SITE FOR RESIDUE MG A 26' 
1   ?        ? ?  ?  ? ?  ?                                  
# 
loop_
_struct_site_gen.id 
_struct_site_gen.site_id 
_struct_site_gen.pdbx_num_res 
_struct_site_gen.label_comp_id 
_struct_site_gen.label_asym_id 
_struct_site_gen.label_seq_id 
_struct_site_gen.pdbx_auth_ins_code 
_struct_site_gen.auth_comp_id 
_struct_site_gen.auth_asym_id 
_struct_site_gen.auth_seq_id 
_struct_site_gen.label_atom_id 
_struct_site_gen.label_alt_id 
_struct_site_gen.symmetry 
_struct_site_gen.details 
1  AC1 13 DA  A 6  ? DA  A 6   . ? 1_555 ? 
2  AC1 13 DT  A 7  ? DT  A 7   . ? 1_555 ? 
3  AC1 13 DT  A 8  ? DT  A 8   . ? 1_555 ? 
4  AC1 13 5CM A 9  ? 5CM A 9   . ? 1_555 ? 
5  AC1 13 DG  A 10 ? DG  A 10  . ? 1_555 ? 
6  AC1 13 DA  B 5  ? DA  B 17  . ? 1_555 ? 
7  AC1 13 DA  B 6  ? DA  B 18  . ? 1_555 ? 
8  AC1 13 DT  B 7  ? DT  B 19  . ? 1_555 ? 
9  AC1 13 DT  B 8  ? DT  B 20  . ? 1_555 ? 
10 AC1 13 5CM B 9  ? 5CM B 21  . ? 1_555 ? 
11 AC1 13 DG  B 10 ? DG  B 22  . ? 1_555 ? 
12 AC1 13 HOH F .  ? HOH B 74  . ? 1_555 ? 
13 AC1 13 HOH F .  ? HOH B 112 . ? 1_555 ? 
14 AC2 6  HOH E .  ? HOH A 116 . ? 1_555 ? 
15 AC2 6  HOH E .  ? HOH A 120 . ? 1_555 ? 
16 AC2 6  HOH F .  ? HOH B 117 . ? 1_555 ? 
17 AC2 6  HOH F .  ? HOH B 118 . ? 1_555 ? 
18 AC2 6  HOH F .  ? HOH B 119 . ? 1_555 ? 
19 AC2 6  HOH F .  ? HOH B 121 . ? 1_555 ? 
# 
loop_
_pdbx_validate_close_contact.id 
_pdbx_validate_close_contact.PDB_model_num 
_pdbx_validate_close_contact.auth_atom_id_1 
_pdbx_validate_close_contact.auth_asym_id_1 
_pdbx_validate_close_contact.auth_comp_id_1 
_pdbx_validate_close_contact.auth_seq_id_1 
_pdbx_validate_close_contact.PDB_ins_code_1 
_pdbx_validate_close_contact.label_alt_id_1 
_pdbx_validate_close_contact.auth_atom_id_2 
_pdbx_validate_close_contact.auth_asym_id_2 
_pdbx_validate_close_contact.auth_comp_id_2 
_pdbx_validate_close_contact.auth_seq_id_2 
_pdbx_validate_close_contact.PDB_ins_code_2 
_pdbx_validate_close_contact.label_alt_id_2 
_pdbx_validate_close_contact.dist 
1 1 N7  A DG 12 ? ? O A HOH 93 ? ? 2.07 
2 1 OP2 B DG 24 ? ? O B HOH 84 ? ? 2.15 
# 
_pdbx_validate_symm_contact.id                1 
_pdbx_validate_symm_contact.PDB_model_num     1 
_pdbx_validate_symm_contact.auth_atom_id_1    OP1 
_pdbx_validate_symm_contact.auth_asym_id_1    A 
_pdbx_validate_symm_contact.auth_comp_id_1    DC 
_pdbx_validate_symm_contact.auth_seq_id_1     3 
_pdbx_validate_symm_contact.PDB_ins_code_1    ? 
_pdbx_validate_symm_contact.label_alt_id_1    ? 
_pdbx_validate_symm_contact.site_symmetry_1   1_555 
_pdbx_validate_symm_contact.auth_atom_id_2    O 
_pdbx_validate_symm_contact.auth_asym_id_2    B 
_pdbx_validate_symm_contact.auth_comp_id_2    HOH 
_pdbx_validate_symm_contact.auth_seq_id_2     43 
_pdbx_validate_symm_contact.PDB_ins_code_2    ? 
_pdbx_validate_symm_contact.label_alt_id_2    ? 
_pdbx_validate_symm_contact.site_symmetry_2   2_665 
_pdbx_validate_symm_contact.dist              2.07 
# 
loop_
_pdbx_validate_rmsd_bond.id 
_pdbx_validate_rmsd_bond.PDB_model_num 
_pdbx_validate_rmsd_bond.auth_atom_id_1 
_pdbx_validate_rmsd_bond.auth_asym_id_1 
_pdbx_validate_rmsd_bond.auth_comp_id_1 
_pdbx_validate_rmsd_bond.auth_seq_id_1 
_pdbx_validate_rmsd_bond.PDB_ins_code_1 
_pdbx_validate_rmsd_bond.label_alt_id_1 
_pdbx_validate_rmsd_bond.auth_atom_id_2 
_pdbx_validate_rmsd_bond.auth_asym_id_2 
_pdbx_validate_rmsd_bond.auth_comp_id_2 
_pdbx_validate_rmsd_bond.auth_seq_id_2 
_pdbx_validate_rmsd_bond.PDB_ins_code_2 
_pdbx_validate_rmsd_bond.label_alt_id_2 
_pdbx_validate_rmsd_bond.bond_value 
_pdbx_validate_rmsd_bond.bond_target_value 
_pdbx_validate_rmsd_bond.bond_deviation 
_pdbx_validate_rmsd_bond.bond_standard_deviation 
_pdbx_validate_rmsd_bond.linker_flag 
1  1 "O4'" A DG 2  ? ? "C1'" A DG 2  ? ? 1.487 1.420 0.067  0.011 N 
2  1 "O4'" A DG 2  ? ? "C4'" A DG 2  ? ? 1.368 1.446 -0.078 0.010 N 
3  1 C5    A DG 2  ? ? N7    A DG 2  ? ? 1.430 1.388 0.042  0.006 N 
4  1 P     A DA 5  ? ? "O5'" A DA 5  ? ? 1.532 1.593 -0.061 0.010 N 
5  1 "O4'" A DA 6  ? ? "C4'" A DA 6  ? ? 1.378 1.446 -0.068 0.010 N 
6  1 C8    A DA 6  ? ? N9    A DA 6  ? ? 1.317 1.373 -0.056 0.008 N 
7  1 N9    A DA 6  ? ? C4    A DA 6  ? ? 1.419 1.374 0.045  0.006 N 
8  1 "O3'" A DA 6  ? ? P     A DT 7  ? ? 1.524 1.607 -0.083 0.012 Y 
9  1 "O3'" A DT 7  ? ? "C3'" A DT 7  ? ? 1.349 1.419 -0.070 0.006 N 
10 1 N1    A DT 7  ? ? C2    A DT 7  ? ? 1.430 1.376 0.054  0.008 N 
11 1 "O5'" A DT 8  ? ? "C5'" A DT 8  ? ? 1.561 1.440 0.121  0.016 N 
12 1 "C2'" B DG 14 ? ? "C1'" B DG 14 ? ? 1.448 1.518 -0.070 0.010 N 
13 1 "O3'" B DG 14 ? ? "C3'" B DG 14 ? ? 1.370 1.419 -0.049 0.006 N 
14 1 C6    B DG 14 ? ? N1    B DG 14 ? ? 1.327 1.391 -0.064 0.007 N 
15 1 C8    B DG 14 ? ? N9    B DG 14 ? ? 1.307 1.374 -0.067 0.007 N 
16 1 N3    B DC 15 ? ? C4    B DC 15 ? ? 1.382 1.335 0.047  0.007 N 
17 1 C8    B DG 16 ? ? N9    B DG 16 ? ? 1.320 1.374 -0.054 0.007 N 
18 1 N1    B DA 18 ? ? C2    B DA 18 ? ? 1.401 1.339 0.062  0.009 N 
19 1 N7    B DA 18 ? ? C8    B DA 18 ? ? 1.358 1.311 0.047  0.007 N 
20 1 N9    B DA 18 ? ? C4    B DA 18 ? ? 1.417 1.374 0.043  0.006 N 
21 1 "O4'" B DT 20 ? ? "C1'" B DT 20 ? ? 1.508 1.420 0.088  0.011 N 
22 1 N1    B DT 20 ? ? C2    B DT 20 ? ? 1.461 1.376 0.085  0.008 N 
23 1 "O4'" B DG 24 ? ? "C1'" B DG 24 ? ? 1.487 1.420 0.067  0.011 N 
24 1 C6    B DG 24 ? ? N1    B DG 24 ? ? 1.344 1.391 -0.047 0.007 N 
25 1 C8    B DG 24 ? ? N9    B DG 24 ? ? 1.329 1.374 -0.045 0.007 N 
# 
loop_
_pdbx_validate_rmsd_angle.id 
_pdbx_validate_rmsd_angle.PDB_model_num 
_pdbx_validate_rmsd_angle.auth_atom_id_1 
_pdbx_validate_rmsd_angle.auth_asym_id_1 
_pdbx_validate_rmsd_angle.auth_comp_id_1 
_pdbx_validate_rmsd_angle.auth_seq_id_1 
_pdbx_validate_rmsd_angle.PDB_ins_code_1 
_pdbx_validate_rmsd_angle.label_alt_id_1 
_pdbx_validate_rmsd_angle.auth_atom_id_2 
_pdbx_validate_rmsd_angle.auth_asym_id_2 
_pdbx_validate_rmsd_angle.auth_comp_id_2 
_pdbx_validate_rmsd_angle.auth_seq_id_2 
_pdbx_validate_rmsd_angle.PDB_ins_code_2 
_pdbx_validate_rmsd_angle.label_alt_id_2 
_pdbx_validate_rmsd_angle.auth_atom_id_3 
_pdbx_validate_rmsd_angle.auth_asym_id_3 
_pdbx_validate_rmsd_angle.auth_comp_id_3 
_pdbx_validate_rmsd_angle.auth_seq_id_3 
_pdbx_validate_rmsd_angle.PDB_ins_code_3 
_pdbx_validate_rmsd_angle.label_alt_id_3 
_pdbx_validate_rmsd_angle.angle_value 
_pdbx_validate_rmsd_angle.angle_target_value 
_pdbx_validate_rmsd_angle.angle_deviation 
_pdbx_validate_rmsd_angle.angle_standard_deviation 
_pdbx_validate_rmsd_angle.linker_flag 
1   1 "O5'" A DC  1  ? ? "C5'" A DC  1  ? ? "C4'" A DC  1  ? ? 91.86  109.40 -17.54 0.80 N 
2   1 "C3'" A DC  1  ? ? "C2'" A DC  1  ? ? "C1'" A DC  1  ? ? 95.65  102.40 -6.75  0.80 N 
3   1 "O4'" A DC  1  ? ? "C1'" A DC  1  ? ? "C2'" A DC  1  ? ? 100.93 105.90 -4.97  0.80 N 
4   1 "O4'" A DC  1  ? ? "C1'" A DC  1  ? ? N1    A DC  1  ? ? 113.04 108.30 4.74   0.30 N 
5   1 N1    A DC  1  ? ? C2    A DC  1  ? ? N3    A DC  1  ? ? 114.64 119.20 -4.56  0.70 N 
6   1 C2    A DC  1  ? ? N3    A DC  1  ? ? C4    A DC  1  ? ? 126.23 119.90 6.33   0.50 N 
7   1 N3    A DC  1  ? ? C4    A DC  1  ? ? C5    A DC  1  ? ? 119.26 121.90 -2.64  0.40 N 
8   1 "C3'" A DC  1  ? ? "O3'" A DC  1  ? ? P     A DG  2  ? ? 142.44 119.70 22.74  1.20 Y 
9   1 "O3'" A DC  1  ? ? P     A DG  2  ? ? OP1   A DG  2  ? ? 118.97 110.50 8.47   1.10 Y 
10  1 "O5'" A DG  2  ? ? P     A DG  2  ? ? OP1   A DG  2  ? ? 98.81  105.70 -6.89  0.90 N 
11  1 "O5'" A DG  2  ? ? P     A DG  2  ? ? OP2   A DG  2  ? ? 119.58 110.70 8.88   1.20 N 
12  1 "C4'" A DG  2  ? ? "C3'" A DG  2  ? ? "C2'" A DG  2  ? ? 109.66 103.10 6.56   0.90 N 
13  1 N1    A DG  2  ? ? C2    A DG  2  ? ? N3    A DG  2  ? ? 129.06 123.90 5.16   0.60 N 
14  1 C2    A DG  2  ? ? N3    A DG  2  ? ? C4    A DG  2  ? ? 108.11 111.90 -3.79  0.50 N 
15  1 C8    A DG  2  ? ? N9    A DG  2  ? ? C4    A DG  2  ? ? 102.39 106.40 -4.01  0.40 N 
16  1 N9    A DG  2  ? ? C4    A DG  2  ? ? C5    A DG  2  ? ? 109.74 105.40 4.34   0.40 N 
17  1 N3    A DG  2  ? ? C4    A DG  2  ? ? N9    A DG  2  ? ? 121.58 126.00 -4.42  0.60 N 
18  1 N3    A DG  2  ? ? C2    A DG  2  ? ? N2    A DG  2  ? ? 110.21 119.90 -9.69  0.70 N 
19  1 "O5'" A DC  3  ? ? P     A DC  3  ? ? OP1   A DC  3  ? ? 124.97 110.70 14.27  1.20 N 
20  1 "O5'" A DC  3  ? ? P     A DC  3  ? ? OP2   A DC  3  ? ? 99.26  105.70 -6.44  0.90 N 
21  1 "O4'" A DC  3  ? ? "C1'" A DC  3  ? ? N1    A DC  3  ? ? 112.52 108.30 4.22   0.30 N 
22  1 N3    A DC  3  ? ? C4    A DC  3  ? ? C5    A DC  3  ? ? 119.49 121.90 -2.41  0.40 N 
23  1 N1    A DC  3  ? ? C2    A DC  3  ? ? O2    A DC  3  ? ? 124.40 118.90 5.50   0.60 N 
24  1 N3    A DC  3  ? ? C4    A DC  3  ? ? N4    A DC  3  ? ? 113.09 118.00 -4.91  0.70 N 
25  1 C5    A DC  3  ? ? C4    A DC  3  ? ? N4    A DC  3  ? ? 127.00 120.20 6.80   0.70 N 
26  1 "C3'" A DC  3  ? ? "O3'" A DC  3  ? ? P     A DG  4  ? ? 137.85 119.70 18.15  1.20 Y 
27  1 OP1   A DG  4  ? ? P     A DG  4  ? ? OP2   A DG  4  ? ? 109.89 119.60 -9.71  1.50 N 
28  1 "O5'" A DG  4  ? ? "C5'" A DG  4  ? ? "C4'" A DG  4  ? ? 97.94  109.40 -11.46 0.80 N 
29  1 C6    A DG  4  ? ? N1    A DG  4  ? ? C2    A DG  4  ? ? 120.60 125.10 -4.50  0.60 N 
30  1 N1    A DG  4  ? ? C2    A DG  4  ? ? N3    A DG  4  ? ? 128.71 123.90 4.81   0.60 N 
31  1 P     A DA  5  ? ? "O5'" A DA  5  ? ? "C5'" A DA  5  ? ? 133.58 120.90 12.68  1.60 N 
32  1 C6    A DA  5  ? ? N1    A DA  5  ? ? C2    A DA  5  ? ? 132.83 118.60 14.23  0.60 N 
33  1 N1    A DA  5  ? ? C2    A DA  5  ? ? N3    A DA  5  ? ? 115.81 129.30 -13.49 0.50 N 
34  1 C2    A DA  5  ? ? N3    A DA  5  ? ? C4    A DA  5  ? ? 115.51 110.60 4.91   0.50 N 
35  1 C5    A DA  5  ? ? C6    A DA  5  ? ? N1    A DA  5  ? ? 112.12 117.70 -5.58  0.50 N 
36  1 N1    A DA  5  ? ? C6    A DA  5  ? ? N6    A DA  5  ? ? 125.27 118.60 6.67   0.60 N 
37  1 "C3'" A DA  5  ? ? "O3'" A DA  5  ? ? P     A DA  6  ? ? 138.88 119.70 19.18  1.20 Y 
38  1 "O5'" A DA  6  ? ? "C5'" A DA  6  ? ? "C4'" A DA  6  ? ? 103.83 109.40 -5.57  0.80 N 
39  1 C6    A DA  6  ? ? N1    A DA  6  ? ? C2    A DA  6  ? ? 124.38 118.60 5.78   0.60 N 
40  1 N1    A DA  6  ? ? C2    A DA  6  ? ? N3    A DA  6  ? ? 123.65 129.30 -5.65  0.50 N 
41  1 "C3'" A DA  6  ? ? "O3'" A DA  6  ? ? P     A DT  7  ? ? 135.68 119.70 15.98  1.20 Y 
42  1 OP1   A DT  7  ? ? P     A DT  7  ? ? OP2   A DT  7  ? ? 106.93 119.60 -12.67 1.50 N 
43  1 "O5'" A DT  7  ? ? "C5'" A DT  7  ? ? "C4'" A DT  7  ? ? 96.80  109.40 -12.60 0.80 N 
44  1 "O4'" A DT  7  ? ? "C4'" A DT  7  ? ? "C3'" A DT  7  ? ? 99.83  104.50 -4.67  0.40 N 
45  1 "C1'" A DT  7  ? ? "O4'" A DT  7  ? ? "C4'" A DT  7  ? ? 99.30  110.10 -10.80 1.00 N 
46  1 C2    A DT  7  ? ? N3    A DT  7  ? ? C4    A DT  7  ? ? 123.10 127.20 -4.10  0.60 N 
47  1 N3    A DT  7  ? ? C4    A DT  7  ? ? O4    A DT  7  ? ? 116.27 119.90 -3.63  0.60 N 
48  1 C6    A DT  7  ? ? N1    A DT  7  ? ? "C1'" A DT  7  ? ? 129.81 120.40 9.41   1.50 N 
49  1 "O5'" A DT  8  ? ? P     A DT  8  ? ? OP2   A DT  8  ? ? 118.89 110.70 8.19   1.20 N 
50  1 P     A DT  8  ? ? "O5'" A DT  8  ? ? "C5'" A DT  8  ? ? 99.31  120.90 -21.59 1.60 N 
51  1 "O4'" A DT  8  ? ? "C4'" A DT  8  ? ? "C3'" A DT  8  ? ? 109.75 106.00 3.75   0.60 N 
52  1 C2    A DT  8  ? ? N3    A DT  8  ? ? C4    A DT  8  ? ? 123.54 127.20 -3.66  0.60 N 
53  1 C4    A DT  8  ? ? C5    A DT  8  ? ? C7    A DT  8  ? ? 127.23 119.00 8.23   0.60 N 
54  1 C6    A DT  8  ? ? C5    A DT  8  ? ? C7    A DT  8  ? ? 113.65 122.90 -9.25  0.60 N 
55  1 "C3'" A DT  8  ? ? "O3'" A DT  8  ? ? P     A 5CM 9  ? ? 130.53 119.70 10.83  1.20 Y 
56  1 "C3'" A 5CM 9  ? ? "O3'" A 5CM 9  ? ? P     A DG  10 ? ? 104.23 119.70 -15.47 1.20 Y 
57  1 OP1   A DG  10 ? ? P     A DG  10 ? ? OP2   A DG  10 ? ? 104.85 119.60 -14.75 1.50 N 
58  1 "O5'" A DG  10 ? ? P     A DG  10 ? ? OP1   A DG  10 ? ? 119.78 110.70 9.08   1.20 N 
59  1 "O4'" A DG  10 ? ? "C1'" A DG  10 ? ? N9    A DG  10 ? ? 116.09 108.30 7.79   0.30 N 
60  1 "O5'" A DC  11 ? ? P     A DC  11 ? ? OP2   A DC  11 ? ? 120.48 110.70 9.78   1.20 N 
61  1 P     A DC  11 ? ? "O5'" A DC  11 ? ? "C5'" A DC  11 ? ? 109.56 120.90 -11.34 1.60 N 
62  1 "O4'" A DC  11 ? ? "C1'" A DC  11 ? ? "C2'" A DC  11 ? ? 96.40  105.90 -9.50  0.80 N 
63  1 "O4'" A DC  11 ? ? "C1'" A DC  11 ? ? N1    A DC  11 ? ? 111.77 108.30 3.47   0.30 N 
64  1 C6    A DC  11 ? ? N1    A DC  11 ? ? C2    A DC  11 ? ? 117.42 120.30 -2.88  0.40 N 
65  1 C2    A DC  11 ? ? N3    A DC  11 ? ? C4    A DC  11 ? ? 125.83 119.90 5.93   0.50 N 
66  1 N3    A DC  11 ? ? C4    A DC  11 ? ? C5    A DC  11 ? ? 116.89 121.90 -5.01  0.40 N 
67  1 N3    A DC  11 ? ? C4    A DC  11 ? ? N4    A DC  11 ? ? 127.95 118.00 9.95   0.70 N 
68  1 C5    A DC  11 ? ? C4    A DC  11 ? ? N4    A DC  11 ? ? 115.06 120.20 -5.14  0.70 N 
69  1 "O5'" A DG  12 ? ? P     A DG  12 ? ? OP2   A DG  12 ? ? 118.57 110.70 7.87   1.20 N 
70  1 "C1'" A DG  12 ? ? "O4'" A DG  12 ? ? "C4'" A DG  12 ? ? 103.56 110.10 -6.54  1.00 N 
71  1 "O4'" A DG  12 ? ? "C1'" A DG  12 ? ? "C2'" A DG  12 ? ? 110.93 106.80 4.13   0.50 N 
72  1 N3    A DG  12 ? ? C2    A DG  12 ? ? N2    A DG  12 ? ? 115.49 119.90 -4.41  0.70 N 
73  1 C5    A DG  12 ? ? C6    A DG  12 ? ? O6    A DG  12 ? ? 123.14 128.60 -5.46  0.60 N 
74  1 "O5'" B DC  13 ? ? "C5'" B DC  13 ? ? "C4'" B DC  13 ? ? 102.13 109.40 -7.27  0.80 N 
75  1 "C1'" B DC  13 ? ? "O4'" B DC  13 ? ? "C4'" B DC  13 ? ? 104.06 110.10 -6.04  1.00 N 
76  1 "C3'" B DC  13 ? ? "C2'" B DC  13 ? ? "C1'" B DC  13 ? ? 96.22  102.40 -6.18  0.80 N 
77  1 "O4'" B DC  13 ? ? "C1'" B DC  13 ? ? N1    B DC  13 ? ? 115.45 108.30 7.15   0.30 N 
78  1 "O5'" B DG  14 ? ? P     B DG  14 ? ? OP2   B DG  14 ? ? 118.53 110.70 7.83   1.20 N 
79  1 "O5'" B DG  14 ? ? "C5'" B DG  14 ? ? "C4'" B DG  14 ? ? 102.22 109.40 -7.18  0.80 N 
80  1 "O4'" B DG  14 ? ? "C1'" B DG  14 ? ? "C2'" B DG  14 ? ? 110.17 106.80 3.37   0.50 N 
81  1 "C3'" B DG  14 ? ? "O3'" B DG  14 ? ? P     B DC  15 ? ? 150.03 119.70 30.33  1.20 Y 
82  1 "O5'" B DC  15 ? ? P     B DC  15 ? ? OP1   B DC  15 ? ? 122.03 110.70 11.33  1.20 N 
83  1 "O5'" B DC  15 ? ? "C5'" B DC  15 ? ? "C4'" B DC  15 ? ? 103.75 109.40 -5.65  0.80 N 
84  1 C2    B DC  15 ? ? N3    B DC  15 ? ? C4    B DC  15 ? ? 123.30 119.90 3.40   0.50 N 
85  1 N3    B DC  15 ? ? C4    B DC  15 ? ? N4    B DC  15 ? ? 112.80 118.00 -5.20  0.70 N 
86  1 C5    B DC  15 ? ? C4    B DC  15 ? ? N4    B DC  15 ? ? 126.53 120.20 6.33   0.70 N 
87  1 C6    B DC  15 ? ? N1    B DC  15 ? ? "C1'" B DC  15 ? ? 128.08 120.80 7.28   1.20 N 
88  1 C2    B DC  15 ? ? N1    B DC  15 ? ? "C1'" B DC  15 ? ? 111.16 118.80 -7.64  1.10 N 
89  1 "O4'" B DG  16 ? ? "C1'" B DG  16 ? ? N9    B DG  16 ? ? 111.88 108.30 3.58   0.30 N 
90  1 C6    B DG  16 ? ? N1    B DG  16 ? ? C2    B DG  16 ? ? 120.42 125.10 -4.68  0.60 N 
91  1 N1    B DG  16 ? ? C2    B DG  16 ? ? N3    B DG  16 ? ? 128.31 123.90 4.41   0.60 N 
92  1 C4    B DG  16 ? ? C5    B DG  16 ? ? N7    B DG  16 ? ? 108.37 110.80 -2.43  0.40 N 
93  1 N1    B DG  16 ? ? C6    B DG  16 ? ? O6    B DG  16 ? ? 115.97 119.90 -3.93  0.60 N 
94  1 OP1   B DA  17 ? ? P     B DA  17 ? ? OP2   B DA  17 ? ? 106.37 119.60 -13.23 1.50 N 
95  1 "O5'" B DA  17 ? ? P     B DA  17 ? ? OP1   B DA  17 ? ? 119.96 110.70 9.26   1.20 N 
96  1 "O5'" B DA  17 ? ? P     B DA  17 ? ? OP2   B DA  17 ? ? 120.63 110.70 9.93   1.20 N 
97  1 "O4'" B DA  17 ? ? "C4'" B DA  17 ? ? "C3'" B DA  17 ? ? 96.75  104.50 -7.75  0.40 N 
98  1 "C4'" B DA  17 ? ? "C3'" B DA  17 ? ? "C2'" B DA  17 ? ? 97.75  102.20 -4.45  0.70 N 
99  1 "C3'" B DA  17 ? ? "C2'" B DA  17 ? ? "C1'" B DA  17 ? ? 96.16  102.40 -6.24  0.80 N 
100 1 "O4'" B DA  17 ? ? "C1'" B DA  17 ? ? N9    B DA  17 ? ? 115.69 108.30 7.39   0.30 N 
101 1 C6    B DA  17 ? ? N1    B DA  17 ? ? C2    B DA  17 ? ? 122.81 118.60 4.21   0.60 N 
102 1 N1    B DA  17 ? ? C2    B DA  17 ? ? N3    B DA  17 ? ? 124.68 129.30 -4.62  0.50 N 
103 1 "C3'" B DA  17 ? ? "O3'" B DA  17 ? ? P     B DA  18 ? ? 135.23 119.70 15.53  1.20 Y 
104 1 "O5'" B DA  18 ? ? P     B DA  18 ? ? OP2   B DA  18 ? ? 126.85 110.70 16.15  1.20 N 
105 1 "O5'" B DA  18 ? ? "C5'" B DA  18 ? ? "C4'" B DA  18 ? ? 104.51 109.40 -4.89  0.80 N 
106 1 C6    B DA  18 ? ? N1    B DA  18 ? ? C2    B DA  18 ? ? 124.33 118.60 5.73   0.60 N 
107 1 N1    B DA  18 ? ? C2    B DA  18 ? ? N3    B DA  18 ? ? 121.68 129.30 -7.62  0.50 N 
108 1 "C3'" B DA  18 ? ? "O3'" B DA  18 ? ? P     B DT  19 ? ? 133.10 119.70 13.40  1.20 Y 
109 1 "O5'" B DT  19 ? ? "C5'" B DT  19 ? ? "C4'" B DT  19 ? ? 95.32  109.40 -14.08 0.80 N 
110 1 "C1'" B DT  19 ? ? "O4'" B DT  19 ? ? "C4'" B DT  19 ? ? 101.01 110.10 -9.09  1.00 N 
111 1 "O4'" B DT  19 ? ? "C1'" B DT  19 ? ? N1    B DT  19 ? ? 117.96 108.30 9.66   0.30 N 
112 1 C2    B DT  19 ? ? N3    B DT  19 ? ? C4    B DT  19 ? ? 122.55 127.20 -4.65  0.60 N 
113 1 N3    B DT  19 ? ? C4    B DT  19 ? ? C5    B DT  19 ? ? 119.15 115.20 3.95   0.60 N 
114 1 N1    B DT  19 ? ? C2    B DT  19 ? ? O2    B DT  19 ? ? 116.98 123.10 -6.12  0.80 N 
115 1 N3    B DT  19 ? ? C4    B DT  19 ? ? O4    B DT  19 ? ? 124.11 119.90 4.21   0.60 N 
116 1 C5    B DT  19 ? ? C4    B DT  19 ? ? O4    B DT  19 ? ? 116.55 124.90 -8.35  0.70 N 
117 1 C4    B DT  19 ? ? C5    B DT  19 ? ? C7    B DT  19 ? ? 122.78 119.00 3.78   0.60 N 
118 1 "C3'" B DT  19 ? ? "O3'" B DT  19 ? ? P     B DT  20 ? ? 129.10 119.70 9.40   1.20 Y 
119 1 OP1   B DT  20 ? ? P     B DT  20 ? ? OP2   B DT  20 ? ? 110.27 119.60 -9.33  1.50 N 
120 1 "O5'" B DT  20 ? ? P     B DT  20 ? ? OP2   B DT  20 ? ? 121.65 110.70 10.95  1.20 N 
121 1 "O5'" B DT  20 ? ? "C5'" B DT  20 ? ? "C4'" B DT  20 ? ? 104.07 109.40 -5.33  0.80 N 
122 1 "C3'" B DT  20 ? ? "C2'" B DT  20 ? ? "C1'" B DT  20 ? ? 96.75  102.40 -5.65  0.80 N 
123 1 "O4'" B DT  20 ? ? "C1'" B DT  20 ? ? N1    B DT  20 ? ? 103.57 108.00 -4.43  0.70 N 
124 1 C2    B DT  20 ? ? N3    B DT  20 ? ? C4    B DT  20 ? ? 121.66 127.20 -5.54  0.60 N 
125 1 N3    B DT  20 ? ? C4    B DT  20 ? ? C5    B DT  20 ? ? 118.91 115.20 3.71   0.60 N 
126 1 C6    B DT  20 ? ? C5    B DT  20 ? ? C7    B DT  20 ? ? 118.98 122.90 -3.92  0.60 N 
127 1 "C3'" B DT  20 ? ? "O3'" B DT  20 ? ? P     B 5CM 21 ? ? 110.57 119.70 -9.13  1.20 Y 
128 1 "C3'" B 5CM 21 ? ? "O3'" B 5CM 21 ? ? P     B DG  22 ? ? 110.03 119.70 -9.67  1.20 Y 
129 1 "O3'" B 5CM 21 ? ? P     B DG  22 ? ? OP2   B DG  22 ? ? 119.42 110.50 8.92   1.10 Y 
130 1 OP1   B DG  22 ? ? P     B DG  22 ? ? OP2   B DG  22 ? ? 100.62 119.60 -18.98 1.50 N 
131 1 "O5'" B DG  22 ? ? P     B DG  22 ? ? OP1   B DG  22 ? ? 122.45 110.70 11.75  1.20 N 
132 1 "O5'" B DG  22 ? ? "C5'" B DG  22 ? ? "C4'" B DG  22 ? ? 103.23 109.40 -6.17  0.80 N 
133 1 "O4'" B DG  22 ? ? "C4'" B DG  22 ? ? "C3'" B DG  22 ? ? 99.73  104.50 -4.77  0.40 N 
134 1 "C5'" B DG  22 ? ? "C4'" B DG  22 ? ? "O4'" B DG  22 ? ? 118.66 109.80 8.86   1.10 N 
135 1 "C3'" B DG  22 ? ? "C2'" B DG  22 ? ? "C1'" B DG  22 ? ? 91.71  102.40 -10.69 0.80 N 
136 1 "O4'" B DG  22 ? ? "C1'" B DG  22 ? ? "C2'" B DG  22 ? ? 99.81  105.90 -6.09  0.80 N 
137 1 "O4'" B DG  22 ? ? "C1'" B DG  22 ? ? N9    B DG  22 ? ? 113.18 108.30 4.88   0.30 N 
138 1 C6    B DG  22 ? ? N1    B DG  22 ? ? C2    B DG  22 ? ? 121.34 125.10 -3.76  0.60 N 
139 1 OP1   B DC  23 ? ? P     B DC  23 ? ? OP2   B DC  23 ? ? 108.26 119.60 -11.34 1.50 N 
140 1 "O5'" B DC  23 ? ? P     B DC  23 ? ? OP1   B DC  23 ? ? 123.95 110.70 13.25  1.20 N 
141 1 "O4'" B DC  23 ? ? "C1'" B DC  23 ? ? N1    B DC  23 ? ? 100.82 108.00 -7.18  0.70 N 
142 1 C6    B DC  23 ? ? N1    B DC  23 ? ? C2    B DC  23 ? ? 122.77 120.30 2.47   0.40 N 
143 1 C2    B DC  23 ? ? N3    B DC  23 ? ? C4    B DC  23 ? ? 123.57 119.90 3.67   0.50 N 
144 1 C4    B DC  23 ? ? C5    B DC  23 ? ? C6    B DC  23 ? ? 114.33 117.40 -3.07  0.50 N 
145 1 OP1   B DG  24 ? ? P     B DG  24 ? ? OP2   B DG  24 ? ? 106.85 119.60 -12.75 1.50 N 
146 1 "O5'" B DG  24 ? ? P     B DG  24 ? ? OP1   B DG  24 ? ? 118.03 110.70 7.33   1.20 N 
147 1 "O5'" B DG  24 ? ? "C5'" B DG  24 ? ? "C4'" B DG  24 ? ? 102.19 109.40 -7.21  0.80 N 
148 1 N7    B DG  24 ? ? C8    B DG  24 ? ? N9    B DG  24 ? ? 116.94 113.10 3.84   0.50 N 
149 1 N3    B DG  24 ? ? C2    B DG  24 ? ? N2    B DG  24 ? ? 114.46 119.90 -5.44  0.70 N 
150 1 N1    B DG  24 ? ? C6    B DG  24 ? ? O6    B DG  24 ? ? 124.07 119.90 4.17   0.60 N 
151 1 C5    B DG  24 ? ? C6    B DG  24 ? ? O6    B DG  24 ? ? 122.16 128.60 -6.44  0.60 N 
# 
loop_
_pdbx_struct_mod_residue.id 
_pdbx_struct_mod_residue.label_asym_id 
_pdbx_struct_mod_residue.label_comp_id 
_pdbx_struct_mod_residue.label_seq_id 
_pdbx_struct_mod_residue.auth_asym_id 
_pdbx_struct_mod_residue.auth_comp_id 
_pdbx_struct_mod_residue.auth_seq_id 
_pdbx_struct_mod_residue.PDB_ins_code 
_pdbx_struct_mod_residue.parent_comp_id 
_pdbx_struct_mod_residue.details 
1 A 5CM 9 A 5CM 9  ? DC ? 
2 B 5CM 9 B 5CM 21 ? DC ? 
# 
_struct_site_keywords.site_id   1 
_struct_site_keywords.text      'MINOR GROOVE BINDER' 
# 
loop_
_chem_comp_atom.comp_id 
_chem_comp_atom.atom_id 
_chem_comp_atom.type_symbol 
_chem_comp_atom.pdbx_aromatic_flag 
_chem_comp_atom.pdbx_stereo_config 
_chem_comp_atom.pdbx_ordinal 
5CM N1     N  N N 1   
5CM C2     C  N N 2   
5CM N3     N  N N 3   
5CM C4     C  N N 4   
5CM C5     C  N N 5   
5CM C5A    C  N N 6   
5CM C6     C  N N 7   
5CM O2     O  N N 8   
5CM N4     N  N N 9   
5CM "C1'"  C  N R 10  
5CM "C2'"  C  N N 11  
5CM "C3'"  C  N S 12  
5CM "C4'"  C  N R 13  
5CM "O4'"  O  N N 14  
5CM "O3'"  O  N N 15  
5CM "C5'"  C  N N 16  
5CM "O5'"  O  N N 17  
5CM P      P  N N 18  
5CM OP1    O  N N 19  
5CM OP2    O  N N 20  
5CM OP3    O  N N 21  
5CM H5A1   H  N N 22  
5CM H5A2   H  N N 23  
5CM H5A3   H  N N 24  
5CM H6     H  N N 25  
5CM HN41   H  N N 26  
5CM HN42   H  N N 27  
5CM "H1'"  H  N N 28  
5CM "H2'"  H  N N 29  
5CM "H2''" H  N N 30  
5CM "H3'"  H  N N 31  
5CM "H4'"  H  N N 32  
5CM "HO3'" H  N N 33  
5CM "H5'"  H  N N 34  
5CM "H5''" H  N N 35  
5CM HOP2   H  N N 36  
5CM HOP3   H  N N 37  
DA  OP3    O  N N 38  
DA  P      P  N N 39  
DA  OP1    O  N N 40  
DA  OP2    O  N N 41  
DA  "O5'"  O  N N 42  
DA  "C5'"  C  N N 43  
DA  "C4'"  C  N R 44  
DA  "O4'"  O  N N 45  
DA  "C3'"  C  N S 46  
DA  "O3'"  O  N N 47  
DA  "C2'"  C  N N 48  
DA  "C1'"  C  N R 49  
DA  N9     N  Y N 50  
DA  C8     C  Y N 51  
DA  N7     N  Y N 52  
DA  C5     C  Y N 53  
DA  C6     C  Y N 54  
DA  N6     N  N N 55  
DA  N1     N  Y N 56  
DA  C2     C  Y N 57  
DA  N3     N  Y N 58  
DA  C4     C  Y N 59  
DA  HOP3   H  N N 60  
DA  HOP2   H  N N 61  
DA  "H5'"  H  N N 62  
DA  "H5''" H  N N 63  
DA  "H4'"  H  N N 64  
DA  "H3'"  H  N N 65  
DA  "HO3'" H  N N 66  
DA  "H2'"  H  N N 67  
DA  "H2''" H  N N 68  
DA  "H1'"  H  N N 69  
DA  H8     H  N N 70  
DA  H61    H  N N 71  
DA  H62    H  N N 72  
DA  H2     H  N N 73  
DC  OP3    O  N N 74  
DC  P      P  N N 75  
DC  OP1    O  N N 76  
DC  OP2    O  N N 77  
DC  "O5'"  O  N N 78  
DC  "C5'"  C  N N 79  
DC  "C4'"  C  N R 80  
DC  "O4'"  O  N N 81  
DC  "C3'"  C  N S 82  
DC  "O3'"  O  N N 83  
DC  "C2'"  C  N N 84  
DC  "C1'"  C  N R 85  
DC  N1     N  N N 86  
DC  C2     C  N N 87  
DC  O2     O  N N 88  
DC  N3     N  N N 89  
DC  C4     C  N N 90  
DC  N4     N  N N 91  
DC  C5     C  N N 92  
DC  C6     C  N N 93  
DC  HOP3   H  N N 94  
DC  HOP2   H  N N 95  
DC  "H5'"  H  N N 96  
DC  "H5''" H  N N 97  
DC  "H4'"  H  N N 98  
DC  "H3'"  H  N N 99  
DC  "HO3'" H  N N 100 
DC  "H2'"  H  N N 101 
DC  "H2''" H  N N 102 
DC  "H1'"  H  N N 103 
DC  H41    H  N N 104 
DC  H42    H  N N 105 
DC  H5     H  N N 106 
DC  H6     H  N N 107 
DG  OP3    O  N N 108 
DG  P      P  N N 109 
DG  OP1    O  N N 110 
DG  OP2    O  N N 111 
DG  "O5'"  O  N N 112 
DG  "C5'"  C  N N 113 
DG  "C4'"  C  N R 114 
DG  "O4'"  O  N N 115 
DG  "C3'"  C  N S 116 
DG  "O3'"  O  N N 117 
DG  "C2'"  C  N N 118 
DG  "C1'"  C  N R 119 
DG  N9     N  Y N 120 
DG  C8     C  Y N 121 
DG  N7     N  Y N 122 
DG  C5     C  Y N 123 
DG  C6     C  N N 124 
DG  O6     O  N N 125 
DG  N1     N  N N 126 
DG  C2     C  N N 127 
DG  N2     N  N N 128 
DG  N3     N  N N 129 
DG  C4     C  Y N 130 
DG  HOP3   H  N N 131 
DG  HOP2   H  N N 132 
DG  "H5'"  H  N N 133 
DG  "H5''" H  N N 134 
DG  "H4'"  H  N N 135 
DG  "H3'"  H  N N 136 
DG  "HO3'" H  N N 137 
DG  "H2'"  H  N N 138 
DG  "H2''" H  N N 139 
DG  "H1'"  H  N N 140 
DG  H8     H  N N 141 
DG  H1     H  N N 142 
DG  H21    H  N N 143 
DG  H22    H  N N 144 
DT  OP3    O  N N 145 
DT  P      P  N N 146 
DT  OP1    O  N N 147 
DT  OP2    O  N N 148 
DT  "O5'"  O  N N 149 
DT  "C5'"  C  N N 150 
DT  "C4'"  C  N R 151 
DT  "O4'"  O  N N 152 
DT  "C3'"  C  N S 153 
DT  "O3'"  O  N N 154 
DT  "C2'"  C  N N 155 
DT  "C1'"  C  N R 156 
DT  N1     N  N N 157 
DT  C2     C  N N 158 
DT  O2     O  N N 159 
DT  N3     N  N N 160 
DT  C4     C  N N 161 
DT  O4     O  N N 162 
DT  C5     C  N N 163 
DT  C7     C  N N 164 
DT  C6     C  N N 165 
DT  HOP3   H  N N 166 
DT  HOP2   H  N N 167 
DT  "H5'"  H  N N 168 
DT  "H5''" H  N N 169 
DT  "H4'"  H  N N 170 
DT  "H3'"  H  N N 171 
DT  "HO3'" H  N N 172 
DT  "H2'"  H  N N 173 
DT  "H2''" H  N N 174 
DT  "H1'"  H  N N 175 
DT  H3     H  N N 176 
DT  H71    H  N N 177 
DT  H72    H  N N 178 
DT  H73    H  N N 179 
DT  H6     H  N N 180 
HOH O      O  N N 181 
HOH H1     H  N N 182 
HOH H2     H  N N 183 
HT  O1     O  N N 184 
HT  C1     C  Y N 185 
HT  C4     C  Y N 186 
HT  C2     C  Y N 187 
HT  C3     C  Y N 188 
HT  C6     C  Y N 189 
HT  C5     C  Y N 190 
HT  C7     C  Y N 191 
HT  N1     N  Y N 192 
HT  C8     C  Y N 193 
HT  C9     C  Y N 194 
HT  N2     N  Y N 195 
HT  C10    C  Y N 196 
HT  C11    C  Y N 197 
HT  C12    C  Y N 198 
HT  C13    C  Y N 199 
HT  C14    C  Y N 200 
HT  N3     N  Y N 201 
HT  C15    C  Y N 202 
HT  C16    C  Y N 203 
HT  N4     N  Y N 204 
HT  C17    C  Y N 205 
HT  C18    C  Y N 206 
HT  C19    C  Y N 207 
HT  C20    C  Y N 208 
HT  N5     N  N N 209 
HT  C21    C  N N 210 
HT  C22    C  N N 211 
HT  N6     N  N N 212 
HT  C23    C  N N 213 
HT  C24    C  N N 214 
HT  C25    C  N N 215 
HT  HO1    H  N N 216 
HT  H2     H  N N 217 
HT  H3     H  N N 218 
HT  H5     H  N N 219 
HT  H6     H  N N 220 
HT  HN1    H  N N 221 
HT  H10    H  N N 222 
HT  H11    H  N N 223 
HT  H13    H  N N 224 
HT  HN3    H  N N 225 
HT  H17    H  N N 226 
HT  H18    H  N N 227 
HT  H20    H  N N 228 
HT  H211   H  N N 229 
HT  H212   H  N N 230 
HT  H221   H  N N 231 
HT  H222   H  N N 232 
HT  H231   H  N N 233 
HT  H232   H  N N 234 
HT  H241   H  N N 235 
HT  H242   H  N N 236 
HT  H253   H  N N 237 
HT  H252   H  N N 238 
HT  H251   H  N N 239 
MG  MG     MG N N 240 
# 
loop_
_chem_comp_bond.comp_id 
_chem_comp_bond.atom_id_1 
_chem_comp_bond.atom_id_2 
_chem_comp_bond.value_order 
_chem_comp_bond.pdbx_aromatic_flag 
_chem_comp_bond.pdbx_stereo_config 
_chem_comp_bond.pdbx_ordinal 
5CM N1    C2     sing N N 1   
5CM N1    C6     sing N N 2   
5CM N1    "C1'"  sing N N 3   
5CM C2    N3     sing N N 4   
5CM C2    O2     doub N N 5   
5CM N3    C4     doub N N 6   
5CM C4    C5     sing N N 7   
5CM C4    N4     sing N N 8   
5CM C5    C5A    sing N N 9   
5CM C5    C6     doub N N 10  
5CM C5A   H5A1   sing N N 11  
5CM C5A   H5A2   sing N N 12  
5CM C5A   H5A3   sing N N 13  
5CM C6    H6     sing N N 14  
5CM N4    HN41   sing N N 15  
5CM N4    HN42   sing N N 16  
5CM "C1'" "C2'"  sing N N 17  
5CM "C1'" "O4'"  sing N N 18  
5CM "C1'" "H1'"  sing N N 19  
5CM "C2'" "C3'"  sing N N 20  
5CM "C2'" "H2'"  sing N N 21  
5CM "C2'" "H2''" sing N N 22  
5CM "C3'" "C4'"  sing N N 23  
5CM "C3'" "O3'"  sing N N 24  
5CM "C3'" "H3'"  sing N N 25  
5CM "C4'" "O4'"  sing N N 26  
5CM "C4'" "C5'"  sing N N 27  
5CM "C4'" "H4'"  sing N N 28  
5CM "O3'" "HO3'" sing N N 29  
5CM "C5'" "O5'"  sing N N 30  
5CM "C5'" "H5'"  sing N N 31  
5CM "C5'" "H5''" sing N N 32  
5CM "O5'" P      sing N N 33  
5CM P     OP1    doub N N 34  
5CM P     OP2    sing N N 35  
5CM P     OP3    sing N N 36  
5CM OP2   HOP2   sing N N 37  
5CM OP3   HOP3   sing N N 38  
DA  OP3   P      sing N N 39  
DA  OP3   HOP3   sing N N 40  
DA  P     OP1    doub N N 41  
DA  P     OP2    sing N N 42  
DA  P     "O5'"  sing N N 43  
DA  OP2   HOP2   sing N N 44  
DA  "O5'" "C5'"  sing N N 45  
DA  "C5'" "C4'"  sing N N 46  
DA  "C5'" "H5'"  sing N N 47  
DA  "C5'" "H5''" sing N N 48  
DA  "C4'" "O4'"  sing N N 49  
DA  "C4'" "C3'"  sing N N 50  
DA  "C4'" "H4'"  sing N N 51  
DA  "O4'" "C1'"  sing N N 52  
DA  "C3'" "O3'"  sing N N 53  
DA  "C3'" "C2'"  sing N N 54  
DA  "C3'" "H3'"  sing N N 55  
DA  "O3'" "HO3'" sing N N 56  
DA  "C2'" "C1'"  sing N N 57  
DA  "C2'" "H2'"  sing N N 58  
DA  "C2'" "H2''" sing N N 59  
DA  "C1'" N9     sing N N 60  
DA  "C1'" "H1'"  sing N N 61  
DA  N9    C8     sing Y N 62  
DA  N9    C4     sing Y N 63  
DA  C8    N7     doub Y N 64  
DA  C8    H8     sing N N 65  
DA  N7    C5     sing Y N 66  
DA  C5    C6     sing Y N 67  
DA  C5    C4     doub Y N 68  
DA  C6    N6     sing N N 69  
DA  C6    N1     doub Y N 70  
DA  N6    H61    sing N N 71  
DA  N6    H62    sing N N 72  
DA  N1    C2     sing Y N 73  
DA  C2    N3     doub Y N 74  
DA  C2    H2     sing N N 75  
DA  N3    C4     sing Y N 76  
DC  OP3   P      sing N N 77  
DC  OP3   HOP3   sing N N 78  
DC  P     OP1    doub N N 79  
DC  P     OP2    sing N N 80  
DC  P     "O5'"  sing N N 81  
DC  OP2   HOP2   sing N N 82  
DC  "O5'" "C5'"  sing N N 83  
DC  "C5'" "C4'"  sing N N 84  
DC  "C5'" "H5'"  sing N N 85  
DC  "C5'" "H5''" sing N N 86  
DC  "C4'" "O4'"  sing N N 87  
DC  "C4'" "C3'"  sing N N 88  
DC  "C4'" "H4'"  sing N N 89  
DC  "O4'" "C1'"  sing N N 90  
DC  "C3'" "O3'"  sing N N 91  
DC  "C3'" "C2'"  sing N N 92  
DC  "C3'" "H3'"  sing N N 93  
DC  "O3'" "HO3'" sing N N 94  
DC  "C2'" "C1'"  sing N N 95  
DC  "C2'" "H2'"  sing N N 96  
DC  "C2'" "H2''" sing N N 97  
DC  "C1'" N1     sing N N 98  
DC  "C1'" "H1'"  sing N N 99  
DC  N1    C2     sing N N 100 
DC  N1    C6     sing N N 101 
DC  C2    O2     doub N N 102 
DC  C2    N3     sing N N 103 
DC  N3    C4     doub N N 104 
DC  C4    N4     sing N N 105 
DC  C4    C5     sing N N 106 
DC  N4    H41    sing N N 107 
DC  N4    H42    sing N N 108 
DC  C5    C6     doub N N 109 
DC  C5    H5     sing N N 110 
DC  C6    H6     sing N N 111 
DG  OP3   P      sing N N 112 
DG  OP3   HOP3   sing N N 113 
DG  P     OP1    doub N N 114 
DG  P     OP2    sing N N 115 
DG  P     "O5'"  sing N N 116 
DG  OP2   HOP2   sing N N 117 
DG  "O5'" "C5'"  sing N N 118 
DG  "C5'" "C4'"  sing N N 119 
DG  "C5'" "H5'"  sing N N 120 
DG  "C5'" "H5''" sing N N 121 
DG  "C4'" "O4'"  sing N N 122 
DG  "C4'" "C3'"  sing N N 123 
DG  "C4'" "H4'"  sing N N 124 
DG  "O4'" "C1'"  sing N N 125 
DG  "C3'" "O3'"  sing N N 126 
DG  "C3'" "C2'"  sing N N 127 
DG  "C3'" "H3'"  sing N N 128 
DG  "O3'" "HO3'" sing N N 129 
DG  "C2'" "C1'"  sing N N 130 
DG  "C2'" "H2'"  sing N N 131 
DG  "C2'" "H2''" sing N N 132 
DG  "C1'" N9     sing N N 133 
DG  "C1'" "H1'"  sing N N 134 
DG  N9    C8     sing Y N 135 
DG  N9    C4     sing Y N 136 
DG  C8    N7     doub Y N 137 
DG  C8    H8     sing N N 138 
DG  N7    C5     sing Y N 139 
DG  C5    C6     sing N N 140 
DG  C5    C4     doub Y N 141 
DG  C6    O6     doub N N 142 
DG  C6    N1     sing N N 143 
DG  N1    C2     sing N N 144 
DG  N1    H1     sing N N 145 
DG  C2    N2     sing N N 146 
DG  C2    N3     doub N N 147 
DG  N2    H21    sing N N 148 
DG  N2    H22    sing N N 149 
DG  N3    C4     sing N N 150 
DT  OP3   P      sing N N 151 
DT  OP3   HOP3   sing N N 152 
DT  P     OP1    doub N N 153 
DT  P     OP2    sing N N 154 
DT  P     "O5'"  sing N N 155 
DT  OP2   HOP2   sing N N 156 
DT  "O5'" "C5'"  sing N N 157 
DT  "C5'" "C4'"  sing N N 158 
DT  "C5'" "H5'"  sing N N 159 
DT  "C5'" "H5''" sing N N 160 
DT  "C4'" "O4'"  sing N N 161 
DT  "C4'" "C3'"  sing N N 162 
DT  "C4'" "H4'"  sing N N 163 
DT  "O4'" "C1'"  sing N N 164 
DT  "C3'" "O3'"  sing N N 165 
DT  "C3'" "C2'"  sing N N 166 
DT  "C3'" "H3'"  sing N N 167 
DT  "O3'" "HO3'" sing N N 168 
DT  "C2'" "C1'"  sing N N 169 
DT  "C2'" "H2'"  sing N N 170 
DT  "C2'" "H2''" sing N N 171 
DT  "C1'" N1     sing N N 172 
DT  "C1'" "H1'"  sing N N 173 
DT  N1    C2     sing N N 174 
DT  N1    C6     sing N N 175 
DT  C2    O2     doub N N 176 
DT  C2    N3     sing N N 177 
DT  N3    C4     sing N N 178 
DT  N3    H3     sing N N 179 
DT  C4    O4     doub N N 180 
DT  C4    C5     sing N N 181 
DT  C5    C7     sing N N 182 
DT  C5    C6     doub N N 183 
DT  C7    H71    sing N N 184 
DT  C7    H72    sing N N 185 
DT  C7    H73    sing N N 186 
DT  C6    H6     sing N N 187 
HOH O     H1     sing N N 188 
HOH O     H2     sing N N 189 
HT  O1    C1     sing N N 190 
HT  O1    HO1    sing N N 191 
HT  C1    C2     doub Y N 192 
HT  C1    C6     sing Y N 193 
HT  C2    C3     sing Y N 194 
HT  C2    H2     sing N N 195 
HT  C3    C4     doub Y N 196 
HT  C3    H3     sing N N 197 
HT  C4    C5     sing Y N 198 
HT  C4    C7     sing Y N 199 
HT  C5    C6     doub Y N 200 
HT  C5    H5     sing N N 201 
HT  C6    H6     sing N N 202 
HT  C7    N1     sing Y N 203 
HT  C7    N2     doub Y N 204 
HT  N1    C8     sing Y N 205 
HT  N1    HN1    sing N N 206 
HT  C8    C9     doub Y N 207 
HT  C8    C13    sing Y N 208 
HT  C9    N2     sing Y N 209 
HT  C9    C10    sing Y N 210 
HT  C10   C11    doub Y N 211 
HT  C10   H10    sing N N 212 
HT  C11   C12    sing Y N 213 
HT  C11   H11    sing N N 214 
HT  C12   C13    doub Y N 215 
HT  C12   C14    sing Y N 216 
HT  C13   H13    sing N N 217 
HT  C14   N3     sing Y N 218 
HT  C14   N4     doub Y N 219 
HT  N3    C15    sing Y N 220 
HT  N3    HN3    sing N N 221 
HT  C15   C16    doub Y N 222 
HT  C15   C20    sing Y N 223 
HT  C16   N4     sing Y N 224 
HT  C16   C17    sing Y N 225 
HT  C17   C18    doub Y N 226 
HT  C17   H17    sing N N 227 
HT  C18   C19    sing Y N 228 
HT  C18   H18    sing N N 229 
HT  C19   C20    doub Y N 230 
HT  C19   N5     sing N N 231 
HT  C20   H20    sing N N 232 
HT  N5    C21    sing N N 233 
HT  N5    C24    sing N N 234 
HT  C21   C22    sing N N 235 
HT  C21   H211   sing N N 236 
HT  C21   H212   sing N N 237 
HT  C22   N6     sing N N 238 
HT  C22   H221   sing N N 239 
HT  C22   H222   sing N N 240 
HT  N6    C23    sing N N 241 
HT  N6    C25    sing N N 242 
HT  C23   C24    sing N N 243 
HT  C23   H231   sing N N 244 
HT  C23   H232   sing N N 245 
HT  C24   H241   sing N N 246 
HT  C24   H242   sing N N 247 
HT  C25   H253   sing N N 248 
HT  C25   H252   sing N N 249 
HT  C25   H251   sing N N 250 
# 
_ndb_struct_conf_na.entry_id   269D 
_ndb_struct_conf_na.feature    'b-form double helix' 
# 
loop_
_ndb_struct_na_base_pair.model_number 
_ndb_struct_na_base_pair.i_label_asym_id 
_ndb_struct_na_base_pair.i_label_comp_id 
_ndb_struct_na_base_pair.i_label_seq_id 
_ndb_struct_na_base_pair.i_symmetry 
_ndb_struct_na_base_pair.j_label_asym_id 
_ndb_struct_na_base_pair.j_label_comp_id 
_ndb_struct_na_base_pair.j_label_seq_id 
_ndb_struct_na_base_pair.j_symmetry 
_ndb_struct_na_base_pair.shear 
_ndb_struct_na_base_pair.stretch 
_ndb_struct_na_base_pair.stagger 
_ndb_struct_na_base_pair.buckle 
_ndb_struct_na_base_pair.propeller 
_ndb_struct_na_base_pair.opening 
_ndb_struct_na_base_pair.pair_number 
_ndb_struct_na_base_pair.pair_name 
_ndb_struct_na_base_pair.i_auth_asym_id 
_ndb_struct_na_base_pair.i_auth_seq_id 
_ndb_struct_na_base_pair.i_PDB_ins_code 
_ndb_struct_na_base_pair.j_auth_asym_id 
_ndb_struct_na_base_pair.j_auth_seq_id 
_ndb_struct_na_base_pair.j_PDB_ins_code 
_ndb_struct_na_base_pair.hbond_type_28 
_ndb_struct_na_base_pair.hbond_type_12 
1 A DC  1  1_555 B DG  12 1_555 0.037  -0.516 -0.200 0.870  -14.386 -1.481  1  A_DC1:DG24_B  A 1  ? B 24 ? 19 1 
1 A DG  2  1_555 B DC  11 1_555 -0.129 -0.175 0.639  7.604  -9.790  1.477   2  A_DG2:DC23_B  A 2  ? B 23 ? 19 1 
1 A DC  3  1_555 B DG  10 1_555 -0.120 -0.301 0.114  -1.209 -8.322  0.517   3  A_DC3:DG22_B  A 3  ? B 22 ? 19 1 
1 A DG  4  1_555 B 5CM 9  1_555 0.807  -0.371 0.048  10.510 -7.906  -5.471  4  A_DG4:5CM21_B A 4  ? B 21 ? 19 1 
1 A DA  5  1_555 B DT  8  1_555 0.418  -0.066 -0.274 0.248  -15.501 -5.768  5  A_DA5:DT20_B  A 5  ? B 20 ? 20 1 
1 A DA  6  1_555 B DT  7  1_555 0.862  -0.352 0.336  7.309  -26.323 -2.506  6  A_DA6:DT19_B  A 6  ? B 19 ? 20 1 
1 A DT  7  1_555 B DA  6  1_555 -0.589 -0.427 -0.178 1.296  -31.174 -2.923  7  A_DT7:DA18_B  A 7  ? B 18 ? 20 1 
1 A DT  8  1_555 B DA  5  1_555 -0.350 -0.357 0.110  -8.156 -15.322 1.957   8  A_DT8:DA17_B  A 8  ? B 17 ? 20 1 
1 A 5CM 9  1_555 B DG  4  1_555 0.543  -0.588 0.024  -5.456 -9.027  4.632   9  A_5CM9:DG16_B A 9  ? B 16 ? 22 1 
1 A DG  10 1_555 B DC  3  1_555 0.105  -0.251 0.265  11.243 -1.981  2.654   10 A_DG10:DC15_B A 10 ? B 15 ? 19 1 
1 A DC  11 1_555 B DG  2  1_555 0.479  -0.412 0.504  8.558  -22.609 -10.128 11 A_DC11:DG14_B A 11 ? B 14 ? 19 1 
1 A DG  12 1_555 B DC  1  1_555 0.503  -0.353 0.516  16.312 3.174   -6.677  12 A_DG12:DC13_B A 12 ? B 13 ? 19 1 
# 
loop_
_ndb_struct_na_base_pair_step.model_number 
_ndb_struct_na_base_pair_step.i_label_asym_id_1 
_ndb_struct_na_base_pair_step.i_label_comp_id_1 
_ndb_struct_na_base_pair_step.i_label_seq_id_1 
_ndb_struct_na_base_pair_step.i_symmetry_1 
_ndb_struct_na_base_pair_step.j_label_asym_id_1 
_ndb_struct_na_base_pair_step.j_label_comp_id_1 
_ndb_struct_na_base_pair_step.j_label_seq_id_1 
_ndb_struct_na_base_pair_step.j_symmetry_1 
_ndb_struct_na_base_pair_step.i_label_asym_id_2 
_ndb_struct_na_base_pair_step.i_label_comp_id_2 
_ndb_struct_na_base_pair_step.i_label_seq_id_2 
_ndb_struct_na_base_pair_step.i_symmetry_2 
_ndb_struct_na_base_pair_step.j_label_asym_id_2 
_ndb_struct_na_base_pair_step.j_label_comp_id_2 
_ndb_struct_na_base_pair_step.j_label_seq_id_2 
_ndb_struct_na_base_pair_step.j_symmetry_2 
_ndb_struct_na_base_pair_step.shift 
_ndb_struct_na_base_pair_step.slide 
_ndb_struct_na_base_pair_step.rise 
_ndb_struct_na_base_pair_step.tilt 
_ndb_struct_na_base_pair_step.roll 
_ndb_struct_na_base_pair_step.twist 
_ndb_struct_na_base_pair_step.x_displacement 
_ndb_struct_na_base_pair_step.y_displacement 
_ndb_struct_na_base_pair_step.helical_rise 
_ndb_struct_na_base_pair_step.inclination 
_ndb_struct_na_base_pair_step.tip 
_ndb_struct_na_base_pair_step.helical_twist 
_ndb_struct_na_base_pair_step.step_number 
_ndb_struct_na_base_pair_step.step_name 
_ndb_struct_na_base_pair_step.i_auth_asym_id_1 
_ndb_struct_na_base_pair_step.i_auth_seq_id_1 
_ndb_struct_na_base_pair_step.i_PDB_ins_code_1 
_ndb_struct_na_base_pair_step.j_auth_asym_id_1 
_ndb_struct_na_base_pair_step.j_auth_seq_id_1 
_ndb_struct_na_base_pair_step.j_PDB_ins_code_1 
_ndb_struct_na_base_pair_step.i_auth_asym_id_2 
_ndb_struct_na_base_pair_step.i_auth_seq_id_2 
_ndb_struct_na_base_pair_step.i_PDB_ins_code_2 
_ndb_struct_na_base_pair_step.j_auth_asym_id_2 
_ndb_struct_na_base_pair_step.j_auth_seq_id_2 
_ndb_struct_na_base_pair_step.j_PDB_ins_code_2 
1 A DC  1  1_555 B DG  12 1_555 A DG  2  1_555 B DC  11 1_555 0.015  0.220  3.221 -7.575 6.478   31.714 -0.693 -1.287 3.119 11.503 
13.451  33.205 1  AA_DC1DG2:DC23DG24_BB   A 1  ? B 24 ? A 2  ? B 23 ? 
1 A DG  2  1_555 B DC  11 1_555 A DC  3  1_555 B DG  10 1_555 0.579  0.457  3.565 7.385  -4.366  40.739 1.152  0.044  3.547 -6.188 
-10.469 41.595 2  AA_DG2DC3:DG22DC23_BB   A 2  ? B 23 ? A 3  ? B 22 ? 
1 A DC  3  1_555 B DG  10 1_555 A DG  4  1_555 B 5CM 9  1_555 -0.296 0.713  3.206 0.641  5.218   31.417 0.350  0.657  3.272 9.552 
-1.173  31.843 3  AA_DC3DG4:5CM21DG22_BB  A 3  ? B 22 ? A 4  ? B 21 ? 
1 A DG  4  1_555 B 5CM 9  1_555 A DA  5  1_555 B DT  8  1_555 -0.188 -0.101 3.558 2.243  7.334   35.800 -1.254 0.634  3.454 11.764 
-3.598  36.586 4  AA_DG4DA5:DT205CM21_BB  A 4  ? B 21 ? A 5  ? B 20 ? 
1 A DA  5  1_555 B DT  8  1_555 A DA  6  1_555 B DT  7  1_555 -0.084 -0.236 2.967 -8.824 0.511   41.135 -0.378 -0.715 2.921 0.717 
12.386  42.034 5  AA_DA5DA6:DT19DT20_BB   A 5  ? B 20 ? A 6  ? B 19 ? 
1 A DA  6  1_555 B DT  7  1_555 A DT  7  1_555 B DA  6  1_555 -0.073 -0.912 3.345 5.041  -1.678  23.274 -1.640 1.874  3.311 -4.092 
-12.291 23.865 6  AA_DA6DT7:DA18DT19_BB   A 6  ? B 19 ? A 7  ? B 18 ? 
1 A DT  7  1_555 B DA  6  1_555 A DT  8  1_555 B DA  5  1_555 0.185  -0.199 3.513 -0.054 -1.732  38.985 -0.074 -0.284 3.518 -2.593 
0.080   39.022 7  AA_DT7DT8:DA17DA18_BB   A 7  ? B 18 ? A 8  ? B 17 ? 
1 A DT  8  1_555 B DA  5  1_555 A 5CM 9  1_555 B DG  4  1_555 0.469  0.040  3.189 2.113  2.619   42.264 -0.205 -0.438 3.204 3.626 
-2.925  42.392 8  AA_DT85CM9:DG16DA17_BB  A 8  ? B 17 ? A 9  ? B 16 ? 
1 A 5CM 9  1_555 B DG  4  1_555 A DG  10 1_555 B DC  3  1_555 0.114  0.768  3.107 -2.106 0.946   29.619 1.308  -0.643 3.114 1.846 
4.111   29.707 9  AA_5CM9DG10:DC15DG16_BB A 9  ? B 16 ? A 10 ? B 15 ? 
1 A DG  10 1_555 B DC  3  1_555 A DC  11 1_555 B DG  2  1_555 -0.530 0.958  3.613 0.407  -13.337 40.579 2.746  0.772  3.155 
-18.631 -0.569  42.628 10 AA_DG10DC11:DG14DC15_BB A 10 ? B 15 ? A 11 ? B 14 ? 
1 A DC  11 1_555 B DG  2  1_555 A DG  12 1_555 B DC  1  1_555 0.828  0.519  3.198 4.034  -4.448  36.549 1.404  -0.771 3.185 -7.034 
-6.380  37.022 11 AA_DC11DG12:DC13DG14_BB A 11 ? B 14 ? A 12 ? B 13 ? 
# 
_atom_sites.entry_id                    269D 
_atom_sites.fract_transf_matrix[1][1]   -0.02665399 
_atom_sites.fract_transf_matrix[1][2]   0.02885983 
_atom_sites.fract_transf_matrix[1][3]   -0.00725243 
_atom_sites.fract_transf_matrix[2][1]   0.01782610 
_atom_sites.fract_transf_matrix[2][2]   0.01704371 
_atom_sites.fract_transf_matrix[2][3]   0.00231188 
_atom_sites.fract_transf_matrix[3][1]   0.00296098 
_atom_sites.fract_transf_matrix[3][2]   -0.00105340 
_atom_sites.fract_transf_matrix[3][3]   -0.01507182 
_atom_sites.fract_transf_vector[1]      0.565374 
_atom_sites.fract_transf_vector[2]      0.530226 
_atom_sites.fract_transf_vector[3]      0.128166 
# 
loop_
_atom_type.symbol 
C  
MG 
N  
O  
P  
# 
loop_
_atom_site.group_PDB 
_atom_site.id 
_atom_site.type_symbol 
_atom_site.label_atom_id 
_atom_site.label_alt_id 
_atom_site.label_comp_id 
_atom_site.label_asym_id 
_atom_site.label_entity_id 
_atom_site.label_seq_id 
_atom_site.pdbx_PDB_ins_code 
_atom_site.Cartn_x 
_atom_site.Cartn_y 
_atom_site.Cartn_z 
_atom_site.occupancy 
_atom_site.B_iso_or_equiv 
_atom_site.pdbx_formal_charge 
_atom_site.auth_seq_id 
_atom_site.auth_comp_id 
_atom_site.auth_asym_id 
_atom_site.auth_atom_id 
_atom_site.pdbx_PDB_model_num 
ATOM   1   O  "O5'" . DC  A 1 1  ? 8.756   10.651  -14.864 1.00 60.67 ? 1   DC  A "O5'" 1 
ATOM   2   C  "C5'" . DC  A 1 1  ? 8.077   11.817  -15.497 1.00 36.87 ? 1   DC  A "C5'" 1 
ATOM   3   C  "C4'" . DC  A 1 1  ? 6.691   11.208  -15.249 1.00 43.97 ? 1   DC  A "C4'" 1 
ATOM   4   O  "O4'" . DC  A 1 1  ? 6.797   9.907   -15.814 1.00 27.74 ? 1   DC  A "O4'" 1 
ATOM   5   C  "C3'" . DC  A 1 1  ? 6.211   11.055  -13.794 1.00 32.42 ? 1   DC  A "C3'" 1 
ATOM   6   O  "O3'" . DC  A 1 1  ? 4.867   11.437  -13.553 1.00 51.07 ? 1   DC  A "O3'" 1 
ATOM   7   C  "C2'" . DC  A 1 1  ? 6.429   9.537   -13.545 1.00 34.01 ? 1   DC  A "C2'" 1 
ATOM   8   C  "C1'" . DC  A 1 1  ? 5.958   9.079   -14.966 1.00 15.87 ? 1   DC  A "C1'" 1 
ATOM   9   N  N1    . DC  A 1 1  ? 6.205   7.693   -15.126 1.00 24.72 ? 1   DC  A N1    1 
ATOM   10  C  C2    . DC  A 1 1  ? 5.366   6.822   -15.906 1.00 7.29  ? 1   DC  A C2    1 
ATOM   11  O  O2    . DC  A 1 1  ? 4.298   7.221   -16.369 1.00 15.08 ? 1   DC  A O2    1 
ATOM   12  N  N3    . DC  A 1 1  ? 5.795   5.594   -16.001 1.00 6.60  ? 1   DC  A N3    1 
ATOM   13  C  C4    . DC  A 1 1  ? 6.876   5.093   -15.416 1.00 9.68  ? 1   DC  A C4    1 
ATOM   14  N  N4    . DC  A 1 1  ? 7.153   3.781   -15.482 1.00 23.38 ? 1   DC  A N4    1 
ATOM   15  C  C5    . DC  A 1 1  ? 7.714   5.959   -14.628 1.00 22.52 ? 1   DC  A C5    1 
ATOM   16  C  C6    . DC  A 1 1  ? 7.310   7.242   -14.486 1.00 5.62  ? 1   DC  A C6    1 
ATOM   17  P  P     . DG  A 1 2  ? 3.968   12.679  -13.220 1.00 37.15 ? 2   DG  A P     1 
ATOM   18  O  OP1   . DG  A 1 2  ? 3.944   13.855  -14.189 1.00 46.65 ? 2   DG  A OP1   1 
ATOM   19  O  OP2   . DG  A 1 2  ? 4.532   12.965  -11.909 1.00 38.97 ? 2   DG  A OP2   1 
ATOM   20  O  "O5'" . DG  A 1 2  ? 2.400   12.222  -13.343 1.00 42.22 ? 2   DG  A "O5'" 1 
ATOM   21  C  "C5'" . DG  A 1 2  ? 2.016   11.435  -14.485 1.00 40.62 ? 2   DG  A "C5'" 1 
ATOM   22  C  "C4'" . DG  A 1 2  ? 0.986   10.365  -14.134 1.00 27.14 ? 2   DG  A "C4'" 1 
ATOM   23  O  "O4'" . DG  A 1 2  ? 1.550   9.119   -14.183 1.00 26.83 ? 2   DG  A "O4'" 1 
ATOM   24  C  "C3'" . DG  A 1 2  ? 0.412   10.427  -12.712 1.00 16.11 ? 2   DG  A "C3'" 1 
ATOM   25  O  "O3'" . DG  A 1 2  ? -1.005  10.469  -13.007 1.00 42.60 ? 2   DG  A "O3'" 1 
ATOM   26  C  "C2'" . DG  A 1 2  ? 0.937   9.256   -11.897 1.00 15.08 ? 2   DG  A "C2'" 1 
ATOM   27  C  "C1'" . DG  A 1 2  ? 1.285   8.282   -12.982 1.00 22.00 ? 2   DG  A "C1'" 1 
ATOM   28  N  N9    . DG  A 1 2  ? 2.452   7.397   -12.770 1.00 23.67 ? 2   DG  A N9    1 
ATOM   29  C  C8    . DG  A 1 2  ? 3.716   7.632   -12.180 1.00 14.17 ? 2   DG  A C8    1 
ATOM   30  N  N7    . DG  A 1 2  ? 4.500   6.622   -12.168 1.00 19.18 ? 2   DG  A N7    1 
ATOM   31  C  C5    . DG  A 1 2  ? 3.741   5.589   -12.802 1.00 10.28 ? 2   DG  A C5    1 
ATOM   32  C  C6    . DG  A 1 2  ? 4.061   4.244   -13.097 1.00 12.24 ? 2   DG  A C6    1 
ATOM   33  O  O6    . DG  A 1 2  ? 5.162   3.640   -12.891 1.00 13.73 ? 2   DG  A O6    1 
ATOM   34  N  N1    . DG  A 1 2  ? 3.084   3.629   -13.829 1.00 25.63 ? 2   DG  A N1    1 
ATOM   35  C  C2    . DG  A 1 2  ? 1.886   4.234   -14.080 1.00 13.29 ? 2   DG  A C2    1 
ATOM   36  N  N2    . DG  A 1 2  ? 0.905   3.572   -14.731 1.00 28.43 ? 2   DG  A N2    1 
ATOM   37  N  N3    . DG  A 1 2  ? 1.526   5.462   -13.852 1.00 30.28 ? 2   DG  A N3    1 
ATOM   38  C  C4    . DG  A 1 2  ? 2.567   6.103   -13.208 1.00 21.76 ? 2   DG  A C4    1 
ATOM   39  P  P     . DC  A 1 3  ? -2.181  10.819  -11.962 1.00 38.70 ? 3   DC  A P     1 
ATOM   40  O  OP1   . DC  A 1 3  ? -2.988  11.909  -12.436 1.00 26.91 ? 3   DC  A OP1   1 
ATOM   41  O  OP2   . DC  A 1 3  ? -1.331  11.104  -10.714 1.00 46.67 ? 3   DC  A OP2   1 
ATOM   42  O  "O5'" . DC  A 1 3  ? -2.752  9.326   -11.559 1.00 21.06 ? 3   DC  A "O5'" 1 
ATOM   43  C  "C5'" . DC  A 1 3  ? -3.180  8.535   -12.735 1.00 24.52 ? 3   DC  A "C5'" 1 
ATOM   44  C  "C4'" . DC  A 1 3  ? -3.250  7.108   -12.265 1.00 30.50 ? 3   DC  A "C4'" 1 
ATOM   45  O  "O4'" . DC  A 1 3  ? -1.941  6.574   -12.322 1.00 18.69 ? 3   DC  A "O4'" 1 
ATOM   46  C  "C3'" . DC  A 1 3  ? -3.769  6.889   -10.805 1.00 24.51 ? 3   DC  A "C3'" 1 
ATOM   47  O  "O3'" . DC  A 1 3  ? -5.165  6.807   -10.715 1.00 22.14 ? 3   DC  A "O3'" 1 
ATOM   48  C  "C2'" . DC  A 1 3  ? -3.058  5.623   -10.457 1.00 9.46  ? 3   DC  A "C2'" 1 
ATOM   49  C  "C1'" . DC  A 1 3  ? -1.896  5.412   -11.456 1.00 21.07 ? 3   DC  A "C1'" 1 
ATOM   50  N  N1    . DC  A 1 3  ? -0.604  5.252   -10.805 1.00 24.86 ? 3   DC  A N1    1 
ATOM   51  C  C2    . DC  A 1 3  ? 0.142   4.105   -11.050 1.00 34.53 ? 3   DC  A C2    1 
ATOM   52  O  O2    . DC  A 1 3  ? -0.237  3.164   -11.749 1.00 32.44 ? 3   DC  A O2    1 
ATOM   53  N  N3    . DC  A 1 3  ? 1.384   4.023   -10.455 1.00 27.59 ? 3   DC  A N3    1 
ATOM   54  C  C4    . DC  A 1 3  ? 1.920   5.033   -9.757  1.00 6.51  ? 3   DC  A C4    1 
ATOM   55  N  N4    . DC  A 1 3  ? 3.125   4.728   -9.220  1.00 15.55 ? 3   DC  A N4    1 
ATOM   56  C  C5    . DC  A 1 3  ? 1.173   6.178   -9.532  1.00 30.55 ? 3   DC  A C5    1 
ATOM   57  C  C6    . DC  A 1 3  ? -0.046  6.280   -10.058 1.00 23.14 ? 3   DC  A C6    1 
ATOM   58  P  P     . DG  A 1 4  ? -6.257  6.243   -9.690  1.00 45.22 ? 4   DG  A P     1 
ATOM   59  O  OP1   . DG  A 1 4  ? -7.708  6.567   -10.017 1.00 55.60 ? 4   DG  A OP1   1 
ATOM   60  O  OP2   . DG  A 1 4  ? -5.905  6.791   -8.351  1.00 54.79 ? 4   DG  A OP2   1 
ATOM   61  O  "O5'" . DG  A 1 4  ? -6.087  4.653   -9.665  1.00 45.30 ? 4   DG  A "O5'" 1 
ATOM   62  C  "C5'" . DG  A 1 4  ? -6.171  3.895   -10.908 1.00 39.94 ? 4   DG  A "C5'" 1 
ATOM   63  C  "C4'" . DG  A 1 4  ? -5.760  2.521   -10.348 1.00 33.78 ? 4   DG  A "C4'" 1 
ATOM   64  O  "O4'" . DG  A 1 4  ? -4.383  2.476   -10.167 1.00 42.58 ? 4   DG  A "O4'" 1 
ATOM   65  C  "C3'" . DG  A 1 4  ? -6.397  2.204   -8.991  1.00 50.03 ? 4   DG  A "C3'" 1 
ATOM   66  O  "O3'" . DG  A 1 4  ? -7.430  1.213   -9.157  1.00 54.68 ? 4   DG  A "O3'" 1 
ATOM   67  C  "C2'" . DG  A 1 4  ? -5.253  1.763   -8.111  1.00 37.20 ? 4   DG  A "C2'" 1 
ATOM   68  C  "C1'" . DG  A 1 4  ? -4.040  1.804   -8.944  1.00 26.42 ? 4   DG  A "C1'" 1 
ATOM   69  N  N9    . DG  A 1 4  ? -2.933  2.590   -8.343  1.00 38.75 ? 4   DG  A N9    1 
ATOM   70  C  C8    . DG  A 1 4  ? -2.892  3.878   -7.782  1.00 15.39 ? 4   DG  A C8    1 
ATOM   71  N  N7    . DG  A 1 4  ? -1.703  4.168   -7.316  1.00 30.82 ? 4   DG  A N7    1 
ATOM   72  C  C5    . DG  A 1 4  ? -0.891  3.075   -7.644  1.00 14.80 ? 4   DG  A C5    1 
ATOM   73  C  C6    . DG  A 1 4  ? 0.494   2.837   -7.482  1.00 31.87 ? 4   DG  A C6    1 
ATOM   74  O  O6    . DG  A 1 4  ? 1.355   3.603   -7.002  1.00 18.72 ? 4   DG  A O6    1 
ATOM   75  N  N1    . DG  A 1 4  ? 0.893   1.572   -7.898  1.00 25.78 ? 4   DG  A N1    1 
ATOM   76  C  C2    . DG  A 1 4  ? 0.003   0.727   -8.525  1.00 9.24  ? 4   DG  A C2    1 
ATOM   77  N  N2    . DG  A 1 4  ? 0.604   -0.431  -8.931  1.00 17.69 ? 4   DG  A N2    1 
ATOM   78  N  N3    . DG  A 1 4  ? -1.256  0.894   -8.732  1.00 29.25 ? 4   DG  A N3    1 
ATOM   79  C  C4    . DG  A 1 4  ? -1.641  2.134   -8.329  1.00 19.92 ? 4   DG  A C4    1 
ATOM   80  P  P     . DA  A 1 5  ? -7.588  -0.125  -8.325  1.00 40.01 ? 5   DA  A P     1 
ATOM   81  O  OP1   . DA  A 1 5  ? -8.878  -0.800  -8.710  1.00 55.32 ? 5   DA  A OP1   1 
ATOM   82  O  OP2   . DA  A 1 5  ? -7.580  0.311   -6.887  1.00 25.73 ? 5   DA  A OP2   1 
ATOM   83  O  "O5'" . DA  A 1 5  ? -6.488  -1.090  -8.778  1.00 20.58 ? 5   DA  A "O5'" 1 
ATOM   84  C  "C5'" . DA  A 1 5  ? -6.467  -2.447  -9.071  1.00 23.90 ? 5   DA  A "C5'" 1 
ATOM   85  C  "C4'" . DA  A 1 5  ? -5.237  -3.098  -8.472  1.00 28.70 ? 5   DA  A "C4'" 1 
ATOM   86  O  "O4'" . DA  A 1 5  ? -4.307  -2.158  -7.996  1.00 48.30 ? 5   DA  A "O4'" 1 
ATOM   87  C  "C3'" . DA  A 1 5  ? -5.473  -3.999  -7.234  1.00 36.13 ? 5   DA  A "C3'" 1 
ATOM   88  O  "O3'" . DA  A 1 5  ? -4.908  -5.206  -7.617  1.00 40.73 ? 5   DA  A "O3'" 1 
ATOM   89  C  "C2'" . DA  A 1 5  ? -4.797  -3.337  -6.040  1.00 35.92 ? 5   DA  A "C2'" 1 
ATOM   90  C  "C1'" . DA  A 1 5  ? -3.747  -2.491  -6.696  1.00 25.33 ? 5   DA  A "C1'" 1 
ATOM   91  N  N9    . DA  A 1 5  ? -3.383  -1.201  -6.044  1.00 16.65 ? 5   DA  A N9    1 
ATOM   92  C  C8    . DA  A 1 5  ? -4.051  -0.025  -5.886  1.00 7.87  ? 5   DA  A C8    1 
ATOM   93  N  N7    . DA  A 1 5  ? -3.364  0.924   -5.373  1.00 20.56 ? 5   DA  A N7    1 
ATOM   94  C  C5    . DA  A 1 5  ? -2.066  0.383   -5.298  1.00 15.68 ? 5   DA  A C5    1 
ATOM   95  C  C6    . DA  A 1 5  ? -0.830  0.906   -4.834  1.00 11.00 ? 5   DA  A C6    1 
ATOM   96  N  N6    . DA  A 1 5  ? -0.707  2.165   -4.347  1.00 22.84 ? 5   DA  A N6    1 
ATOM   97  N  N1    . DA  A 1 5  ? 0.152   0.027   -4.937  1.00 11.07 ? 5   DA  A N1    1 
ATOM   98  C  C2    . DA  A 1 5  ? 0.198   -1.247  -5.364  1.00 14.14 ? 5   DA  A C2    1 
ATOM   99  N  N3    . DA  A 1 5  ? -0.949  -1.744  -5.840  1.00 30.56 ? 5   DA  A N3    1 
ATOM   100 C  C4    . DA  A 1 5  ? -2.042  -0.907  -5.748  1.00 11.25 ? 5   DA  A C4    1 
ATOM   101 P  P     . DA  A 1 6  ? -4.693  -6.623  -7.043  1.00 43.23 ? 6   DA  A P     1 
ATOM   102 O  OP1   . DA  A 1 6  ? -4.367  -7.544  -8.222  1.00 37.21 ? 6   DA  A OP1   1 
ATOM   103 O  OP2   . DA  A 1 6  ? -5.925  -6.817  -6.197  1.00 28.31 ? 6   DA  A OP2   1 
ATOM   104 O  "O5'" . DA  A 1 6  ? -3.403  -6.492  -6.022  1.00 28.99 ? 6   DA  A "O5'" 1 
ATOM   105 C  "C5'" . DA  A 1 6  ? -2.096  -6.462  -6.597  1.00 41.06 ? 6   DA  A "C5'" 1 
ATOM   106 C  "C4'" . DA  A 1 6  ? -1.172  -6.598  -5.404  1.00 28.09 ? 6   DA  A "C4'" 1 
ATOM   107 O  "O4'" . DA  A 1 6  ? -1.136  -5.293  -4.964  1.00 42.14 ? 6   DA  A "O4'" 1 
ATOM   108 C  "C3'" . DA  A 1 6  ? -1.626  -7.366  -4.200  1.00 15.03 ? 6   DA  A "C3'" 1 
ATOM   109 O  "O3'" . DA  A 1 6  ? -0.676  -8.359  -3.936  1.00 15.87 ? 6   DA  A "O3'" 1 
ATOM   110 C  "C2'" . DA  A 1 6  ? -1.596  -6.396  -3.014  1.00 48.37 ? 6   DA  A "C2'" 1 
ATOM   111 C  "C1'" . DA  A 1 6  ? -0.979  -5.161  -3.556  1.00 9.58  ? 6   DA  A "C1'" 1 
ATOM   112 N  N9    . DA  A 1 6  ? -1.700  -3.917  -3.234  1.00 5.31  ? 6   DA  A N9    1 
ATOM   113 C  C8    . DA  A 1 6  ? -2.951  -3.513  -3.315  1.00 13.94 ? 6   DA  A C8    1 
ATOM   114 N  N7    . DA  A 1 6  ? -3.170  -2.287  -2.834  1.00 24.36 ? 6   DA  A N7    1 
ATOM   115 C  C5    . DA  A 1 6  ? -1.898  -1.846  -2.482  1.00 13.97 ? 6   DA  A C5    1 
ATOM   116 C  C6    . DA  A 1 6  ? -1.433  -0.598  -1.987  1.00 22.40 ? 6   DA  A C6    1 
ATOM   117 N  N6    . DA  A 1 6  ? -2.215  0.447   -1.763  1.00 12.77 ? 6   DA  A N6    1 
ATOM   118 N  N1    . DA  A 1 6  ? -0.097  -0.531  -1.763  1.00 10.31 ? 6   DA  A N1    1 
ATOM   119 C  C2    . DA  A 1 6  ? 0.752   -1.536  -1.970  1.00 12.10 ? 6   DA  A C2    1 
ATOM   120 N  N3    . DA  A 1 6  ? 0.392   -2.722  -2.528  1.00 17.26 ? 6   DA  A N3    1 
ATOM   121 C  C4    . DA  A 1 6  ? -0.956  -2.821  -2.727  1.00 26.71 ? 6   DA  A C4    1 
ATOM   122 P  P     . DT  A 1 7  ? -0.302  -9.219  -2.735  1.00 29.95 ? 7   DT  A P     1 
ATOM   123 O  OP1   . DT  A 1 7  ? 0.319   -10.538 -3.125  1.00 31.07 ? 7   DT  A OP1   1 
ATOM   124 O  OP2   . DT  A 1 7  ? -1.727  -9.537  -2.156  1.00 32.34 ? 7   DT  A OP2   1 
ATOM   125 O  "O5'" . DT  A 1 7  ? 0.701   -8.534  -1.723  1.00 20.92 ? 7   DT  A "O5'" 1 
ATOM   126 C  "C5'" . DT  A 1 7  ? 1.988   -7.895  -2.039  1.00 44.19 ? 7   DT  A "C5'" 1 
ATOM   127 C  "C4'" . DT  A 1 7  ? 2.006   -6.931  -0.855  1.00 18.39 ? 7   DT  A "C4'" 1 
ATOM   128 O  "O4'" . DT  A 1 7  ? 0.865   -6.108  -0.852  1.00 30.07 ? 7   DT  A "O4'" 1 
ATOM   129 C  "C3'" . DT  A 1 7  ? 1.855   -7.590  0.507   1.00 9.91  ? 7   DT  A "C3'" 1 
ATOM   130 O  "O3'" . DT  A 1 7  ? 3.050   -8.012  0.971   1.00 26.14 ? 7   DT  A "O3'" 1 
ATOM   131 C  "C2'" . DT  A 1 7  ? 1.344   -6.440  1.448   1.00 17.66 ? 7   DT  A "C2'" 1 
ATOM   132 C  "C1'" . DT  A 1 7  ? 1.089   -5.394  0.423   1.00 8.78  ? 7   DT  A "C1'" 1 
ATOM   133 N  N1    . DT  A 1 7  ? -0.069  -4.516  0.632   1.00 18.76 ? 7   DT  A N1    1 
ATOM   134 C  C2    . DT  A 1 7  ? 0.350   -3.195  0.986   1.00 17.87 ? 7   DT  A C2    1 
ATOM   135 O  O2    . DT  A 1 7  ? 1.537   -2.923  1.208   1.00 23.70 ? 7   DT  A O2    1 
ATOM   136 N  N3    . DT  A 1 7  ? -0.620  -2.257  1.168   1.00 14.34 ? 7   DT  A N3    1 
ATOM   137 C  C4    . DT  A 1 7  ? -1.958  -2.535  1.064   1.00 15.29 ? 7   DT  A C4    1 
ATOM   138 O  O4    . DT  A 1 7  ? -2.751  -1.549  1.211   1.00 20.71 ? 7   DT  A O4    1 
ATOM   139 C  C5    . DT  A 1 7  ? -2.337  -3.862  0.718   1.00 6.25  ? 7   DT  A C5    1 
ATOM   140 C  C7    . DT  A 1 7  ? -3.793  -4.119  0.423   1.00 20.84 ? 7   DT  A C7    1 
ATOM   141 C  C6    . DT  A 1 7  ? -1.382  -4.773  0.491   1.00 14.67 ? 7   DT  A C6    1 
ATOM   142 P  P     . DT  A 1 8  ? 3.390   -8.430  2.513   1.00 31.56 ? 8   DT  A P     1 
ATOM   143 O  OP1   . DT  A 1 8  ? 4.828   -8.761  2.295   1.00 19.35 ? 8   DT  A OP1   1 
ATOM   144 O  OP2   . DT  A 1 8  ? 2.516   -9.566  2.793   1.00 58.80 ? 8   DT  A OP2   1 
ATOM   145 O  "O5'" . DT  A 1 8  ? 3.099   -7.017  3.253   1.00 28.69 ? 8   DT  A "O5'" 1 
ATOM   146 C  "C5'" . DT  A 1 8  ? 4.535   -6.407  3.208   1.00 32.64 ? 8   DT  A "C5'" 1 
ATOM   147 C  "C4'" . DT  A 1 8  ? 4.487   -5.134  4.011   1.00 13.08 ? 8   DT  A "C4'" 1 
ATOM   148 O  "O4'" . DT  A 1 8  ? 3.307   -4.447  3.718   1.00 11.14 ? 8   DT  A "O4'" 1 
ATOM   149 C  "C3'" . DT  A 1 8  ? 4.562   -5.427  5.552   1.00 5.76  ? 8   DT  A "C3'" 1 
ATOM   150 O  "O3'" . DT  A 1 8  ? 5.666   -4.816  6.158   1.00 44.00 ? 8   DT  A "O3'" 1 
ATOM   151 C  "C2'" . DT  A 1 8  ? 3.226   -4.917  6.038   1.00 9.40  ? 8   DT  A "C2'" 1 
ATOM   152 C  "C1'" . DT  A 1 8  ? 2.811   -3.904  4.976   1.00 26.49 ? 8   DT  A "C1'" 1 
ATOM   153 N  N1    . DT  A 1 8  ? 1.388   -3.705  4.835   1.00 21.96 ? 8   DT  A N1    1 
ATOM   154 C  C2    . DT  A 1 8  ? 0.822   -2.456  5.042   1.00 33.21 ? 8   DT  A C2    1 
ATOM   155 O  O2    . DT  A 1 8  ? 1.559   -1.502  5.306   1.00 33.39 ? 8   DT  A O2    1 
ATOM   156 N  N3    . DT  A 1 8  ? -0.534  -2.345  4.914   1.00 34.35 ? 8   DT  A N3    1 
ATOM   157 C  C4    . DT  A 1 8  ? -1.351  -3.389  4.534   1.00 22.31 ? 8   DT  A C4    1 
ATOM   158 O  O4    . DT  A 1 8  ? -2.591  -3.117  4.357   1.00 25.88 ? 8   DT  A O4    1 
ATOM   159 C  C5    . DT  A 1 8  ? -0.761  -4.654  4.387   1.00 22.65 ? 8   DT  A C5    1 
ATOM   160 C  C7    . DT  A 1 8  ? -1.424  -5.905  3.973   1.00 24.02 ? 8   DT  A C7    1 
ATOM   161 C  C6    . DT  A 1 8  ? 0.577   -4.770  4.525   1.00 27.37 ? 8   DT  A C6    1 
HETATM 162 N  N1    . 5CM A 1 9  ? 0.964   -2.106  8.854   1.00 36.11 ? 9   5CM A N1    1 
HETATM 163 C  C2    . 5CM A 1 9  ? -0.247  -1.449  8.636   1.00 39.71 ? 9   5CM A C2    1 
HETATM 164 N  N3    . 5CM A 1 9  ? -1.286  -2.219  8.220   1.00 35.59 ? 9   5CM A N3    1 
HETATM 165 C  C4    . 5CM A 1 9  ? -1.157  -3.556  8.007   1.00 24.58 ? 9   5CM A C4    1 
HETATM 166 C  C5    . 5CM A 1 9  ? 0.044   -4.216  8.289   1.00 27.64 ? 9   5CM A C5    1 
HETATM 167 C  C5A   . 5CM A 1 9  ? 0.237   -5.677  8.178   1.00 35.07 ? 9   5CM A C5A   1 
HETATM 168 C  C6    . 5CM A 1 9  ? 1.103   -3.454  8.643   1.00 35.33 ? 9   5CM A C6    1 
HETATM 169 O  O2    . 5CM A 1 9  ? -0.369  -0.241  8.800   1.00 28.57 ? 9   5CM A O2    1 
HETATM 170 N  N4    . 5CM A 1 9  ? -2.241  -4.245  7.637   1.00 39.41 ? 9   5CM A N4    1 
HETATM 171 C  "C1'" . 5CM A 1 9  ? 2.176   -1.362  9.165   1.00 44.82 ? 9   5CM A "C1'" 1 
HETATM 172 C  "C2'" . 5CM A 1 9  ? 2.885   -1.256  10.445  1.00 24.23 ? 9   5CM A "C2'" 1 
HETATM 173 C  "C3'" . 5CM A 1 9  ? 4.381   -1.580  10.078  1.00 54.19 ? 9   5CM A "C3'" 1 
HETATM 174 C  "C4'" . 5CM A 1 9  ? 4.365   -1.547  8.573   1.00 40.31 ? 9   5CM A "C4'" 1 
HETATM 175 O  "O4'" . 5CM A 1 9  ? 3.130   -2.276  8.376   1.00 33.43 ? 9   5CM A "O4'" 1 
HETATM 176 O  "O3'" . 5CM A 1 9  ? 5.328   -0.688  10.826  1.00 42.57 ? 9   5CM A "O3'" 1 
HETATM 177 C  "C5'" . 5CM A 1 9  ? 5.481   -2.232  7.825   1.00 39.76 ? 9   5CM A "C5'" 1 
HETATM 178 O  "O5'" . 5CM A 1 9  ? 5.377   -3.599  8.372   1.00 33.95 ? 9   5CM A "O5'" 1 
HETATM 179 P  P     . 5CM A 1 9  ? 6.149   -4.810  7.706   1.00 36.94 ? 9   5CM A P     1 
HETATM 180 O  OP1   . 5CM A 1 9  ? 7.623   -4.619  7.737   1.00 51.42 ? 9   5CM A OP1   1 
HETATM 181 O  OP2   . 5CM A 1 9  ? 5.583   -6.098  8.202   1.00 47.02 ? 9   5CM A OP2   1 
ATOM   182 P  P     . DG  A 1 10 ? 5.146   -1.135  12.401  1.00 80.73 ? 10  DG  A P     1 
ATOM   183 O  OP1   . DG  A 1 10 ? 6.494   -1.459  12.874  1.00 19.52 ? 10  DG  A OP1   1 
ATOM   184 O  OP2   . DG  A 1 10 ? 4.443   -2.521  12.214  1.00 63.71 ? 10  DG  A OP2   1 
ATOM   185 O  "O5'" . DG  A 1 10 ? 4.263   -0.061  13.194  1.00 54.36 ? 10  DG  A "O5'" 1 
ATOM   186 C  "C5'" . DG  A 1 10 ? 3.841   1.211   12.611  1.00 29.98 ? 10  DG  A "C5'" 1 
ATOM   187 C  "C4'" . DG  A 1 10 ? 2.652   1.730   13.363  1.00 38.11 ? 10  DG  A "C4'" 1 
ATOM   188 O  "O4'" . DG  A 1 10 ? 1.427   1.263   12.763  1.00 52.40 ? 10  DG  A "O4'" 1 
ATOM   189 C  "C3'" . DG  A 1 10 ? 2.505   1.289   14.811  1.00 42.69 ? 10  DG  A "C3'" 1 
ATOM   190 O  "O3'" . DG  A 1 10 ? 1.717   2.209   15.574  1.00 59.46 ? 10  DG  A "O3'" 1 
ATOM   191 C  "C2'" . DG  A 1 10 ? 1.837   -0.070  14.629  1.00 25.46 ? 10  DG  A "C2'" 1 
ATOM   192 C  "C1'" . DG  A 1 10 ? 0.744   0.365   13.660  1.00 23.15 ? 10  DG  A "C1'" 1 
ATOM   193 N  N9    . DG  A 1 10 ? 0.193   -0.831  13.065  1.00 26.90 ? 10  DG  A N9    1 
ATOM   194 C  C8    . DG  A 1 10 ? 0.833   -2.056  13.038  1.00 39.39 ? 10  DG  A C8    1 
ATOM   195 N  N7    . DG  A 1 10 ? 0.125   -3.013  12.448  1.00 33.26 ? 10  DG  A N7    1 
ATOM   196 C  C5    . DG  A 1 10 ? -1.079  -2.374  12.140  1.00 25.20 ? 10  DG  A C5    1 
ATOM   197 C  C6    . DG  A 1 10 ? -2.232  -2.863  11.490  1.00 34.37 ? 10  DG  A C6    1 
ATOM   198 O  O6    . DG  A 1 10 ? -2.460  -4.032  11.043  1.00 38.64 ? 10  DG  A O6    1 
ATOM   199 N  N1    . DG  A 1 10 ? -3.206  -1.903  11.311  1.00 19.82 ? 10  DG  A N1    1 
ATOM   200 C  C2    . DG  A 1 10 ? -3.053  -0.625  11.697  1.00 23.61 ? 10  DG  A C2    1 
ATOM   201 N  N2    . DG  A 1 10 ? -4.065  0.135   11.298  1.00 20.96 ? 10  DG  A N2    1 
ATOM   202 N  N3    . DG  A 1 10 ? -1.988  -0.113  12.295  1.00 35.94 ? 10  DG  A N3    1 
ATOM   203 C  C4    . DG  A 1 10 ? -1.010  -1.033  12.445  1.00 25.66 ? 10  DG  A C4    1 
ATOM   204 P  P     . DC  A 1 11 ? 2.341   3.115   16.801  1.00 40.91 ? 11  DC  A P     1 
ATOM   205 O  OP1   . DC  A 1 11 ? 3.576   3.795   16.200  1.00 51.08 ? 11  DC  A OP1   1 
ATOM   206 O  OP2   . DC  A 1 11 ? 2.656   2.071   17.791  1.00 26.61 ? 11  DC  A OP2   1 
ATOM   207 O  "O5'" . DC  A 1 11 ? 1.162   4.165   17.073  1.00 33.08 ? 11  DC  A "O5'" 1 
ATOM   208 C  "C5'" . DC  A 1 11 ? 0.872   4.906   15.843  1.00 50.99 ? 11  DC  A "C5'" 1 
ATOM   209 C  "C4'" . DC  A 1 11 ? -0.553  4.772   15.353  1.00 48.52 ? 11  DC  A "C4'" 1 
ATOM   210 O  "O4'" . DC  A 1 11 ? -0.964  3.446   15.101  1.00 50.22 ? 11  DC  A "O4'" 1 
ATOM   211 C  "C3'" . DC  A 1 11 ? -1.601  5.247   16.382  1.00 46.95 ? 11  DC  A "C3'" 1 
ATOM   212 O  "O3'" . DC  A 1 11 ? -2.592  5.942   15.614  1.00 59.18 ? 11  DC  A "O3'" 1 
ATOM   213 C  "C2'" . DC  A 1 11 ? -1.875  3.914   17.071  1.00 40.28 ? 11  DC  A "C2'" 1 
ATOM   214 C  "C1'" . DC  A 1 11 ? -2.128  3.024   15.856  1.00 23.57 ? 11  DC  A "C1'" 1 
ATOM   215 N  N1    . DC  A 1 11 ? -2.148  1.568   16.060  1.00 31.76 ? 11  DC  A N1    1 
ATOM   216 C  C2    . DC  A 1 11 ? -3.117  0.747   15.443  1.00 17.69 ? 11  DC  A C2    1 
ATOM   217 O  O2    . DC  A 1 11 ? -3.997  1.304   14.746  1.00 34.10 ? 11  DC  A O2    1 
ATOM   218 N  N3    . DC  A 1 11 ? -2.969  -0.565  15.544  1.00 8.39  ? 11  DC  A N3    1 
ATOM   219 C  C4    . DC  A 1 11 ? -2.078  -1.190  16.300  1.00 17.66 ? 11  DC  A C4    1 
ATOM   220 N  N4    . DC  A 1 11 ? -2.026  -2.499  16.608  1.00 25.89 ? 11  DC  A N4    1 
ATOM   221 C  C5    . DC  A 1 11 ? -1.093  -0.386  16.928  1.00 31.49 ? 11  DC  A C5    1 
ATOM   222 C  C6    . DC  A 1 11 ? -1.155  0.952   16.756  1.00 26.51 ? 11  DC  A C6    1 
ATOM   223 P  P     . DG  A 1 12 ? -3.749  6.866   16.251  1.00 58.92 ? 12  DG  A P     1 
ATOM   224 O  OP1   . DG  A 1 12 ? -4.052  8.065   15.418  1.00 51.22 ? 12  DG  A OP1   1 
ATOM   225 O  OP2   . DG  A 1 12 ? -3.129  7.236   17.568  1.00 61.55 ? 12  DG  A OP2   1 
ATOM   226 O  "O5'" . DG  A 1 12 ? -5.073  5.956   16.254  1.00 56.54 ? 12  DG  A "O5'" 1 
ATOM   227 C  "C5'" . DG  A 1 12 ? -6.317  6.406   16.867  1.00 56.03 ? 12  DG  A "C5'" 1 
ATOM   228 C  "C4'" . DG  A 1 12 ? -6.940  5.302   17.698  1.00 50.10 ? 12  DG  A "C4'" 1 
ATOM   229 O  "O4'" . DG  A 1 12 ? -6.231  4.070   17.419  1.00 24.18 ? 12  DG  A "O4'" 1 
ATOM   230 C  "C3'" . DG  A 1 12 ? -6.861  5.412   19.225  1.00 39.05 ? 12  DG  A "C3'" 1 
ATOM   231 O  "O3'" . DG  A 1 12 ? -7.847  6.231   19.877  1.00 60.29 ? 12  DG  A "O3'" 1 
ATOM   232 C  "C2'" . DG  A 1 12 ? -7.004  3.964   19.709  1.00 22.04 ? 12  DG  A "C2'" 1 
ATOM   233 C  "C1'" . DG  A 1 12 ? -6.671  3.194   18.441  1.00 20.40 ? 12  DG  A "C1'" 1 
ATOM   234 N  N9    . DG  A 1 12 ? -5.611  2.235   18.717  1.00 23.22 ? 12  DG  A N9    1 
ATOM   235 C  C8    . DG  A 1 12 ? -4.469  2.405   19.441  1.00 26.49 ? 12  DG  A C8    1 
ATOM   236 N  N7    . DG  A 1 12 ? -3.815  1.311   19.646  1.00 24.53 ? 12  DG  A N7    1 
ATOM   237 C  C5    . DG  A 1 12 ? -4.520  0.362   18.889  1.00 26.03 ? 12  DG  A C5    1 
ATOM   238 C  C6    . DG  A 1 12 ? -4.302  -1.033  18.672  1.00 25.76 ? 12  DG  A C6    1 
ATOM   239 O  O6    . DG  A 1 12 ? -3.314  -1.646  19.122  1.00 28.25 ? 12  DG  A O6    1 
ATOM   240 N  N1    . DG  A 1 12 ? -5.323  -1.671  18.011  1.00 24.29 ? 12  DG  A N1    1 
ATOM   241 C  C2    . DG  A 1 12 ? -6.428  -0.987  17.555  1.00 26.29 ? 12  DG  A C2    1 
ATOM   242 N  N2    . DG  A 1 12 ? -7.310  -1.661  16.778  1.00 39.54 ? 12  DG  A N2    1 
ATOM   243 N  N3    . DG  A 1 12 ? -6.693  0.280   17.739  1.00 28.08 ? 12  DG  A N3    1 
ATOM   244 C  C4    . DG  A 1 12 ? -5.686  0.906   18.417  1.00 27.44 ? 12  DG  A C4    1 
ATOM   245 O  "O5'" . DC  B 1 1  ? -6.876  -10.681 16.299  1.00 62.48 ? 13  DC  B "O5'" 1 
ATOM   246 C  "C5'" . DC  B 1 1  ? -8.176  -10.499 16.986  1.00 19.81 ? 13  DC  B "C5'" 1 
ATOM   247 C  "C4'" . DC  B 1 1  ? -8.577  -9.145  16.541  1.00 39.91 ? 13  DC  B "C4'" 1 
ATOM   248 O  "O4'" . DC  B 1 1  ? -8.100  -8.046  17.380  1.00 32.50 ? 13  DC  B "O4'" 1 
ATOM   249 C  "C3'" . DC  B 1 1  ? -8.011  -8.955  15.133  1.00 10.77 ? 13  DC  B "C3'" 1 
ATOM   250 O  "O3'" . DC  B 1 1  ? -8.956  -8.268  14.376  1.00 28.14 ? 13  DC  B "O3'" 1 
ATOM   251 C  "C2'" . DC  B 1 1  ? -6.760  -8.155  15.469  1.00 38.20 ? 13  DC  B "C2'" 1 
ATOM   252 C  "C1'" . DC  B 1 1  ? -7.447  -7.180  16.473  1.00 23.92 ? 13  DC  B "C1'" 1 
ATOM   253 N  N1    . DC  B 1 1  ? -6.407  -6.388  17.027  1.00 16.94 ? 13  DC  B N1    1 
ATOM   254 C  C2    . DC  B 1 1  ? -6.465  -4.994  16.885  1.00 13.19 ? 13  DC  B C2    1 
ATOM   255 O  O2    . DC  B 1 1  ? -7.394  -4.530  16.299  1.00 28.89 ? 13  DC  B O2    1 
ATOM   256 N  N3    . DC  B 1 1  ? -5.448  -4.251  17.404  1.00 27.75 ? 13  DC  B N3    1 
ATOM   257 C  C4    . DC  B 1 1  ? -4.408  -4.830  18.061  1.00 33.00 ? 13  DC  B C4    1 
ATOM   258 N  N4    . DC  B 1 1  ? -3.420  -4.090  18.575  1.00 44.22 ? 13  DC  B N4    1 
ATOM   259 C  C5    . DC  B 1 1  ? -4.354  -6.248  18.243  1.00 36.99 ? 13  DC  B C5    1 
ATOM   260 C  C6    . DC  B 1 1  ? -5.388  -6.990  17.714  1.00 27.54 ? 13  DC  B C6    1 
ATOM   261 P  P     . DG  B 1 2  ? -9.739  -9.021  13.212  1.00 40.56 ? 14  DG  B P     1 
ATOM   262 O  OP1   . DG  B 1 2  ? -10.621 -10.114 13.799  1.00 61.03 ? 14  DG  B OP1   1 
ATOM   263 O  OP2   . DG  B 1 2  ? -8.692  -9.529  12.379  1.00 40.00 ? 14  DG  B OP2   1 
ATOM   264 O  "O5'" . DG  B 1 2  ? -10.715 -7.891  12.617  1.00 39.84 ? 14  DG  B "O5'" 1 
ATOM   265 C  "C5'" . DG  B 1 2  ? -11.572 -7.139  13.510  1.00 29.97 ? 14  DG  B "C5'" 1 
ATOM   266 C  "C4'" . DG  B 1 2  ? -11.183 -5.684  13.186  1.00 35.42 ? 14  DG  B "C4'" 1 
ATOM   267 O  "O4'" . DG  B 1 2  ? -9.987  -5.358  13.850  1.00 34.54 ? 14  DG  B "O4'" 1 
ATOM   268 C  "C3'" . DG  B 1 2  ? -10.978 -5.501  11.694  1.00 19.29 ? 14  DG  B "C3'" 1 
ATOM   269 O  "O3'" . DG  B 1 2  ? -11.847 -4.644  11.072  1.00 16.21 ? 14  DG  B "O3'" 1 
ATOM   270 C  "C2'" . DG  B 1 2  ? -9.548  -4.919  11.556  1.00 28.06 ? 14  DG  B "C2'" 1 
ATOM   271 C  "C1'" . DG  B 1 2  ? -9.235  -4.540  12.918  1.00 25.35 ? 14  DG  B "C1'" 1 
ATOM   272 N  N9    . DG  B 1 2  ? -7.760  -4.721  13.175  1.00 21.26 ? 14  DG  B N9    1 
ATOM   273 C  C8    . DG  B 1 2  ? -6.971  -5.760  13.243  1.00 32.66 ? 14  DG  B C8    1 
ATOM   274 N  N7    . DG  B 1 2  ? -5.740  -5.485  13.532  1.00 32.16 ? 14  DG  B N7    1 
ATOM   275 C  C5    . DG  B 1 2  ? -5.724  -4.101  13.677  1.00 31.05 ? 14  DG  B C5    1 
ATOM   276 C  C6    . DG  B 1 2  ? -4.675  -3.188  14.032  1.00 22.57 ? 14  DG  B C6    1 
ATOM   277 O  O6    . DG  B 1 2  ? -3.464  -3.450  14.275  1.00 26.79 ? 14  DG  B O6    1 
ATOM   278 N  N1    . DG  B 1 2  ? -5.077  -1.925  14.097  1.00 15.48 ? 14  DG  B N1    1 
ATOM   279 C  C2    . DG  B 1 2  ? -6.336  -1.486  13.851  1.00 27.68 ? 14  DG  B C2    1 
ATOM   280 N  N2    . DG  B 1 2  ? -6.512  -0.107  13.920  1.00 28.82 ? 14  DG  B N2    1 
ATOM   281 N  N3    . DG  B 1 2  ? -7.352  -2.279  13.522  1.00 21.33 ? 14  DG  B N3    1 
ATOM   282 C  C4    . DG  B 1 2  ? -6.945  -3.588  13.421  1.00 23.79 ? 14  DG  B C4    1 
ATOM   283 P  P     . DC  B 1 3  ? -12.532 -4.135  9.787   1.00 33.74 ? 15  DC  B P     1 
ATOM   284 O  OP1   . DC  B 1 3  ? -14.005 -4.273  10.018  1.00 32.48 ? 15  DC  B OP1   1 
ATOM   285 O  OP2   . DC  B 1 3  ? -12.003 -4.830  8.594   1.00 33.42 ? 15  DC  B OP2   1 
ATOM   286 O  "O5'" . DC  B 1 3  ? -11.799 -2.673  9.710   1.00 20.37 ? 15  DC  B "O5'" 1 
ATOM   287 C  "C5'" . DC  B 1 3  ? -12.385 -1.453  10.126  1.00 14.87 ? 15  DC  B "C5'" 1 
ATOM   288 C  "C4'" . DC  B 1 3  ? -11.187 -0.508  10.282  1.00 16.40 ? 15  DC  B "C4'" 1 
ATOM   289 O  "O4'" . DC  B 1 3  ? -10.076 -1.213  10.842  1.00 23.94 ? 15  DC  B "O4'" 1 
ATOM   290 C  "C3'" . DC  B 1 3  ? -10.824 -0.028  8.914   1.00 18.56 ? 15  DC  B "C3'" 1 
ATOM   291 O  "O3'" . DC  B 1 3  ? -11.357 1.236   8.582   1.00 38.06 ? 15  DC  B "O3'" 1 
ATOM   292 C  "C2'" . DC  B 1 3  ? -9.279  0.029   8.941   1.00 30.96 ? 15  DC  B "C2'" 1 
ATOM   293 C  "C1'" . DC  B 1 3  ? -8.877  -0.689  10.192  1.00 18.51 ? 15  DC  B "C1'" 1 
ATOM   294 N  N1    . DC  B 1 3  ? -7.931  -1.795  10.017  1.00 18.00 ? 15  DC  B N1    1 
ATOM   295 C  C2    . DC  B 1 3  ? -6.631  -1.407  10.358  1.00 19.07 ? 15  DC  B C2    1 
ATOM   296 O  O2    . DC  B 1 3  ? -6.372  -0.232  10.772  1.00 15.04 ? 15  DC  B O2    1 
ATOM   297 N  N3    . DC  B 1 3  ? -5.691  -2.373  10.325  1.00 22.29 ? 15  DC  B N3    1 
ATOM   298 C  C4    . DC  B 1 3  ? -5.956  -3.676  9.946   1.00 20.84 ? 15  DC  B C4    1 
ATOM   299 N  N4    . DC  B 1 3  ? -4.895  -4.464  10.043  1.00 18.40 ? 15  DC  B N4    1 
ATOM   300 C  C5    . DC  B 1 3  ? -7.268  -4.069  9.589   1.00 6.13  ? 15  DC  B C5    1 
ATOM   301 C  C6    . DC  B 1 3  ? -8.197  -3.083  9.610   1.00 17.93 ? 15  DC  B C6    1 
ATOM   302 P  P     . DG  B 1 4  ? -11.572 1.551   7.011   1.00 30.39 ? 16  DG  B P     1 
ATOM   303 O  OP1   . DG  B 1 4  ? -12.942 2.140   7.006   1.00 49.95 ? 16  DG  B OP1   1 
ATOM   304 O  OP2   . DG  B 1 4  ? -11.203 0.393   6.262   1.00 28.60 ? 16  DG  B OP2   1 
ATOM   305 O  "O5'" . DG  B 1 4  ? -10.544 2.753   6.751   1.00 37.22 ? 16  DG  B "O5'" 1 
ATOM   306 C  "C5'" . DG  B 1 4  ? -10.372 3.704   7.753   1.00 28.97 ? 16  DG  B "C5'" 1 
ATOM   307 C  "C4'" . DG  B 1 4  ? -8.873  4.033   7.866   1.00 41.07 ? 16  DG  B "C4'" 1 
ATOM   308 O  "O4'" . DG  B 1 4  ? -8.072  2.936   8.226   1.00 26.37 ? 16  DG  B "O4'" 1 
ATOM   309 C  "C3'" . DG  B 1 4  ? -8.275  4.509   6.544   1.00 34.44 ? 16  DG  B "C3'" 1 
ATOM   310 O  "O3'" . DG  B 1 4  ? -7.550  5.675   6.850   1.00 46.63 ? 16  DG  B "O3'" 1 
ATOM   311 C  "C2'" . DG  B 1 4  ? -7.481  3.273   6.069   1.00 17.60 ? 16  DG  B "C2'" 1 
ATOM   312 C  "C1'" . DG  B 1 4  ? -6.921  2.860   7.389   1.00 29.29 ? 16  DG  B "C1'" 1 
ATOM   313 N  N9    . DG  B 1 4  ? -6.456  1.514   7.242   1.00 20.17 ? 16  DG  B N9    1 
ATOM   314 C  C8    . DG  B 1 4  ? -7.181  0.581   6.654   1.00 5.05  ? 16  DG  B C8    1 
ATOM   315 N  N7    . DG  B 1 4  ? -6.587  -0.613  6.582   1.00 40.05 ? 16  DG  B N7    1 
ATOM   316 C  C5    . DG  B 1 4  ? -5.345  -0.415  7.151   1.00 9.62  ? 16  DG  B C5    1 
ATOM   317 C  C6    . DG  B 1 4  ? -4.280  -1.272  7.414   1.00 24.94 ? 16  DG  B C6    1 
ATOM   318 O  O6    . DG  B 1 4  ? -4.174  -2.487  7.207   1.00 30.45 ? 16  DG  B O6    1 
ATOM   319 N  N1    . DG  B 1 4  ? -3.181  -0.654  8.050   1.00 26.66 ? 16  DG  B N1    1 
ATOM   320 C  C2    . DG  B 1 4  ? -3.248  0.626   8.426   1.00 19.07 ? 16  DG  B C2    1 
ATOM   321 N  N2    . DG  B 1 4  ? -2.131  1.057   9.013   1.00 17.31 ? 16  DG  B N2    1 
ATOM   322 N  N3    . DG  B 1 4  ? -4.255  1.494   8.247   1.00 29.25 ? 16  DG  B N3    1 
ATOM   323 C  C4    . DG  B 1 4  ? -5.274  0.898   7.604   1.00 31.24 ? 16  DG  B C4    1 
ATOM   324 P  P     . DA  B 1 5  ? -7.253  6.806   5.694   1.00 37.88 ? 17  DA  B P     1 
ATOM   325 O  OP1   . DA  B 1 5  ? -8.240  7.935   5.753   1.00 40.86 ? 17  DA  B OP1   1 
ATOM   326 O  OP2   . DA  B 1 5  ? -7.561  6.042   4.447   1.00 54.09 ? 17  DA  B OP2   1 
ATOM   327 O  "O5'" . DA  B 1 5  ? -5.763  7.040   6.143   1.00 38.95 ? 17  DA  B "O5'" 1 
ATOM   328 C  "C5'" . DA  B 1 5  ? -5.164  6.231   7.147   1.00 13.70 ? 17  DA  B "C5'" 1 
ATOM   329 C  "C4'" . DA  B 1 5  ? -3.731  6.451   7.280   1.00 17.13 ? 17  DA  B "C4'" 1 
ATOM   330 O  "O4'" . DA  B 1 5  ? -2.941  5.216   7.303   1.00 33.96 ? 17  DA  B "O4'" 1 
ATOM   331 C  "C3'" . DA  B 1 5  ? -2.961  7.139   6.123   1.00 45.07 ? 17  DA  B "C3'" 1 
ATOM   332 O  "O3'" . DA  B 1 5  ? -1.661  7.463   6.608   1.00 68.64 ? 17  DA  B "O3'" 1 
ATOM   333 C  "C2'" . DA  B 1 5  ? -3.086  6.030   5.107   1.00 28.40 ? 17  DA  B "C2'" 1 
ATOM   334 C  "C1'" . DA  B 1 5  ? -2.461  4.915   5.998   1.00 24.16 ? 17  DA  B "C1'" 1 
ATOM   335 N  N9    . DA  B 1 5  ? -2.932  3.678   5.428   1.00 26.88 ? 17  DA  B N9    1 
ATOM   336 C  C8    . DA  B 1 5  ? -4.195  3.531   4.865   1.00 29.34 ? 17  DA  B C8    1 
ATOM   337 N  N7    . DA  B 1 5  ? -4.479  2.314   4.444   1.00 9.86  ? 17  DA  B N7    1 
ATOM   338 C  C5    . DA  B 1 5  ? -3.350  1.555   4.844   1.00 2.03  ? 17  DA  B C5    1 
ATOM   339 C  C6    . DA  B 1 5  ? -2.986  0.260   4.655   1.00 14.99 ? 17  DA  B C6    1 
ATOM   340 N  N6    . DA  B 1 5  ? -3.772  -0.685  4.141   1.00 35.51 ? 17  DA  B N6    1 
ATOM   341 N  N1    . DA  B 1 5  ? -1.767  -0.104  5.165   1.00 23.88 ? 17  DA  B N1    1 
ATOM   342 C  C2    . DA  B 1 5  ? -0.936  0.777   5.798   1.00 20.20 ? 17  DA  B C2    1 
ATOM   343 N  N3    . DA  B 1 5  ? -1.183  2.113   5.941   1.00 37.75 ? 17  DA  B N3    1 
ATOM   344 C  C4    . DA  B 1 5  ? -2.394  2.425   5.415   1.00 31.48 ? 17  DA  B C4    1 
ATOM   345 P  P     . DA  B 1 6  ? -0.464  8.486   6.141   1.00 27.11 ? 18  DA  B P     1 
ATOM   346 O  OP1   . DA  B 1 6  ? 0.081   9.202   7.385   1.00 34.74 ? 18  DA  B OP1   1 
ATOM   347 O  OP2   . DA  B 1 6  ? -1.232  9.295   5.197   1.00 31.75 ? 18  DA  B OP2   1 
ATOM   348 O  "O5'" . DA  B 1 6  ? 0.624   7.418   5.792   1.00 18.61 ? 18  DA  B "O5'" 1 
ATOM   349 C  "C5'" . DA  B 1 6  ? 0.967   6.475   6.861   1.00 30.12 ? 18  DA  B "C5'" 1 
ATOM   350 C  "C4'" . DA  B 1 6  ? 1.939   5.489   6.206   1.00 36.28 ? 18  DA  B "C4'" 1 
ATOM   351 O  "O4'" . DA  B 1 6  ? 1.167   4.494   5.606   1.00 35.26 ? 18  DA  B "O4'" 1 
ATOM   352 C  "C3'" . DA  B 1 6  ? 2.869   6.095   5.118   1.00 26.31 ? 18  DA  B "C3'" 1 
ATOM   353 O  "O3'" . DA  B 1 6  ? 4.201   5.840   5.464   1.00 44.83 ? 18  DA  B "O3'" 1 
ATOM   354 C  "C2'" . DA  B 1 6  ? 2.372   5.395   3.868   1.00 53.47 ? 18  DA  B "C2'" 1 
ATOM   355 C  "C1'" . DA  B 1 6  ? 1.665   4.141   4.328   1.00 20.77 ? 18  DA  B "C1'" 1 
ATOM   356 N  N9    . DA  B 1 6  ? 0.537   3.748   3.463   1.00 27.78 ? 18  DA  B N9    1 
ATOM   357 C  C8    . DA  B 1 6  ? -0.475  4.455   2.937   1.00 20.89 ? 18  DA  B C8    1 
ATOM   358 N  N7    . DA  B 1 6  ? -1.374  3.705   2.249   1.00 23.84 ? 18  DA  B N7    1 
ATOM   359 C  C5    . DA  B 1 6  ? -0.834  2.410   2.406   1.00 14.37 ? 18  DA  B C5    1 
ATOM   360 C  C6    . DA  B 1 6  ? -1.271  1.152   1.850   1.00 21.04 ? 18  DA  B C6    1 
ATOM   361 N  N6    . DA  B 1 6  ? -2.351  0.985   1.126   1.00 20.43 ? 18  DA  B N6    1 
ATOM   362 N  N1    . DA  B 1 6  ? -0.501  0.113   2.107   1.00 10.34 ? 18  DA  B N1    1 
ATOM   363 C  C2    . DA  B 1 6  ? 0.628   0.151   2.937   1.00 22.19 ? 18  DA  B C2    1 
ATOM   364 N  N3    . DA  B 1 6  ? 1.083   1.316   3.469   1.00 18.52 ? 18  DA  B N3    1 
ATOM   365 C  C4    . DA  B 1 6  ? 0.326   2.391   3.112   1.00 11.49 ? 18  DA  B C4    1 
ATOM   366 P  P     . DT  B 1 7  ? 5.570   5.916   4.653   1.00 38.16 ? 19  DT  B P     1 
ATOM   367 O  OP1   . DT  B 1 7  ? 6.675   5.963   5.676   1.00 36.07 ? 19  DT  B OP1   1 
ATOM   368 O  OP2   . DT  B 1 7  ? 5.191   7.065   3.722   1.00 36.10 ? 19  DT  B OP2   1 
ATOM   369 O  "O5'" . DT  B 1 7  ? 5.860   4.661   3.749   1.00 39.36 ? 19  DT  B "O5'" 1 
ATOM   370 C  "C5'" . DT  B 1 7  ? 6.150   3.343   4.349   1.00 42.65 ? 19  DT  B "C5'" 1 
ATOM   371 C  "C4'" . DT  B 1 7  ? 5.848   2.550   3.098   1.00 61.16 ? 19  DT  B "C4'" 1 
ATOM   372 O  "O4'" . DT  B 1 7  ? 4.444   2.683   2.807   1.00 46.76 ? 19  DT  B "O4'" 1 
ATOM   373 C  "C3'" . DT  B 1 7  ? 6.579   2.971   1.786   1.00 28.12 ? 19  DT  B "C3'" 1 
ATOM   374 O  "O3'" . DT  B 1 7  ? 7.667   2.097   1.703   1.00 46.06 ? 19  DT  B "O3'" 1 
ATOM   375 C  "C2'" . DT  B 1 7  ? 5.518   2.854   0.717   1.00 32.26 ? 19  DT  B "C2'" 1 
ATOM   376 C  "C1'" . DT  B 1 7  ? 4.379   2.101   1.501   1.00 26.23 ? 19  DT  B "C1'" 1 
ATOM   377 N  N1    . DT  B 1 7  ? 3.134   2.232   0.755   1.00 14.86 ? 19  DT  B N1    1 
ATOM   378 C  C2    . DT  B 1 7  ? 2.629   1.054   0.142   1.00 21.63 ? 19  DT  B C2    1 
ATOM   379 O  O2    . DT  B 1 7  ? 3.233   -0.029  0.396   1.00 18.02 ? 19  DT  B O2    1 
ATOM   380 N  N3    . DT  B 1 7  ? 1.533   1.182   -0.613  1.00 15.86 ? 19  DT  B N3    1 
ATOM   381 C  C4    . DT  B 1 7  ? 0.870   2.383   -0.761  1.00 28.63 ? 19  DT  B C4    1 
ATOM   382 O  O4    . DT  B 1 7  ? -0.170  2.543   -1.487  1.00 35.91 ? 19  DT  B O4    1 
ATOM   383 C  C5    . DT  B 1 7  ? 1.421   3.567   -0.158  1.00 21.61 ? 19  DT  B C5    1 
ATOM   384 C  C7    . DT  B 1 7  ? 0.826   4.925   -0.350  1.00 15.12 ? 19  DT  B C7    1 
ATOM   385 C  C6    . DT  B 1 7  ? 2.526   3.420   0.573   1.00 19.35 ? 19  DT  B C6    1 
ATOM   386 P  P     . DT  B 1 8  ? 8.665   1.842   0.476   1.00 37.49 ? 20  DT  B P     1 
ATOM   387 O  OP1   . DT  B 1 8  ? 10.040  1.468   1.065   1.00 47.91 ? 20  DT  B OP1   1 
ATOM   388 O  OP2   . DT  B 1 8  ? 8.717   3.202   -0.133  1.00 49.88 ? 20  DT  B OP2   1 
ATOM   389 O  "O5'" . DT  B 1 8  ? 8.011   0.648   -0.258  1.00 39.99 ? 20  DT  B "O5'" 1 
ATOM   390 C  "C5'" . DT  B 1 8  ? 7.980   -0.756  0.172   1.00 34.50 ? 20  DT  B "C5'" 1 
ATOM   391 C  "C4'" . DT  B 1 8  ? 7.202   -1.465  -0.934  1.00 22.84 ? 20  DT  B "C4'" 1 
ATOM   392 O  "O4'" . DT  B 1 8  ? 6.012   -0.796  -1.327  1.00 24.88 ? 20  DT  B "O4'" 1 
ATOM   393 C  "C3'" . DT  B 1 8  ? 8.057   -1.564  -2.211  1.00 27.43 ? 20  DT  B "C3'" 1 
ATOM   394 O  "O3'" . DT  B 1 8  ? 8.003   -2.939  -2.604  1.00 44.29 ? 20  DT  B "O3'" 1 
ATOM   395 C  "C2'" . DT  B 1 8  ? 7.501   -0.582  -3.219  1.00 13.56 ? 20  DT  B "C2'" 1 
ATOM   396 C  "C1'" . DT  B 1 8  ? 6.084   -0.719  -2.831  1.00 30.57 ? 20  DT  B "C1'" 1 
ATOM   397 N  N1    . DT  B 1 8  ? 5.147   0.336   -3.162  1.00 25.64 ? 20  DT  B N1    1 
ATOM   398 C  C2    . DT  B 1 8  ? 3.837   -0.213  -3.507  1.00 21.02 ? 20  DT  B C2    1 
ATOM   399 O  O2    . DT  B 1 8  ? 3.735   -1.415  -3.668  1.00 16.10 ? 20  DT  B O2    1 
ATOM   400 N  N3    . DT  B 1 8  ? 2.817   0.659   -3.721  1.00 21.71 ? 20  DT  B N3    1 
ATOM   401 C  C4    . DT  B 1 8  ? 3.000   2.033   -3.629  1.00 30.13 ? 20  DT  B C4    1 
ATOM   402 O  O4    . DT  B 1 8  ? 2.057   2.779   -3.880  1.00 23.09 ? 20  DT  B O4    1 
ATOM   403 C  C5    . DT  B 1 8  ? 4.278   2.535   -3.214  1.00 23.58 ? 20  DT  B C5    1 
ATOM   404 C  C7    . DT  B 1 8  ? 4.533   3.999   -2.987  1.00 34.68 ? 20  DT  B C7    1 
ATOM   405 C  C6    . DT  B 1 8  ? 5.264   1.649   -2.945  1.00 24.20 ? 20  DT  B C6    1 
HETATM 406 N  N1    . 5CM B 1 9  ? 4.852   -1.433  -7.309  1.00 22.78 ? 21  5CM B N1    1 
HETATM 407 C  C2    . 5CM B 1 9  ? 3.540   -1.113  -7.682  1.00 17.61 ? 21  5CM B C2    1 
HETATM 408 N  N3    . 5CM B 1 9  ? 3.103   0.160   -7.559  1.00 28.43 ? 21  5CM B N3    1 
HETATM 409 C  C4    . 5CM B 1 9  ? 3.954   1.155   -7.017  1.00 12.93 ? 21  5CM B C4    1 
HETATM 410 C  C5    . 5CM B 1 9  ? 5.255   0.806   -6.597  1.00 31.83 ? 21  5CM B C5    1 
HETATM 411 C  C5A   . 5CM B 1 9  ? 6.145   1.880   -6.026  1.00 42.92 ? 21  5CM B C5A   1 
HETATM 412 C  C6    . 5CM B 1 9  ? 5.698   -0.470  -6.752  1.00 26.76 ? 21  5CM B C6    1 
HETATM 413 O  O2    . 5CM B 1 9  ? 2.891   -2.009  -8.185  1.00 34.16 ? 21  5CM B O2    1 
HETATM 414 N  N4    . 5CM B 1 9  ? 3.451   2.385   -6.883  1.00 22.66 ? 21  5CM B N4    1 
HETATM 415 C  "C1'" . 5CM B 1 9  ? 5.235   -2.844  -7.314  1.00 18.17 ? 21  5CM B "C1'" 1 
HETATM 416 C  "C2'" . 5CM B 1 9  ? 6.427   -3.309  -8.043  1.00 30.29 ? 21  5CM B "C2'" 1 
HETATM 417 C  "C3'" . 5CM B 1 9  ? 6.752   -4.589  -7.313  1.00 29.26 ? 21  5CM B "C3'" 1 
HETATM 418 C  "C4'" . 5CM B 1 9  ? 6.101   -4.471  -5.929  1.00 7.49  ? 21  5CM B "C4'" 1 
HETATM 419 O  "O4'" . 5CM B 1 9  ? 5.643   -3.171  -5.924  1.00 16.36 ? 21  5CM B "O4'" 1 
HETATM 420 O  "O3'" . 5CM B 1 9  ? 6.319   -5.830  -7.928  1.00 34.39 ? 21  5CM B "O3'" 1 
HETATM 421 C  "C5'" . 5CM B 1 9  ? 7.158   -4.846  -4.866  1.00 24.34 ? 21  5CM B "C5'" 1 
HETATM 422 O  "O5'" . 5CM B 1 9  ? 7.971   -3.643  -4.910  1.00 54.48 ? 21  5CM B "O5'" 1 
HETATM 423 P  P     . 5CM B 1 9  ? 9.079   -3.237  -3.811  1.00 43.32 ? 21  5CM B P     1 
HETATM 424 O  OP1   . 5CM B 1 9  ? 9.920   -4.299  -3.340  1.00 36.87 ? 21  5CM B OP1   1 
HETATM 425 O  OP2   . 5CM B 1 9  ? 9.629   -1.920  -4.008  1.00 36.25 ? 21  5CM B OP2   1 
ATOM   426 P  P     . DG  B 1 10 ? 7.201   -6.139  -9.199  1.00 28.66 ? 22  DG  B P     1 
ATOM   427 O  OP1   . DG  B 1 10 ? 7.583   -7.586  -9.315  1.00 38.81 ? 22  DG  B OP1   1 
ATOM   428 O  OP2   . DG  B 1 10 ? 8.538   -5.489  -9.340  1.00 40.23 ? 22  DG  B OP2   1 
ATOM   429 O  "O5'" . DG  B 1 10 ? 6.161   -5.444  -10.196 1.00 38.09 ? 22  DG  B "O5'" 1 
ATOM   430 C  "C5'" . DG  B 1 10 ? 4.797   -5.867  -10.235 1.00 29.38 ? 22  DG  B "C5'" 1 
ATOM   431 C  "C4'" . DG  B 1 10 ? 4.192   -4.996  -11.337 1.00 32.50 ? 22  DG  B "C4'" 1 
ATOM   432 O  "O4'" . DG  B 1 10 ? 3.960   -3.617  -11.067 1.00 41.70 ? 22  DG  B "O4'" 1 
ATOM   433 C  "C3'" . DG  B 1 10 ? 5.092   -4.872  -12.542 1.00 29.55 ? 22  DG  B "C3'" 1 
ATOM   434 O  "O3'" . DG  B 1 10 ? 4.225   -4.745  -13.663 1.00 38.77 ? 22  DG  B "O3'" 1 
ATOM   435 C  "C2'" . DG  B 1 10 ? 5.912   -3.606  -12.230 1.00 31.18 ? 22  DG  B "C2'" 1 
ATOM   436 C  "C1'" . DG  B 1 10 ? 4.650   -2.783  -12.032 1.00 31.39 ? 22  DG  B "C1'" 1 
ATOM   437 N  N9    . DG  B 1 10 ? 4.975   -1.477  -11.522 1.00 22.02 ? 22  DG  B N9    1 
ATOM   438 C  C8    . DG  B 1 10 ? 6.193   -1.115  -10.956 1.00 17.77 ? 22  DG  B C8    1 
ATOM   439 N  N7    . DG  B 1 10 ? 6.212   0.105   -10.534 1.00 12.46 ? 22  DG  B N7    1 
ATOM   440 C  C5    . DG  B 1 10 ? 4.893   0.578   -10.779 1.00 9.99  ? 22  DG  B C5    1 
ATOM   441 C  C6    . DG  B 1 10 ? 4.260   1.807   -10.459 1.00 28.07 ? 22  DG  B C6    1 
ATOM   442 O  O6    . DG  B 1 10 ? 4.774   2.799   -9.929  1.00 38.00 ? 22  DG  B O6    1 
ATOM   443 N  N1    . DG  B 1 10 ? 2.921   1.842   -10.810 1.00 21.75 ? 22  DG  B N1    1 
ATOM   444 C  C2    . DG  B 1 10 ? 2.333   0.803   -11.464 1.00 9.46  ? 22  DG  B C2    1 
ATOM   445 N  N2    . DG  B 1 10 ? 1.025   0.984   -11.806 1.00 17.48 ? 22  DG  B N2    1 
ATOM   446 N  N3    . DG  B 1 10 ? 2.887   -0.333  -11.693 1.00 16.82 ? 22  DG  B N3    1 
ATOM   447 C  C4    . DG  B 1 10 ? 4.146   -0.411  -11.308 1.00 9.63  ? 22  DG  B C4    1 
ATOM   448 P  P     . DC  B 1 11 ? 4.364   -5.820  -14.894 1.00 36.47 ? 23  DC  B P     1 
ATOM   449 O  OP1   . DC  B 1 11 ? 4.767   -7.096  -14.268 1.00 33.30 ? 23  DC  B OP1   1 
ATOM   450 O  OP2   . DC  B 1 11 ? 5.522   -5.300  -15.685 1.00 38.43 ? 23  DC  B OP2   1 
ATOM   451 O  "O5'" . DC  B 1 11 ? 2.947   -5.562  -15.529 1.00 24.35 ? 23  DC  B "O5'" 1 
ATOM   452 C  "C5'" . DC  B 1 11 ? 2.763   -4.777  -16.689 1.00 47.62 ? 23  DC  B "C5'" 1 
ATOM   453 C  "C4'" . DC  B 1 11 ? 1.485   -3.960  -16.492 1.00 25.08 ? 23  DC  B "C4'" 1 
ATOM   454 O  "O4'" . DC  B 1 11 ? 1.627   -3.147  -15.361 1.00 40.78 ? 23  DC  B "O4'" 1 
ATOM   455 C  "C3'" . DC  B 1 11 ? 1.259   -3.069  -17.688 1.00 37.14 ? 23  DC  B "C3'" 1 
ATOM   456 O  "O3'" . DC  B 1 11 ? 0.367   -3.693  -18.655 1.00 48.33 ? 23  DC  B "O3'" 1 
ATOM   457 C  "C2'" . DC  B 1 11 ? 0.731   -1.756  -17.107 1.00 32.66 ? 23  DC  B "C2'" 1 
ATOM   458 C  "C1'" . DC  B 1 11 ? 1.250   -1.771  -15.717 1.00 34.48 ? 23  DC  B "C1'" 1 
ATOM   459 N  N1    . DC  B 1 11 ? 2.515   -1.047  -15.413 1.00 32.55 ? 23  DC  B N1    1 
ATOM   460 C  C2    . DC  B 1 11 ? 2.383   0.326   -15.176 1.00 18.35 ? 23  DC  B C2    1 
ATOM   461 O  O2    . DC  B 1 11 ? 1.296   0.920   -15.378 1.00 25.93 ? 23  DC  B O2    1 
ATOM   462 N  N3    . DC  B 1 11 ? 3.485   0.962   -14.778 1.00 21.41 ? 23  DC  B N3    1 
ATOM   463 C  C4    . DC  B 1 11 ? 4.687   0.362   -14.646 1.00 24.61 ? 23  DC  B C4    1 
ATOM   464 N  N4    . DC  B 1 11 ? 5.669   1.177   -14.212 1.00 20.78 ? 23  DC  B N4    1 
ATOM   465 C  C5    . DC  B 1 11 ? 4.850   -1.069  -14.873 1.00 24.22 ? 23  DC  B C5    1 
ATOM   466 C  C6    . DC  B 1 11 ? 3.697   -1.720  -15.240 1.00 9.98  ? 23  DC  B C6    1 
ATOM   467 P  P     . DG  B 1 12 ? 0.711   -3.659  -20.228 1.00 40.98 ? 24  DG  B P     1 
ATOM   468 O  OP1   . DG  B 1 12 ? 0.441   -4.912  -20.924 1.00 49.27 ? 24  DG  B OP1   1 
ATOM   469 O  OP2   . DG  B 1 12 ? 2.216   -3.420  -20.315 1.00 39.99 ? 24  DG  B OP2   1 
ATOM   470 O  "O5'" . DG  B 1 12 ? -0.051  -2.329  -20.736 1.00 22.71 ? 24  DG  B "O5'" 1 
ATOM   471 C  "C5'" . DG  B 1 12 ? -1.029  -1.786  -19.793 1.00 22.44 ? 24  DG  B "C5'" 1 
ATOM   472 C  "C4'" . DG  B 1 12 ? -0.998  -0.271  -20.124 1.00 42.80 ? 24  DG  B "C4'" 1 
ATOM   473 O  "O4'" . DG  B 1 12 ? -0.260  0.253   -19.041 1.00 38.82 ? 24  DG  B "O4'" 1 
ATOM   474 C  "C3'" . DG  B 1 12 ? -0.300  0.219   -21.375 1.00 32.73 ? 24  DG  B "C3'" 1 
ATOM   475 O  "O3'" . DG  B 1 12 ? -0.967  0.523   -22.589 1.00 28.96 ? 24  DG  B "O3'" 1 
ATOM   476 C  "C2'" . DG  B 1 12 ? 0.192   1.640   -20.947 1.00 38.84 ? 24  DG  B "C2'" 1 
ATOM   477 C  "C1'" . DG  B 1 12 ? 0.485   1.459   -19.489 1.00 42.20 ? 24  DG  B "C1'" 1 
ATOM   478 N  N9    . DG  B 1 12 ? 1.933   1.341   -19.104 1.00 17.04 ? 24  DG  B N9    1 
ATOM   479 C  C8    . DG  B 1 12 ? 2.801   0.337   -19.162 1.00 14.59 ? 24  DG  B C8    1 
ATOM   480 N  N7    . DG  B 1 12 ? 3.953   0.543   -18.671 1.00 16.93 ? 24  DG  B N7    1 
ATOM   481 C  C5    . DG  B 1 12 ? 3.827   1.845   -18.170 1.00 30.82 ? 24  DG  B C5    1 
ATOM   482 C  C6    . DG  B 1 12 ? 4.720   2.683   -17.403 1.00 14.39 ? 24  DG  B C6    1 
ATOM   483 O  O6    . DG  B 1 12 ? 5.843   2.356   -17.153 1.00 24.05 ? 24  DG  B O6    1 
ATOM   484 N  N1    . DG  B 1 12 ? 4.195   3.877   -17.078 1.00 11.18 ? 24  DG  B N1    1 
ATOM   485 C  C2    . DG  B 1 12 ? 2.953   4.276   -17.377 1.00 25.39 ? 24  DG  B C2    1 
ATOM   486 N  N2    . DG  B 1 12 ? 2.500   5.474   -16.959 1.00 19.09 ? 24  DG  B N2    1 
ATOM   487 N  N3    . DG  B 1 12 ? 2.057   3.555   -18.087 1.00 26.76 ? 24  DG  B N3    1 
ATOM   488 C  C4    . DG  B 1 12 ? 2.571   2.330   -18.424 1.00 22.02 ? 24  DG  B C4    1 
HETATM 489 MG MG    . MG  C 2 .  ? 7.959   5.396   -10.075 1.00 32.75 ? 26  MG  A MG    1 
HETATM 490 O  O1    . HT  D 3 .  ? 1.838   -6.067  -8.347  1.00 77.29 ? 25  HT  B O1    1 
HETATM 491 C  C1    . HT  D 3 .  ? 2.263   -5.885  -7.168  1.00 82.97 ? 25  HT  B C1    1 
HETATM 492 C  C4    . HT  D 3 .  ? 3.155   -5.451  -4.569  1.00 42.05 ? 25  HT  B C4    1 
HETATM 493 C  C2    . HT  D 3 .  ? 1.891   -4.671  -6.497  1.00 70.86 ? 25  HT  B C2    1 
HETATM 494 C  C3    . HT  D 3 .  ? 2.358   -4.509  -5.202  1.00 44.90 ? 25  HT  B C3    1 
HETATM 495 C  C6    . HT  D 3 .  ? 3.078   -6.839  -6.543  1.00 69.97 ? 25  HT  B C6    1 
HETATM 496 C  C5    . HT  D 3 .  ? 3.557   -6.631  -5.256  1.00 46.78 ? 25  HT  B C5    1 
HETATM 497 C  C7    . HT  D 3 .  ? 3.672   -5.202  -3.297  1.00 48.16 ? 25  HT  B C7    1 
HETATM 498 N  N1    . HT  D 3 .  ? 3.410   -4.083  -2.477  1.00 41.43 ? 25  HT  B N1    1 
HETATM 499 C  C8    . HT  D 3 .  ? 4.216   -4.185  -1.330  1.00 35.58 ? 25  HT  B C8    1 
HETATM 500 C  C9    . HT  D 3 .  ? 5.105   -5.351  -1.479  1.00 52.43 ? 25  HT  B C9    1 
HETATM 501 N  N2    . HT  D 3 .  ? 4.662   -5.933  -2.692  1.00 43.51 ? 25  HT  B N2    1 
HETATM 502 C  C10   . HT  D 3 .  ? 6.025   -5.615  -0.450  1.00 51.60 ? 25  HT  B C10   1 
HETATM 503 C  C11   . HT  D 3 .  ? 6.027   -4.822  0.696   1.00 51.30 ? 25  HT  B C11   1 
HETATM 504 C  C12   . HT  D 3 .  ? 5.206   -3.688  0.787   1.00 46.80 ? 25  HT  B C12   1 
HETATM 505 C  C13   . HT  D 3 .  ? 4.270   -3.365  -0.255  1.00 38.80 ? 25  HT  B C13   1 
HETATM 506 C  C14   . HT  D 3 .  ? 5.241   -2.825  1.815   1.00 45.52 ? 25  HT  B C14   1 
HETATM 507 N  N3    . HT  D 3 .  ? 4.205   -1.966  2.215   1.00 62.74 ? 25  HT  B N3    1 
HETATM 508 C  C15   . HT  D 3 .  ? 4.626   -1.263  3.337   1.00 58.63 ? 25  HT  B C15   1 
HETATM 509 C  C16   . HT  D 3 .  ? 5.999   -1.660  3.595   1.00 55.35 ? 25  HT  B C16   1 
HETATM 510 N  N4    . HT  D 3 .  ? 6.360   -2.554  2.653   1.00 51.31 ? 25  HT  B N4    1 
HETATM 511 C  C17   . HT  D 3 .  ? 6.675   -1.111  4.591   1.00 64.39 ? 25  HT  B C17   1 
HETATM 512 C  C18   . HT  D 3 .  ? 6.057   -0.105  5.402   1.00 63.76 ? 25  HT  B C18   1 
HETATM 513 C  C19   . HT  D 3 .  ? 4.724   0.265   5.161   1.00 69.13 ? 25  HT  B C19   1 
HETATM 514 C  C20   . HT  D 3 .  ? 4.002   -0.343  4.092   1.00 61.40 ? 25  HT  B C20   1 
HETATM 515 N  N5    . HT  D 3 .  ? 4.106   1.163   5.945   1.00 57.27 ? 25  HT  B N5    1 
HETATM 516 C  C21   . HT  D 3 .  ? 4.774   1.456   7.191   1.00 49.69 ? 25  HT  B C21   1 
HETATM 517 C  C22   . HT  D 3 .  ? 4.219   2.704   7.684   1.00 72.74 ? 25  HT  B C22   1 
HETATM 518 N  N6    . HT  D 3 .  ? 2.838   2.530   7.935   1.00 79.05 ? 25  HT  B N6    1 
HETATM 519 C  C23   . HT  D 3 .  ? 2.062   1.712   7.144   1.00 73.16 ? 25  HT  B C23   1 
HETATM 520 C  C24   . HT  D 3 .  ? 2.683   0.927   6.153   1.00 73.15 ? 25  HT  B C24   1 
HETATM 521 C  C25   . HT  D 3 .  ? 2.645   2.313   9.300   1.00 78.33 ? 25  HT  B C25   1 
HETATM 522 O  O     . HOH E 4 .  ? -5.107  -4.853  3.772   1.00 25.03 ? 29  HOH A O     1 
HETATM 523 O  O     . HOH E 4 .  ? -2.726  -8.232  -0.228  1.00 26.48 ? 31  HOH A O     1 
HETATM 524 O  O     . HOH E 4 .  ? -11.001 3.193   -8.219  1.00 27.41 ? 32  HOH A O     1 
HETATM 525 O  O     . HOH E 4 .  ? 7.585   13.346  -12.291 1.00 28.65 ? 33  HOH A O     1 
HETATM 526 O  O     . HOH E 4 .  ? -7.952  -4.025  -0.434  1.00 29.69 ? 34  HOH A O     1 
HETATM 527 O  O     . HOH E 4 .  ? -5.964  11.802  -11.234 1.00 30.73 ? 36  HOH A O     1 
HETATM 528 O  O     . HOH E 4 .  ? 9.050   2.644   -12.641 1.00 31.21 ? 37  HOH A O     1 
HETATM 529 O  O     . HOH E 4 .  ? 3.967   9.475   -10.660 1.00 31.95 ? 40  HOH A O     1 
HETATM 530 O  O     . HOH E 4 .  ? 8.764   7.906   -17.617 1.00 32.54 ? 42  HOH A O     1 
HETATM 531 O  O     . HOH E 4 .  ? -2.860  -7.071  -10.268 1.00 33.53 ? 44  HOH A O     1 
HETATM 532 O  O     . HOH E 4 .  ? 6.404   9.963   -10.302 1.00 33.75 ? 45  HOH A O     1 
HETATM 533 O  O     . HOH E 4 .  ? 15.308  -2.676  9.037   1.00 35.25 ? 47  HOH A O     1 
HETATM 534 O  O     . HOH E 4 .  ? 1.471   14.445  -11.617 1.00 35.27 ? 48  HOH A O     1 
HETATM 535 O  O     . HOH E 4 .  ? -5.001  -6.235  -3.083  1.00 37.39 ? 52  HOH A O     1 
HETATM 536 O  O     . HOH E 4 .  ? 3.833   6.880   14.475  1.00 39.44 ? 56  HOH A O     1 
HETATM 537 O  O     . HOH E 4 .  ? -0.821  2.380   12.223  1.00 39.47 ? 57  HOH A O     1 
HETATM 538 O  O     . HOH E 4 .  ? -2.482  6.559   19.773  1.00 40.41 ? 60  HOH A O     1 
HETATM 539 O  O     . HOH E 4 .  ? -7.831  -8.867  4.320   1.00 42.69 ? 66  HOH A O     1 
HETATM 540 O  O     . HOH E 4 .  ? 6.481   -10.036 5.476   1.00 43.08 ? 67  HOH A O     1 
HETATM 541 O  O     . HOH E 4 .  ? 9.745   -2.113  7.248   1.00 43.41 ? 68  HOH A O     1 
HETATM 542 O  O     . HOH E 4 .  ? 9.521   -2.202  10.800  1.00 44.07 ? 69  HOH A O     1 
HETATM 543 O  O     . HOH E 4 .  ? -5.940  4.505   -4.908  1.00 45.79 ? 71  HOH A O     1 
HETATM 544 O  O     . HOH E 4 .  ? -6.213  -7.004  1.257   1.00 47.00 ? 73  HOH A O     1 
HETATM 545 O  O     . HOH E 4 .  ? 6.384   -9.586  0.409   1.00 48.84 ? 75  HOH A O     1 
HETATM 546 O  O     . HOH E 4 .  ? -4.736  -8.043  -1.572  1.00 52.05 ? 85  HOH A O     1 
HETATM 547 O  O     . HOH E 4 .  ? -3.157  14.701  -6.381  1.00 54.02 ? 86  HOH A O     1 
HETATM 548 O  O     . HOH E 4 .  ? 2.806   -5.223  11.491  1.00 54.97 ? 88  HOH A O     1 
HETATM 549 O  O     . HOH E 4 .  ? 6.159   -12.987 0.131   1.00 54.98 ? 89  HOH A O     1 
HETATM 550 O  O     . HOH E 4 .  ? 2.496   12.459  -4.882  1.00 55.24 ? 90  HOH A O     1 
HETATM 551 O  O     . HOH E 4 .  ? 3.045   6.020   -7.409  1.00 55.55 ? 91  HOH A O     1 
HETATM 552 O  O     . HOH E 4 .  ? -1.933  1.029   20.459  1.00 56.32 ? 93  HOH A O     1 
HETATM 553 O  O     . HOH E 4 .  ? -9.882  1.448   -6.656  1.00 57.27 ? 94  HOH A O     1 
HETATM 554 O  O     . HOH E 4 .  ? -11.595 -2.630  -10.277 1.00 57.51 ? 96  HOH A O     1 
HETATM 555 O  O     . HOH E 4 .  ? 2.040   0.693   20.321  1.00 59.36 ? 99  HOH A O     1 
HETATM 556 O  O     . HOH E 4 .  ? -9.697  0.464   -11.109 1.00 61.37 ? 106 HOH A O     1 
HETATM 557 O  O     . HOH E 4 .  ? 12.189  -5.059  7.271   1.00 61.80 ? 108 HOH A O     1 
HETATM 558 O  O     . HOH E 4 .  ? 3.932   8.019   -6.014  1.00 64.43 ? 113 HOH A O     1 
HETATM 559 O  O     . HOH E 4 .  ? -4.169  1.851   -2.232  1.00 68.30 ? 115 HOH A O     1 
HETATM 560 O  O     . HOH E 4 .  ? 6.541   6.721   -10.645 1.00 35.39 ? 116 HOH A O     1 
HETATM 561 O  O     . HOH E 4 .  ? 7.410   4.182   -11.645 1.00 23.31 ? 120 HOH A O     1 
HETATM 562 O  O     . HOH F 4 .  ? -5.913  -6.826  7.925   1.00 23.00 ? 27  HOH B O     1 
HETATM 563 O  O     . HOH F 4 .  ? -7.330  -8.223  10.856  1.00 23.37 ? 28  HOH B O     1 
HETATM 564 O  O     . HOH F 4 .  ? 2.956   7.782   -0.888  1.00 26.45 ? 30  HOH B O     1 
HETATM 565 O  O     . HOH F 4 .  ? -6.592  -3.859  5.434   1.00 30.39 ? 35  HOH B O     1 
HETATM 566 O  O     . HOH F 4 .  ? 5.850   -9.688  -16.793 1.00 31.89 ? 38  HOH B O     1 
HETATM 567 O  O     . HOH F 4 .  ? 7.731   1.828   -8.995  1.00 31.92 ? 39  HOH B O     1 
HETATM 568 O  O     . HOH F 4 .  ? 4.424   6.354   0.390   1.00 31.98 ? 41  HOH B O     1 
HETATM 569 O  O     . HOH F 4 .  ? -7.058  -7.847  20.000  1.00 33.01 ? 43  HOH B O     1 
HETATM 570 O  O     . HOH F 4 .  ? -2.608  -4.918  -22.604 1.00 34.08 ? 46  HOH B O     1 
HETATM 571 O  O     . HOH F 4 .  ? 4.792   8.466   -3.010  1.00 35.91 ? 49  HOH B O     1 
HETATM 572 O  O     . HOH F 4 .  ? 0.950   11.419  4.415   1.00 36.51 ? 50  HOH B O     1 
HETATM 573 O  O     . HOH F 4 .  ? 8.942   -3.072  -10.591 1.00 37.27 ? 51  HOH B O     1 
HETATM 574 O  O     . HOH F 4 .  ? 7.272   -8.254  -12.196 1.00 37.90 ? 53  HOH B O     1 
HETATM 575 O  O     . HOH F 4 .  ? 9.338   -9.604  -9.347  1.00 39.03 ? 54  HOH B O     1 
HETATM 576 O  O     . HOH F 4 .  ? 7.724   5.250   -4.299  1.00 39.15 ? 55  HOH B O     1 
HETATM 577 O  O     . HOH F 4 .  ? 5.083   5.108   -6.540  1.00 39.49 ? 58  HOH B O     1 
HETATM 578 O  O     . HOH F 4 .  ? 9.617   4.602   4.764   1.00 39.65 ? 59  HOH B O     1 
HETATM 579 O  O     . HOH F 4 .  ? 11.279  4.128   1.527   1.00 40.54 ? 61  HOH B O     1 
HETATM 580 O  O     . HOH F 4 .  ? -14.274 -7.851  11.218  1.00 40.66 ? 62  HOH B O     1 
HETATM 581 O  O     . HOH F 4 .  ? 0.046   7.279   2.842   1.00 41.24 ? 63  HOH B O     1 
HETATM 582 O  O     . HOH F 4 .  ? -14.975 -3.880  8.029   1.00 41.51 ? 64  HOH B O     1 
HETATM 583 O  O     . HOH F 4 .  ? 6.476   -10.221 -7.862  1.00 42.59 ? 65  HOH B O     1 
HETATM 584 O  O     . HOH F 4 .  ? 5.219   -9.725  -10.260 1.00 45.34 ? 70  HOH B O     1 
HETATM 585 O  O     . HOH F 4 .  ? -12.102 -8.668  9.578   1.00 45.98 ? 72  HOH B O     1 
HETATM 586 O  O     . HOH F 4 .  ? 8.076   1.778   6.576   1.00 47.37 ? 74  HOH B O     1 
HETATM 587 O  O     . HOH F 4 .  ? 10.557  1.423   -3.455  1.00 49.41 ? 76  HOH B O     1 
HETATM 588 O  O     . HOH F 4 .  ? -11.058 -14.675 14.808  1.00 49.45 ? 77  HOH B O     1 
HETATM 589 O  O     . HOH F 4 .  ? -5.457  -11.577 14.564  1.00 49.57 ? 78  HOH B O     1 
HETATM 590 O  O     . HOH F 4 .  ? 0.684   -2.681  -13.216 1.00 49.77 ? 79  HOH B O     1 
HETATM 591 O  O     . HOH F 4 .  ? 1.874   5.487   -3.355  1.00 50.36 ? 80  HOH B O     1 
HETATM 592 O  O     . HOH F 4 .  ? -3.215  -12.215 11.752  1.00 50.72 ? 81  HOH B O     1 
HETATM 593 O  O     . HOH F 4 .  ? -10.894 -12.543 12.256  1.00 50.81 ? 82  HOH B O     1 
HETATM 594 O  O     . HOH F 4 .  ? -13.449 5.625   7.843   1.00 51.24 ? 83  HOH B O     1 
HETATM 595 O  O     . HOH F 4 .  ? 3.888   -2.637  -19.205 1.00 51.29 ? 84  HOH B O     1 
HETATM 596 O  O     . HOH F 4 .  ? -12.425 -10.300 15.661  1.00 54.36 ? 87  HOH B O     1 
HETATM 597 O  O     . HOH F 4 .  ? -11.346 5.418   -0.925  1.00 56.28 ? 92  HOH B O     1 
HETATM 598 O  O     . HOH F 4 .  ? 12.265  1.028   4.664   1.00 57.31 ? 95  HOH B O     1 
HETATM 599 O  O     . HOH F 4 .  ? 7.172   -7.173  -14.202 1.00 58.08 ? 97  HOH B O     1 
HETATM 600 O  O     . HOH F 4 .  ? 10.219  -2.536  0.570   1.00 59.05 ? 98  HOH B O     1 
HETATM 601 O  O     . HOH F 4 .  ? -5.517  8.770   -1.361  1.00 59.66 ? 100 HOH B O     1 
HETATM 602 O  O     . HOH F 4 .  ? 7.486   9.699   5.103   1.00 59.80 ? 101 HOH B O     1 
HETATM 603 O  O     . HOH F 4 .  ? 8.310   4.830   7.403   1.00 59.97 ? 102 HOH B O     1 
HETATM 604 O  O     . HOH F 4 .  ? -4.123  -7.648  12.594  1.00 60.71 ? 103 HOH B O     1 
HETATM 605 O  O     . HOH F 4 .  ? 8.749   0.312   -14.023 1.00 60.72 ? 104 HOH B O     1 
HETATM 606 O  O     . HOH F 4 .  ? 2.205   -6.670  -22.047 1.00 60.96 ? 105 HOH B O     1 
HETATM 607 O  O     . HOH F 4 .  ? 0.792   6.906   -5.398  1.00 61.61 ? 107 HOH B O     1 
HETATM 608 O  O     . HOH F 4 .  ? 13.051  -6.660  -0.430  1.00 62.26 ? 109 HOH B O     1 
HETATM 609 O  O     . HOH F 4 .  ? 0.179   -6.113  -14.382 1.00 63.93 ? 110 HOH B O     1 
HETATM 610 O  O     . HOH F 4 .  ? 12.400  3.378   5.893   1.00 63.97 ? 111 HOH B O     1 
HETATM 611 O  O     . HOH F 4 .  ? 0.028   -4.790  -10.159 1.00 63.98 ? 112 HOH B O     1 
HETATM 612 O  O     . HOH F 4 .  ? 6.062   -8.579  -5.756  1.00 64.86 ? 114 HOH B O     1 
HETATM 613 O  O     . HOH F 4 .  ? 9.341   4.176   -9.440  1.00 32.43 ? 117 HOH B O     1 
HETATM 614 O  O     . HOH F 4 .  ? 6.589   4.405   -8.982  1.00 60.96 ? 118 HOH B O     1 
HETATM 615 O  O     . HOH F 4 .  ? 9.336   6.412   -11.143 1.00 34.89 ? 119 HOH B O     1 
HETATM 616 O  O     . HOH F 4 .  ? 8.412   6.579   -8.530  1.00 41.50 ? 121 HOH B O     1 
# 
